data_8G9C
# 
_entry.id   8G9C 
# 
_audit_conform.dict_name       mmcif_pdbx.dic 
_audit_conform.dict_version    5.383 
_audit_conform.dict_location   http://mmcif.pdb.org/dictionaries/ascii/mmcif_pdbx.dic 
# 
loop_
_database_2.database_id 
_database_2.database_code 
_database_2.pdbx_database_accession 
_database_2.pdbx_DOI 
PDB   8G9C         pdb_00008g9c 10.2210/pdb8g9c/pdb 
WWPDB D_1000270237 ?            ?                   
# 
_pdbx_audit_revision_history.ordinal             1 
_pdbx_audit_revision_history.data_content_type   'Structure model' 
_pdbx_audit_revision_history.major_revision      1 
_pdbx_audit_revision_history.minor_revision      0 
_pdbx_audit_revision_history.revision_date       2024-01-03 
# 
_pdbx_audit_revision_details.ordinal             1 
_pdbx_audit_revision_details.revision_ordinal    1 
_pdbx_audit_revision_details.data_content_type   'Structure model' 
_pdbx_audit_revision_details.provider            repository 
_pdbx_audit_revision_details.type                'Initial release' 
_pdbx_audit_revision_details.description         ? 
_pdbx_audit_revision_details.details             ? 
# 
_pdbx_database_status.status_code                     REL 
_pdbx_database_status.status_code_sf                  REL 
_pdbx_database_status.status_code_mr                  ? 
_pdbx_database_status.entry_id                        8G9C 
_pdbx_database_status.recvd_initial_deposition_date   2023-02-21 
_pdbx_database_status.SG_entry                        N 
_pdbx_database_status.deposit_site                    RCSB 
_pdbx_database_status.process_site                    RCSB 
_pdbx_database_status.status_code_cs                  ? 
_pdbx_database_status.status_code_nmr_data            ? 
_pdbx_database_status.methods_development_category    ? 
_pdbx_database_status.pdb_format_compatible           Y 
# 
loop_
_pdbx_contact_author.id 
_pdbx_contact_author.email 
_pdbx_contact_author.name_first 
_pdbx_contact_author.name_last 
_pdbx_contact_author.name_mi 
_pdbx_contact_author.role 
_pdbx_contact_author.identifier_ORCID 
2 huanchen.wang@nih.gov Huanchen Wang   ? 'principal investigator/group leader' 0000-0003-2701-7155 
3 shears@niehs.nih.gov  Stephen  Shears B 'principal investigator/group leader' 0000-0001-7309-8916 
# 
loop_
_audit_author.name 
_audit_author.pdbx_ordinal 
_audit_author.identifier_ORCID 
'Zong, G.'   1 0000-0001-6019-5741 
'Wang, H.'   2 0000-0003-2701-7155 
'Shears, S.' 3 0000-0001-7309-8916 
# 
_citation.abstract                  ? 
_citation.abstract_id_CAS           ? 
_citation.book_id_ISBN              ? 
_citation.book_publisher            ? 
_citation.book_publisher_city       ? 
_citation.book_title                ? 
_citation.coordinate_linkage        ? 
_citation.country                   GE 
_citation.database_id_Medline       ? 
_citation.details                   ? 
_citation.id                        primary 
_citation.journal_abbrev            Chemistry 
_citation.journal_id_ASTM           ? 
_citation.journal_id_CSD            ? 
_citation.journal_id_ISSN           0947-6539 
_citation.journal_full              ? 
_citation.journal_issue             ? 
_citation.journal_volume            29 
_citation.language                  ? 
_citation.page_first                e202302426 
_citation.page_last                 e202302426 
_citation.title                     'Fluorination Influences the Bioisostery of Myo-Inositol Pyrophosphate Analogs.' 
_citation.year                      2023 
_citation.database_id_CSD           ? 
_citation.pdbx_database_id_DOI      10.1002/chem.202302426 
_citation.pdbx_database_id_PubMed   37773020 
_citation.pdbx_database_id_patent   ? 
_citation.unpublished_flag          ? 
# 
loop_
_citation_author.citation_id 
_citation_author.name 
_citation_author.ordinal 
_citation_author.identifier_ORCID 
primary 'Hostachy, S.'   1 0000-0003-1867-9763 
primary 'Wang, H.'       2 ?                   
primary 'Zong, G.'       3 ?                   
primary 'Franke, K.'     4 ?                   
primary 'Riley, A.M.'    5 ?                   
primary 'Schmieder, P.'  6 0000-0001-9968-9327 
primary 'Potter, B.V.L.' 7 ?                   
primary 'Shears, S.B.'   8 ?                   
primary 'Fiedler, D.'    9 0000-0002-0798-946X 
# 
loop_
_entity.id 
_entity.type 
_entity.src_method 
_entity.pdbx_description 
_entity.formula_weight 
_entity.pdbx_number_of_molecules 
_entity.pdbx_ec 
_entity.pdbx_mutation 
_entity.pdbx_fragment 
_entity.details 
1 polymer     man 'Diphosphoinositol polyphosphate phosphohydrolase 1' 19496.975 1   3.6.1.52,3.6.1.- ? ? ? 
2 non-polymer syn 
'{difluoro[(R)-hydroxy{[(1s,2R,3S,4S,5R,6S)-2,3,4,5,6-pentakis(phosphonooxy)cyclohexyl]oxy}phosphoryl]methyl}phosphonic acid' 
774.023   1   ?                ? ? ? 
3 non-polymer syn 'MAGNESIUM ION' 24.305    4   ?                ? ? ? 
4 non-polymer syn 'CHLORIDE ION' 35.453    2   ?                ? ? ? 
5 non-polymer syn 'FLUORIDE ION' 18.998    1   ?                ? ? ? 
6 water       nat water 18.015    111 ?                ? ? ? 
# 
_entity_name_com.entity_id   1 
_entity_name_com.name        
;DIPP-1,Diadenosine 5',5'''-P1,P6-hexaphosphate hydrolase 1,Nucleoside diphosphate-linked moiety X motif 3,Nudix motif 3
;
# 
_entity_poly.entity_id                      1 
_entity_poly.type                           'polypeptide(L)' 
_entity_poly.nstd_linkage                   no 
_entity_poly.nstd_monomer                   no 
_entity_poly.pdbx_seq_one_letter_code       
;MMKLKSNQTRTYDGDGYKKRAACLCFRSESEEEVLLVSSSRHPDRWIVPGGGMEPEEEPSVAAVREVCEEAGVKGTLGRL
VGIFENQERKHRTYVYVLIVTEVLEDWEDSVNIGRKREWFKIEDAIKVLQYHKPVQASYFETLRQGYSANNGTPVVATTY
SVSAQSSMSGIR
;
_entity_poly.pdbx_seq_one_letter_code_can   
;MMKLKSNQTRTYDGDGYKKRAACLCFRSESEEEVLLVSSSRHPDRWIVPGGGMEPEEEPSVAAVREVCEEAGVKGTLGRL
VGIFENQERKHRTYVYVLIVTEVLEDWEDSVNIGRKREWFKIEDAIKVLQYHKPVQASYFETLRQGYSANNGTPVVATTY
SVSAQSSMSGIR
;
_entity_poly.pdbx_strand_id                 A 
_entity_poly.pdbx_target_identifier         ? 
# 
loop_
_pdbx_entity_nonpoly.entity_id 
_pdbx_entity_nonpoly.name 
_pdbx_entity_nonpoly.comp_id 
2 '{difluoro[(R)-hydroxy{[(1s,2R,3S,4S,5R,6S)-2,3,4,5,6-pentakis(phosphonooxy)cyclohexyl]oxy}phosphoryl]methyl}phosphonic acid' 
YUT 
3 'MAGNESIUM ION'                                                                                                               MG 
4 'CHLORIDE ION'                                                                                                                CL 
5 'FLUORIDE ION'                                                                                                                F 
6 water                                                                                                                         
HOH 
# 
loop_
_entity_poly_seq.entity_id 
_entity_poly_seq.num 
_entity_poly_seq.mon_id 
_entity_poly_seq.hetero 
1 1   MET n 
1 2   MET n 
1 3   LYS n 
1 4   LEU n 
1 5   LYS n 
1 6   SER n 
1 7   ASN n 
1 8   GLN n 
1 9   THR n 
1 10  ARG n 
1 11  THR n 
1 12  TYR n 
1 13  ASP n 
1 14  GLY n 
1 15  ASP n 
1 16  GLY n 
1 17  TYR n 
1 18  LYS n 
1 19  LYS n 
1 20  ARG n 
1 21  ALA n 
1 22  ALA n 
1 23  CYS n 
1 24  LEU n 
1 25  CYS n 
1 26  PHE n 
1 27  ARG n 
1 28  SER n 
1 29  GLU n 
1 30  SER n 
1 31  GLU n 
1 32  GLU n 
1 33  GLU n 
1 34  VAL n 
1 35  LEU n 
1 36  LEU n 
1 37  VAL n 
1 38  SER n 
1 39  SER n 
1 40  SER n 
1 41  ARG n 
1 42  HIS n 
1 43  PRO n 
1 44  ASP n 
1 45  ARG n 
1 46  TRP n 
1 47  ILE n 
1 48  VAL n 
1 49  PRO n 
1 50  GLY n 
1 51  GLY n 
1 52  GLY n 
1 53  MET n 
1 54  GLU n 
1 55  PRO n 
1 56  GLU n 
1 57  GLU n 
1 58  GLU n 
1 59  PRO n 
1 60  SER n 
1 61  VAL n 
1 62  ALA n 
1 63  ALA n 
1 64  VAL n 
1 65  ARG n 
1 66  GLU n 
1 67  VAL n 
1 68  CYS n 
1 69  GLU n 
1 70  GLU n 
1 71  ALA n 
1 72  GLY n 
1 73  VAL n 
1 74  LYS n 
1 75  GLY n 
1 76  THR n 
1 77  LEU n 
1 78  GLY n 
1 79  ARG n 
1 80  LEU n 
1 81  VAL n 
1 82  GLY n 
1 83  ILE n 
1 84  PHE n 
1 85  GLU n 
1 86  ASN n 
1 87  GLN n 
1 88  GLU n 
1 89  ARG n 
1 90  LYS n 
1 91  HIS n 
1 92  ARG n 
1 93  THR n 
1 94  TYR n 
1 95  VAL n 
1 96  TYR n 
1 97  VAL n 
1 98  LEU n 
1 99  ILE n 
1 100 VAL n 
1 101 THR n 
1 102 GLU n 
1 103 VAL n 
1 104 LEU n 
1 105 GLU n 
1 106 ASP n 
1 107 TRP n 
1 108 GLU n 
1 109 ASP n 
1 110 SER n 
1 111 VAL n 
1 112 ASN n 
1 113 ILE n 
1 114 GLY n 
1 115 ARG n 
1 116 LYS n 
1 117 ARG n 
1 118 GLU n 
1 119 TRP n 
1 120 PHE n 
1 121 LYS n 
1 122 ILE n 
1 123 GLU n 
1 124 ASP n 
1 125 ALA n 
1 126 ILE n 
1 127 LYS n 
1 128 VAL n 
1 129 LEU n 
1 130 GLN n 
1 131 TYR n 
1 132 HIS n 
1 133 LYS n 
1 134 PRO n 
1 135 VAL n 
1 136 GLN n 
1 137 ALA n 
1 138 SER n 
1 139 TYR n 
1 140 PHE n 
1 141 GLU n 
1 142 THR n 
1 143 LEU n 
1 144 ARG n 
1 145 GLN n 
1 146 GLY n 
1 147 TYR n 
1 148 SER n 
1 149 ALA n 
1 150 ASN n 
1 151 ASN n 
1 152 GLY n 
1 153 THR n 
1 154 PRO n 
1 155 VAL n 
1 156 VAL n 
1 157 ALA n 
1 158 THR n 
1 159 THR n 
1 160 TYR n 
1 161 SER n 
1 162 VAL n 
1 163 SER n 
1 164 ALA n 
1 165 GLN n 
1 166 SER n 
1 167 SER n 
1 168 MET n 
1 169 SER n 
1 170 GLY n 
1 171 ILE n 
1 172 ARG n 
# 
_entity_src_gen.entity_id                          1 
_entity_src_gen.pdbx_src_id                        1 
_entity_src_gen.pdbx_alt_source_flag               sample 
_entity_src_gen.pdbx_seq_type                      'Biological sequence' 
_entity_src_gen.pdbx_beg_seq_num                   1 
_entity_src_gen.pdbx_end_seq_num                   172 
_entity_src_gen.gene_src_common_name               human 
_entity_src_gen.gene_src_genus                     ? 
_entity_src_gen.pdbx_gene_src_gene                 'NUDT3, DIPP, DIPP1' 
_entity_src_gen.gene_src_species                   ? 
_entity_src_gen.gene_src_strain                    ? 
_entity_src_gen.gene_src_tissue                    ? 
_entity_src_gen.gene_src_tissue_fraction           ? 
_entity_src_gen.gene_src_details                   ? 
_entity_src_gen.pdbx_gene_src_fragment             ? 
_entity_src_gen.pdbx_gene_src_scientific_name      'Homo sapiens' 
_entity_src_gen.pdbx_gene_src_ncbi_taxonomy_id     9606 
_entity_src_gen.pdbx_gene_src_variant              ? 
_entity_src_gen.pdbx_gene_src_cell_line            ? 
_entity_src_gen.pdbx_gene_src_atcc                 ? 
_entity_src_gen.pdbx_gene_src_organ                ? 
_entity_src_gen.pdbx_gene_src_organelle            ? 
_entity_src_gen.pdbx_gene_src_cell                 ? 
_entity_src_gen.pdbx_gene_src_cellular_location    ? 
_entity_src_gen.host_org_common_name               ? 
_entity_src_gen.pdbx_host_org_scientific_name      'Escherichia coli' 
_entity_src_gen.pdbx_host_org_ncbi_taxonomy_id     562 
_entity_src_gen.host_org_genus                     ? 
_entity_src_gen.pdbx_host_org_gene                 ? 
_entity_src_gen.pdbx_host_org_organ                ? 
_entity_src_gen.host_org_species                   ? 
_entity_src_gen.pdbx_host_org_tissue               ? 
_entity_src_gen.pdbx_host_org_tissue_fraction      ? 
_entity_src_gen.pdbx_host_org_strain               ? 
_entity_src_gen.pdbx_host_org_variant              ? 
_entity_src_gen.pdbx_host_org_cell_line            ? 
_entity_src_gen.pdbx_host_org_atcc                 ? 
_entity_src_gen.pdbx_host_org_culture_collection   ? 
_entity_src_gen.pdbx_host_org_cell                 ? 
_entity_src_gen.pdbx_host_org_organelle            ? 
_entity_src_gen.pdbx_host_org_cellular_location    ? 
_entity_src_gen.pdbx_host_org_vector_type          ? 
_entity_src_gen.pdbx_host_org_vector               ? 
_entity_src_gen.host_org_details                   ? 
_entity_src_gen.expression_system_id               ? 
_entity_src_gen.plasmid_name                       ? 
_entity_src_gen.plasmid_details                    ? 
_entity_src_gen.pdbx_description                   ? 
# 
loop_
_chem_comp.id 
_chem_comp.type 
_chem_comp.mon_nstd_flag 
_chem_comp.name 
_chem_comp.pdbx_synonyms 
_chem_comp.formula 
_chem_comp.formula_weight 
ALA 'L-peptide linking' y ALANINE ? 'C3 H7 N O2'       89.093  
ARG 'L-peptide linking' y ARGININE ? 'C6 H15 N4 O2 1'   175.209 
ASN 'L-peptide linking' y ASPARAGINE ? 'C4 H8 N2 O3'      132.118 
ASP 'L-peptide linking' y 'ASPARTIC ACID' ? 'C4 H7 N O4'       133.103 
CL  non-polymer         . 'CHLORIDE ION' ? 'Cl -1'            35.453  
CYS 'L-peptide linking' y CYSTEINE ? 'C3 H7 N O2 S'     121.158 
F   non-polymer         . 'FLUORIDE ION' ? 'F -1'             18.998  
GLN 'L-peptide linking' y GLUTAMINE ? 'C5 H10 N2 O3'     146.144 
GLU 'L-peptide linking' y 'GLUTAMIC ACID' ? 'C5 H9 N O4'       147.129 
GLY 'peptide linking'   y GLYCINE ? 'C2 H5 N O2'       75.067  
HIS 'L-peptide linking' y HISTIDINE ? 'C6 H10 N3 O2 1'   156.162 
HOH non-polymer         . WATER ? 'H2 O'             18.015  
ILE 'L-peptide linking' y ISOLEUCINE ? 'C6 H13 N O2'      131.173 
LEU 'L-peptide linking' y LEUCINE ? 'C6 H13 N O2'      131.173 
LYS 'L-peptide linking' y LYSINE ? 'C6 H15 N2 O2 1'   147.195 
MET 'L-peptide linking' y METHIONINE ? 'C5 H11 N O2 S'    149.211 
MG  non-polymer         . 'MAGNESIUM ION' ? 'Mg 2'             24.305  
PHE 'L-peptide linking' y PHENYLALANINE ? 'C9 H11 N O2'      165.189 
PRO 'L-peptide linking' y PROLINE ? 'C5 H9 N O2'       115.130 
SER 'L-peptide linking' y SERINE ? 'C3 H7 N O3'       105.093 
THR 'L-peptide linking' y THREONINE ? 'C4 H9 N O3'       119.119 
TRP 'L-peptide linking' y TRYPTOPHAN ? 'C11 H12 N2 O2'    204.225 
TYR 'L-peptide linking' y TYROSINE ? 'C9 H11 N O3'      181.189 
VAL 'L-peptide linking' y VALINE ? 'C5 H11 N O2'      117.146 
YUT non-polymer         . 
'{difluoro[(R)-hydroxy{[(1s,2R,3S,4S,5R,6S)-2,3,4,5,6-pentakis(phosphonooxy)cyclohexyl]oxy}phosphoryl]methyl}phosphonic acid' ? 
'C7 H19 F2 O26 P7' 774.023 
# 
loop_
_pdbx_poly_seq_scheme.asym_id 
_pdbx_poly_seq_scheme.entity_id 
_pdbx_poly_seq_scheme.seq_id 
_pdbx_poly_seq_scheme.mon_id 
_pdbx_poly_seq_scheme.ndb_seq_num 
_pdbx_poly_seq_scheme.pdb_seq_num 
_pdbx_poly_seq_scheme.auth_seq_num 
_pdbx_poly_seq_scheme.pdb_mon_id 
_pdbx_poly_seq_scheme.auth_mon_id 
_pdbx_poly_seq_scheme.pdb_strand_id 
_pdbx_poly_seq_scheme.pdb_ins_code 
_pdbx_poly_seq_scheme.hetero 
A 1 1   MET 1   1   ?   ?   ?   A . n 
A 1 2   MET 2   2   ?   ?   ?   A . n 
A 1 3   LYS 3   3   ?   ?   ?   A . n 
A 1 4   LEU 4   4   ?   ?   ?   A . n 
A 1 5   LYS 5   5   ?   ?   ?   A . n 
A 1 6   SER 6   6   ?   ?   ?   A . n 
A 1 7   ASN 7   7   ?   ?   ?   A . n 
A 1 8   GLN 8   8   ?   ?   ?   A . n 
A 1 9   THR 9   9   9   THR THR A . n 
A 1 10  ARG 10  10  10  ARG ARG A . n 
A 1 11  THR 11  11  11  THR THR A . n 
A 1 12  TYR 12  12  12  TYR TYR A . n 
A 1 13  ASP 13  13  13  ASP ASP A . n 
A 1 14  GLY 14  14  14  GLY GLY A . n 
A 1 15  ASP 15  15  15  ASP ASP A . n 
A 1 16  GLY 16  16  16  GLY GLY A . n 
A 1 17  TYR 17  17  17  TYR TYR A . n 
A 1 18  LYS 18  18  18  LYS LYS A . n 
A 1 19  LYS 19  19  19  LYS LYS A . n 
A 1 20  ARG 20  20  20  ARG ARG A . n 
A 1 21  ALA 21  21  21  ALA ALA A . n 
A 1 22  ALA 22  22  22  ALA ALA A . n 
A 1 23  CYS 23  23  23  CYS CYS A . n 
A 1 24  LEU 24  24  24  LEU LEU A . n 
A 1 25  CYS 25  25  25  CYS CYS A . n 
A 1 26  PHE 26  26  26  PHE PHE A . n 
A 1 27  ARG 27  27  27  ARG ARG A . n 
A 1 28  SER 28  28  28  SER SER A . n 
A 1 29  GLU 29  29  29  GLU GLU A . n 
A 1 30  SER 30  30  30  SER SER A . n 
A 1 31  GLU 31  31  31  GLU GLU A . n 
A 1 32  GLU 32  32  32  GLU GLU A . n 
A 1 33  GLU 33  33  33  GLU GLU A . n 
A 1 34  VAL 34  34  34  VAL VAL A . n 
A 1 35  LEU 35  35  35  LEU LEU A . n 
A 1 36  LEU 36  36  36  LEU LEU A . n 
A 1 37  VAL 37  37  37  VAL VAL A . n 
A 1 38  SER 38  38  38  SER SER A . n 
A 1 39  SER 39  39  39  SER SER A . n 
A 1 40  SER 40  40  40  SER SER A . n 
A 1 41  ARG 41  41  41  ARG ARG A . n 
A 1 42  HIS 42  42  42  HIS HIS A . n 
A 1 43  PRO 43  43  43  PRO PRO A . n 
A 1 44  ASP 44  44  44  ASP ASP A . n 
A 1 45  ARG 45  45  45  ARG ARG A . n 
A 1 46  TRP 46  46  46  TRP TRP A . n 
A 1 47  ILE 47  47  47  ILE ILE A . n 
A 1 48  VAL 48  48  48  VAL VAL A . n 
A 1 49  PRO 49  49  49  PRO PRO A . n 
A 1 50  GLY 50  50  50  GLY GLY A . n 
A 1 51  GLY 51  51  51  GLY GLY A . n 
A 1 52  GLY 52  52  52  GLY GLY A . n 
A 1 53  MET 53  53  53  MET MET A . n 
A 1 54  GLU 54  54  54  GLU GLU A . n 
A 1 55  PRO 55  55  55  PRO PRO A . n 
A 1 56  GLU 56  56  56  GLU GLU A . n 
A 1 57  GLU 57  57  57  GLU GLU A . n 
A 1 58  GLU 58  58  58  GLU GLU A . n 
A 1 59  PRO 59  59  59  PRO PRO A . n 
A 1 60  SER 60  60  60  SER SER A . n 
A 1 61  VAL 61  61  61  VAL VAL A . n 
A 1 62  ALA 62  62  62  ALA ALA A . n 
A 1 63  ALA 63  63  63  ALA ALA A . n 
A 1 64  VAL 64  64  64  VAL VAL A . n 
A 1 65  ARG 65  65  65  ARG ARG A . n 
A 1 66  GLU 66  66  66  GLU GLU A . n 
A 1 67  VAL 67  67  67  VAL VAL A . n 
A 1 68  CYS 68  68  68  CYS CYS A . n 
A 1 69  GLU 69  69  69  GLU GLU A . n 
A 1 70  GLU 70  70  70  GLU GLU A . n 
A 1 71  ALA 71  71  71  ALA ALA A . n 
A 1 72  GLY 72  72  72  GLY GLY A . n 
A 1 73  VAL 73  73  73  VAL VAL A . n 
A 1 74  LYS 74  74  74  LYS LYS A . n 
A 1 75  GLY 75  75  75  GLY GLY A . n 
A 1 76  THR 76  76  76  THR THR A . n 
A 1 77  LEU 77  77  77  LEU LEU A . n 
A 1 78  GLY 78  78  78  GLY GLY A . n 
A 1 79  ARG 79  79  79  ARG ARG A . n 
A 1 80  LEU 80  80  80  LEU LEU A . n 
A 1 81  VAL 81  81  81  VAL VAL A . n 
A 1 82  GLY 82  82  82  GLY GLY A . n 
A 1 83  ILE 83  83  83  ILE ILE A . n 
A 1 84  PHE 84  84  84  PHE PHE A . n 
A 1 85  GLU 85  85  85  GLU GLU A . n 
A 1 86  ASN 86  86  86  ASN ASN A . n 
A 1 87  GLN 87  87  87  GLN GLN A . n 
A 1 88  GLU 88  88  88  GLU GLU A . n 
A 1 89  ARG 89  89  89  ARG ARG A . n 
A 1 90  LYS 90  90  90  LYS LYS A . n 
A 1 91  HIS 91  91  91  HIS HIS A . n 
A 1 92  ARG 92  92  92  ARG ARG A . n 
A 1 93  THR 93  93  93  THR THR A . n 
A 1 94  TYR 94  94  94  TYR TYR A . n 
A 1 95  VAL 95  95  95  VAL VAL A . n 
A 1 96  TYR 96  96  96  TYR TYR A . n 
A 1 97  VAL 97  97  97  VAL VAL A . n 
A 1 98  LEU 98  98  98  LEU LEU A . n 
A 1 99  ILE 99  99  99  ILE ILE A . n 
A 1 100 VAL 100 100 100 VAL VAL A . n 
A 1 101 THR 101 101 101 THR THR A . n 
A 1 102 GLU 102 102 102 GLU GLU A . n 
A 1 103 VAL 103 103 103 VAL VAL A . n 
A 1 104 LEU 104 104 104 LEU LEU A . n 
A 1 105 GLU 105 105 105 GLU GLU A . n 
A 1 106 ASP 106 106 106 ASP ASP A . n 
A 1 107 TRP 107 107 107 TRP TRP A . n 
A 1 108 GLU 108 108 108 GLU GLU A . n 
A 1 109 ASP 109 109 109 ASP ASP A . n 
A 1 110 SER 110 110 110 SER SER A . n 
A 1 111 VAL 111 111 111 VAL VAL A . n 
A 1 112 ASN 112 112 112 ASN ASN A . n 
A 1 113 ILE 113 113 113 ILE ILE A . n 
A 1 114 GLY 114 114 114 GLY GLY A . n 
A 1 115 ARG 115 115 115 ARG ARG A . n 
A 1 116 LYS 116 116 116 LYS LYS A . n 
A 1 117 ARG 117 117 117 ARG ARG A . n 
A 1 118 GLU 118 118 118 GLU GLU A . n 
A 1 119 TRP 119 119 119 TRP TRP A . n 
A 1 120 PHE 120 120 120 PHE PHE A . n 
A 1 121 LYS 121 121 121 LYS LYS A . n 
A 1 122 ILE 122 122 122 ILE ILE A . n 
A 1 123 GLU 123 123 123 GLU GLU A . n 
A 1 124 ASP 124 124 124 ASP ASP A . n 
A 1 125 ALA 125 125 125 ALA ALA A . n 
A 1 126 ILE 126 126 126 ILE ILE A . n 
A 1 127 LYS 127 127 127 LYS LYS A . n 
A 1 128 VAL 128 128 128 VAL VAL A . n 
A 1 129 LEU 129 129 129 LEU LEU A . n 
A 1 130 GLN 130 130 130 GLN GLN A . n 
A 1 131 TYR 131 131 131 TYR TYR A . n 
A 1 132 HIS 132 132 132 HIS HIS A . n 
A 1 133 LYS 133 133 133 LYS LYS A . n 
A 1 134 PRO 134 134 134 PRO PRO A . n 
A 1 135 VAL 135 135 135 VAL VAL A . n 
A 1 136 GLN 136 136 136 GLN GLN A . n 
A 1 137 ALA 137 137 137 ALA ALA A . n 
A 1 138 SER 138 138 138 SER SER A . n 
A 1 139 TYR 139 139 139 TYR TYR A . n 
A 1 140 PHE 140 140 140 PHE PHE A . n 
A 1 141 GLU 141 141 141 GLU GLU A . n 
A 1 142 THR 142 142 142 THR THR A . n 
A 1 143 LEU 143 143 ?   ?   ?   A . n 
A 1 144 ARG 144 144 ?   ?   ?   A . n 
A 1 145 GLN 145 145 ?   ?   ?   A . n 
A 1 146 GLY 146 146 ?   ?   ?   A . n 
A 1 147 TYR 147 147 ?   ?   ?   A . n 
A 1 148 SER 148 148 ?   ?   ?   A . n 
A 1 149 ALA 149 149 ?   ?   ?   A . n 
A 1 150 ASN 150 150 ?   ?   ?   A . n 
A 1 151 ASN 151 151 ?   ?   ?   A . n 
A 1 152 GLY 152 152 ?   ?   ?   A . n 
A 1 153 THR 153 153 ?   ?   ?   A . n 
A 1 154 PRO 154 154 ?   ?   ?   A . n 
A 1 155 VAL 155 155 ?   ?   ?   A . n 
A 1 156 VAL 156 156 ?   ?   ?   A . n 
A 1 157 ALA 157 157 ?   ?   ?   A . n 
A 1 158 THR 158 158 ?   ?   ?   A . n 
A 1 159 THR 159 159 ?   ?   ?   A . n 
A 1 160 TYR 160 160 ?   ?   ?   A . n 
A 1 161 SER 161 161 ?   ?   ?   A . n 
A 1 162 VAL 162 162 ?   ?   ?   A . n 
A 1 163 SER 163 163 ?   ?   ?   A . n 
A 1 164 ALA 164 164 ?   ?   ?   A . n 
A 1 165 GLN 165 165 ?   ?   ?   A . n 
A 1 166 SER 166 166 ?   ?   ?   A . n 
A 1 167 SER 167 167 ?   ?   ?   A . n 
A 1 168 MET 168 168 ?   ?   ?   A . n 
A 1 169 SER 169 169 ?   ?   ?   A . n 
A 1 170 GLY 170 170 ?   ?   ?   A . n 
A 1 171 ILE 171 171 ?   ?   ?   A . n 
A 1 172 ARG 172 172 ?   ?   ?   A . n 
# 
loop_
_pdbx_nonpoly_scheme.asym_id 
_pdbx_nonpoly_scheme.entity_id 
_pdbx_nonpoly_scheme.mon_id 
_pdbx_nonpoly_scheme.ndb_seq_num 
_pdbx_nonpoly_scheme.pdb_seq_num 
_pdbx_nonpoly_scheme.auth_seq_num 
_pdbx_nonpoly_scheme.pdb_mon_id 
_pdbx_nonpoly_scheme.auth_mon_id 
_pdbx_nonpoly_scheme.pdb_strand_id 
_pdbx_nonpoly_scheme.pdb_ins_code 
B 2 YUT 1   401 401 YUT ZFK A . 
C 3 MG  1   402 501 MG  MG  A . 
D 3 MG  1   403 502 MG  MG  A . 
E 3 MG  1   404 503 MG  MG  A . 
F 3 MG  1   405 504 MG  MG  A . 
G 4 CL  1   406 601 CL  CL  A . 
H 4 CL  1   407 602 CL  CL  A . 
I 5 F   1   408 801 F   F   A . 
J 6 HOH 1   501 109 HOH HOH A . 
J 6 HOH 2   502 51  HOH HOH A . 
J 6 HOH 3   503 29  HOH HOH A . 
J 6 HOH 4   504 58  HOH HOH A . 
J 6 HOH 5   505 60  HOH HOH A . 
J 6 HOH 6   506 101 HOH HOH A . 
J 6 HOH 7   507 95  HOH HOH A . 
J 6 HOH 8   508 8   HOH HOH A . 
J 6 HOH 9   509 94  HOH HOH A . 
J 6 HOH 10  510 74  HOH HOH A . 
J 6 HOH 11  511 25  HOH HOH A . 
J 6 HOH 12  512 93  HOH HOH A . 
J 6 HOH 13  513 87  HOH HOH A . 
J 6 HOH 14  514 90  HOH HOH A . 
J 6 HOH 15  515 70  HOH HOH A . 
J 6 HOH 16  516 77  HOH HOH A . 
J 6 HOH 17  517 92  HOH HOH A . 
J 6 HOH 18  518 64  HOH HOH A . 
J 6 HOH 19  519 32  HOH HOH A . 
J 6 HOH 20  520 45  HOH HOH A . 
J 6 HOH 21  521 86  HOH HOH A . 
J 6 HOH 22  522 23  HOH HOH A . 
J 6 HOH 23  523 5   HOH HOH A . 
J 6 HOH 24  524 63  HOH HOH A . 
J 6 HOH 25  525 82  HOH HOH A . 
J 6 HOH 26  526 14  HOH HOH A . 
J 6 HOH 27  527 21  HOH HOH A . 
J 6 HOH 28  528 65  HOH HOH A . 
J 6 HOH 29  529 1   HOH HOH A . 
J 6 HOH 30  530 3   HOH HOH A . 
J 6 HOH 31  531 52  HOH HOH A . 
J 6 HOH 32  532 80  HOH HOH A . 
J 6 HOH 33  533 79  HOH HOH A . 
J 6 HOH 34  534 19  HOH HOH A . 
J 6 HOH 35  535 11  HOH HOH A . 
J 6 HOH 36  536 105 HOH HOH A . 
J 6 HOH 37  537 6   HOH HOH A . 
J 6 HOH 38  538 48  HOH HOH A . 
J 6 HOH 39  539 20  HOH HOH A . 
J 6 HOH 40  540 81  HOH HOH A . 
J 6 HOH 41  541 68  HOH HOH A . 
J 6 HOH 42  542 88  HOH HOH A . 
J 6 HOH 43  543 99  HOH HOH A . 
J 6 HOH 44  544 59  HOH HOH A . 
J 6 HOH 45  545 37  HOH HOH A . 
J 6 HOH 46  546 44  HOH HOH A . 
J 6 HOH 47  547 49  HOH HOH A . 
J 6 HOH 48  548 22  HOH HOH A . 
J 6 HOH 49  549 28  HOH HOH A . 
J 6 HOH 50  550 47  HOH HOH A . 
J 6 HOH 51  551 67  HOH HOH A . 
J 6 HOH 52  552 2   HOH HOH A . 
J 6 HOH 53  553 4   HOH HOH A . 
J 6 HOH 54  554 43  HOH HOH A . 
J 6 HOH 55  555 9   HOH HOH A . 
J 6 HOH 56  556 36  HOH HOH A . 
J 6 HOH 57  557 62  HOH HOH A . 
J 6 HOH 58  558 84  HOH HOH A . 
J 6 HOH 59  559 46  HOH HOH A . 
J 6 HOH 60  560 15  HOH HOH A . 
J 6 HOH 61  561 17  HOH HOH A . 
J 6 HOH 62  562 61  HOH HOH A . 
J 6 HOH 63  563 69  HOH HOH A . 
J 6 HOH 64  564 10  HOH HOH A . 
J 6 HOH 65  565 107 HOH HOH A . 
J 6 HOH 66  566 16  HOH HOH A . 
J 6 HOH 67  567 12  HOH HOH A . 
J 6 HOH 68  568 71  HOH HOH A . 
J 6 HOH 69  569 85  HOH HOH A . 
J 6 HOH 70  570 55  HOH HOH A . 
J 6 HOH 71  571 110 HOH HOH A . 
J 6 HOH 72  572 54  HOH HOH A . 
J 6 HOH 73  573 27  HOH HOH A . 
J 6 HOH 74  574 7   HOH HOH A . 
J 6 HOH 75  575 26  HOH HOH A . 
J 6 HOH 76  576 35  HOH HOH A . 
J 6 HOH 77  577 42  HOH HOH A . 
J 6 HOH 78  578 104 HOH HOH A . 
J 6 HOH 79  579 13  HOH HOH A . 
J 6 HOH 80  580 98  HOH HOH A . 
J 6 HOH 81  581 24  HOH HOH A . 
J 6 HOH 82  582 18  HOH HOH A . 
J 6 HOH 83  583 83  HOH HOH A . 
J 6 HOH 84  584 89  HOH HOH A . 
J 6 HOH 85  585 30  HOH HOH A . 
J 6 HOH 86  586 73  HOH HOH A . 
J 6 HOH 87  587 57  HOH HOH A . 
J 6 HOH 88  588 103 HOH HOH A . 
J 6 HOH 89  589 72  HOH HOH A . 
J 6 HOH 90  590 76  HOH HOH A . 
J 6 HOH 91  591 66  HOH HOH A . 
J 6 HOH 92  592 38  HOH HOH A . 
J 6 HOH 93  593 102 HOH HOH A . 
J 6 HOH 94  594 106 HOH HOH A . 
J 6 HOH 95  595 39  HOH HOH A . 
J 6 HOH 96  596 91  HOH HOH A . 
J 6 HOH 97  597 41  HOH HOH A . 
J 6 HOH 98  598 40  HOH HOH A . 
J 6 HOH 99  599 111 HOH HOH A . 
J 6 HOH 100 600 96  HOH HOH A . 
J 6 HOH 101 601 97  HOH HOH A . 
J 6 HOH 102 602 100 HOH HOH A . 
J 6 HOH 103 603 108 HOH HOH A . 
J 6 HOH 104 604 75  HOH HOH A . 
J 6 HOH 105 605 34  HOH HOH A . 
J 6 HOH 106 606 31  HOH HOH A . 
J 6 HOH 107 607 78  HOH HOH A . 
J 6 HOH 108 608 53  HOH HOH A . 
J 6 HOH 109 609 50  HOH HOH A . 
J 6 HOH 110 610 56  HOH HOH A . 
J 6 HOH 111 611 33  HOH HOH A . 
# 
loop_
_software.citation_id 
_software.classification 
_software.compiler_name 
_software.compiler_version 
_software.contact_author 
_software.contact_author_email 
_software.date 
_software.description 
_software.dependencies 
_software.hardware 
_software.language 
_software.location 
_software.mods 
_software.name 
_software.os 
_software.os_version 
_software.type 
_software.version 
_software.pdbx_ordinal 
? 'data scaling'   ? ? ? ? ? ? ? ? ? ? ? SCALEPACK ? ? ? .    1 
? refinement       ? ? ? ? ? ? ? ? ? ? ? REFMAC    ? ? ? v5.0 2 
? 'data reduction' ? ? ? ? ? ? ? ? ? ? ? DENZO     ? ? ? .    3 
? phasing          ? ? ? ? ? ? ? ? ? ? ? PHASER    ? ? ? .    4 
# 
_cell.angle_alpha                  90.00 
_cell.angle_alpha_esd              ? 
_cell.angle_beta                   90.00 
_cell.angle_beta_esd               ? 
_cell.angle_gamma                  90.00 
_cell.angle_gamma_esd              ? 
_cell.entry_id                     8G9C 
_cell.details                      ? 
_cell.formula_units_Z              ? 
_cell.length_a                     46.752 
_cell.length_a_esd                 ? 
_cell.length_b                     59.639 
_cell.length_b_esd                 ? 
_cell.length_c                     62.409 
_cell.length_c_esd                 ? 
_cell.volume                       ? 
_cell.volume_esd                   ? 
_cell.Z_PDB                        4 
_cell.reciprocal_angle_alpha       ? 
_cell.reciprocal_angle_beta        ? 
_cell.reciprocal_angle_gamma       ? 
_cell.reciprocal_angle_alpha_esd   ? 
_cell.reciprocal_angle_beta_esd    ? 
_cell.reciprocal_angle_gamma_esd   ? 
_cell.reciprocal_length_a          ? 
_cell.reciprocal_length_b          ? 
_cell.reciprocal_length_c          ? 
_cell.reciprocal_length_a_esd      ? 
_cell.reciprocal_length_b_esd      ? 
_cell.reciprocal_length_c_esd      ? 
_cell.pdbx_unique_axis             ? 
_cell.pdbx_esd_method              ? 
# 
_symmetry.entry_id                         8G9C 
_symmetry.cell_setting                     ? 
_symmetry.Int_Tables_number                19 
_symmetry.space_group_name_Hall            ? 
_symmetry.space_group_name_H-M             'P 21 21 21' 
_symmetry.pdbx_full_space_group_name_H-M   ? 
# 
_exptl.absorpt_coefficient_mu     ? 
_exptl.absorpt_correction_T_max   ? 
_exptl.absorpt_correction_T_min   ? 
_exptl.absorpt_correction_type    ? 
_exptl.absorpt_process_details    ? 
_exptl.entry_id                   8G9C 
_exptl.crystals_number            1 
_exptl.details                    ? 
_exptl.method                     'X-RAY DIFFRACTION' 
_exptl.method_details             ? 
# 
_exptl_crystal.colour                       ? 
_exptl_crystal.density_diffrn               ? 
_exptl_crystal.density_Matthews             2.23 
_exptl_crystal.density_method               ? 
_exptl_crystal.density_percent_sol          44.87 
_exptl_crystal.description                  ? 
_exptl_crystal.F_000                        ? 
_exptl_crystal.id                           1 
_exptl_crystal.preparation                  ? 
_exptl_crystal.size_max                     ? 
_exptl_crystal.size_mid                     ? 
_exptl_crystal.size_min                     ? 
_exptl_crystal.size_rad                     ? 
_exptl_crystal.colour_lustre                ? 
_exptl_crystal.colour_modifier              ? 
_exptl_crystal.colour_primary               ? 
_exptl_crystal.density_meas                 ? 
_exptl_crystal.density_meas_esd             ? 
_exptl_crystal.density_meas_gt              ? 
_exptl_crystal.density_meas_lt              ? 
_exptl_crystal.density_meas_temp            ? 
_exptl_crystal.density_meas_temp_esd        ? 
_exptl_crystal.density_meas_temp_gt         ? 
_exptl_crystal.density_meas_temp_lt         ? 
_exptl_crystal.pdbx_crystal_image_url       ? 
_exptl_crystal.pdbx_crystal_image_format    ? 
_exptl_crystal.pdbx_mosaicity               ? 
_exptl_crystal.pdbx_mosaicity_esd           ? 
_exptl_crystal.pdbx_mosaic_method           ? 
_exptl_crystal.pdbx_mosaic_block_size       ? 
_exptl_crystal.pdbx_mosaic_block_size_esd   ? 
# 
_exptl_crystal_grow.apparatus       ? 
_exptl_crystal_grow.atmosphere      ? 
_exptl_crystal_grow.crystal_id      1 
_exptl_crystal_grow.details         ? 
_exptl_crystal_grow.method          'VAPOR DIFFUSION, HANGING DROP' 
_exptl_crystal_grow.method_ref      ? 
_exptl_crystal_grow.pH              5.5 
_exptl_crystal_grow.pressure        ? 
_exptl_crystal_grow.pressure_esd    ? 
_exptl_crystal_grow.seeding         ? 
_exptl_crystal_grow.seeding_ref     ? 
_exptl_crystal_grow.temp_details    ? 
_exptl_crystal_grow.temp_esd        ? 
_exptl_crystal_grow.time            ? 
_exptl_crystal_grow.pdbx_details    
;10% (w/v) PEG 8000, 10% (v/v) isopropanol, 200 mM Li2SO4, 75 mM NaAc, pH 5.5 and 25 mM HEPES, pH 7.0 and soaking in solution 200mM LiCl, 20% PEG8000, 20% isopropanol, 100mM HEPES 7.0, 20mM MgCl2, 100mM NaF in the present of 2mM 5-PCF2P-IP7
;
_exptl_crystal_grow.pdbx_pH_range   4.5-6 
_exptl_crystal_grow.temp            293 
# 
_diffrn.ambient_environment              ? 
_diffrn.ambient_temp                     100 
_diffrn.ambient_temp_details             ? 
_diffrn.ambient_temp_esd                 ? 
_diffrn.crystal_id                       1 
_diffrn.crystal_support                  ? 
_diffrn.crystal_treatment                ? 
_diffrn.details                          ? 
_diffrn.id                               1 
_diffrn.ambient_pressure                 ? 
_diffrn.ambient_pressure_esd             ? 
_diffrn.ambient_pressure_gt              ? 
_diffrn.ambient_pressure_lt              ? 
_diffrn.ambient_temp_gt                  ? 
_diffrn.ambient_temp_lt                  ? 
_diffrn.pdbx_serial_crystal_experiment   N 
# 
_diffrn_detector.details                      ? 
_diffrn_detector.detector                     PIXEL 
_diffrn_detector.diffrn_id                    1 
_diffrn_detector.type                         'DECTRIS EIGER X 16M' 
_diffrn_detector.area_resol_mean              ? 
_diffrn_detector.dtime                        ? 
_diffrn_detector.pdbx_frames_total            ? 
_diffrn_detector.pdbx_collection_time_total   ? 
_diffrn_detector.pdbx_collection_date         2020-10-08 
_diffrn_detector.pdbx_frequency               ? 
_diffrn_detector.id                           ? 
_diffrn_detector.number_of_axes               ? 
# 
_diffrn_radiation.collimation                      ? 
_diffrn_radiation.diffrn_id                        1 
_diffrn_radiation.filter_edge                      ? 
_diffrn_radiation.inhomogeneity                    ? 
_diffrn_radiation.monochromator                    ? 
_diffrn_radiation.polarisn_norm                    ? 
_diffrn_radiation.polarisn_ratio                   ? 
_diffrn_radiation.probe                            ? 
_diffrn_radiation.type                             ? 
_diffrn_radiation.xray_symbol                      ? 
_diffrn_radiation.wavelength_id                    1 
_diffrn_radiation.pdbx_monochromatic_or_laue_m_l   M 
_diffrn_radiation.pdbx_wavelength_list             ? 
_diffrn_radiation.pdbx_wavelength                  ? 
_diffrn_radiation.pdbx_diffrn_protocol             'SINGLE WAVELENGTH' 
_diffrn_radiation.pdbx_analyzer                    ? 
_diffrn_radiation.pdbx_scattering_type             x-ray 
# 
_diffrn_radiation_wavelength.id           1 
_diffrn_radiation_wavelength.wavelength   1.00 
_diffrn_radiation_wavelength.wt           1.0 
# 
_diffrn_source.current                     ? 
_diffrn_source.details                     ? 
_diffrn_source.diffrn_id                   1 
_diffrn_source.power                       ? 
_diffrn_source.size                        ? 
_diffrn_source.source                      SYNCHROTRON 
_diffrn_source.target                      ? 
_diffrn_source.type                        'APS BEAMLINE 22-ID' 
_diffrn_source.voltage                     ? 
_diffrn_source.take-off_angle              ? 
_diffrn_source.pdbx_wavelength_list        1.00 
_diffrn_source.pdbx_wavelength             ? 
_diffrn_source.pdbx_synchrotron_beamline   22-ID 
_diffrn_source.pdbx_synchrotron_site       APS 
# 
_reflns.B_iso_Wilson_estimate                          ? 
_reflns.entry_id                                       8G9C 
_reflns.data_reduction_details                         ? 
_reflns.data_reduction_method                          ? 
_reflns.d_resolution_high                              1.40 
_reflns.d_resolution_low                               50.00 
_reflns.details                                        ? 
_reflns.limit_h_max                                    ? 
_reflns.limit_h_min                                    ? 
_reflns.limit_k_max                                    ? 
_reflns.limit_k_min                                    ? 
_reflns.limit_l_max                                    ? 
_reflns.limit_l_min                                    ? 
_reflns.number_all                                     ? 
_reflns.number_obs                                     61864 
_reflns.observed_criterion                             ? 
_reflns.observed_criterion_F_max                       ? 
_reflns.observed_criterion_F_min                       ? 
_reflns.observed_criterion_I_max                       ? 
_reflns.observed_criterion_I_min                       ? 
_reflns.observed_criterion_sigma_F                     ? 
_reflns.observed_criterion_sigma_I                     ? 
_reflns.percent_possible_obs                           92.8 
_reflns.R_free_details                                 ? 
_reflns.Rmerge_F_all                                   ? 
_reflns.Rmerge_F_obs                                   ? 
_reflns.Friedel_coverage                               ? 
_reflns.number_gt                                      ? 
_reflns.threshold_expression                           ? 
_reflns.pdbx_redundancy                                7.3 
_reflns.pdbx_netI_over_av_sigmaI                       ? 
_reflns.pdbx_netI_over_sigmaI                          8.6 
_reflns.pdbx_res_netI_over_av_sigmaI_2                 ? 
_reflns.pdbx_res_netI_over_sigmaI_2                    ? 
_reflns.pdbx_chi_squared                               0.047 
_reflns.pdbx_scaling_rejects                           ? 
_reflns.pdbx_d_res_high_opt                            ? 
_reflns.pdbx_d_res_low_opt                             ? 
_reflns.pdbx_d_res_opt_method                          ? 
_reflns.phase_calculation_details                      ? 
_reflns.pdbx_Rrim_I_all                                ? 
_reflns.pdbx_Rpim_I_all                                ? 
_reflns.pdbx_d_opt                                     ? 
_reflns.pdbx_number_measured_all                       448728 
_reflns.pdbx_diffrn_id                                 1 
_reflns.pdbx_ordinal                                   1 
_reflns.pdbx_CC_half                                   ? 
_reflns.pdbx_CC_star                                   ? 
_reflns.pdbx_R_split                                   ? 
_reflns.pdbx_Rmerge_I_obs                              0.058 
_reflns.pdbx_Rmerge_I_all                              ? 
_reflns.pdbx_Rsym_value                                ? 
_reflns.pdbx_CC_split_method                           ? 
_reflns.pdbx_aniso_diffraction_limit_axis_1_ortho[1]   ? 
_reflns.pdbx_aniso_diffraction_limit_axis_1_ortho[2]   ? 
_reflns.pdbx_aniso_diffraction_limit_axis_1_ortho[3]   ? 
_reflns.pdbx_aniso_diffraction_limit_axis_2_ortho[1]   ? 
_reflns.pdbx_aniso_diffraction_limit_axis_2_ortho[2]   ? 
_reflns.pdbx_aniso_diffraction_limit_axis_2_ortho[3]   ? 
_reflns.pdbx_aniso_diffraction_limit_axis_3_ortho[1]   ? 
_reflns.pdbx_aniso_diffraction_limit_axis_3_ortho[2]   ? 
_reflns.pdbx_aniso_diffraction_limit_axis_3_ortho[3]   ? 
_reflns.pdbx_aniso_diffraction_limit_1                 ? 
_reflns.pdbx_aniso_diffraction_limit_2                 ? 
_reflns.pdbx_aniso_diffraction_limit_3                 ? 
_reflns.pdbx_aniso_B_tensor_eigenvector_1_ortho[1]     ? 
_reflns.pdbx_aniso_B_tensor_eigenvector_1_ortho[2]     ? 
_reflns.pdbx_aniso_B_tensor_eigenvector_1_ortho[3]     ? 
_reflns.pdbx_aniso_B_tensor_eigenvector_2_ortho[1]     ? 
_reflns.pdbx_aniso_B_tensor_eigenvector_2_ortho[2]     ? 
_reflns.pdbx_aniso_B_tensor_eigenvector_2_ortho[3]     ? 
_reflns.pdbx_aniso_B_tensor_eigenvector_3_ortho[1]     ? 
_reflns.pdbx_aniso_B_tensor_eigenvector_3_ortho[2]     ? 
_reflns.pdbx_aniso_B_tensor_eigenvector_3_ortho[3]     ? 
_reflns.pdbx_aniso_B_tensor_eigenvalue_1               ? 
_reflns.pdbx_aniso_B_tensor_eigenvalue_2               ? 
_reflns.pdbx_aniso_B_tensor_eigenvalue_3               ? 
_reflns.pdbx_orthogonalization_convention              ? 
_reflns.pdbx_percent_possible_ellipsoidal              ? 
_reflns.pdbx_percent_possible_spherical                ? 
_reflns.pdbx_percent_possible_ellipsoidal_anomalous    ? 
_reflns.pdbx_percent_possible_spherical_anomalous      ? 
_reflns.pdbx_redundancy_anomalous                      ? 
_reflns.pdbx_CC_half_anomalous                         ? 
_reflns.pdbx_absDiff_over_sigma_anomalous              ? 
_reflns.pdbx_percent_possible_anomalous                ? 
_reflns.pdbx_observed_signal_threshold                 ? 
_reflns.pdbx_signal_type                               ? 
_reflns.pdbx_signal_details                            ? 
_reflns.pdbx_signal_software_id                        ? 
# 
loop_
_reflns_shell.d_res_high 
_reflns_shell.d_res_low 
_reflns_shell.meanI_over_sigI_all 
_reflns_shell.meanI_over_sigI_obs 
_reflns_shell.number_measured_all 
_reflns_shell.number_measured_obs 
_reflns_shell.number_possible 
_reflns_shell.number_unique_all 
_reflns_shell.number_unique_obs 
_reflns_shell.percent_possible_obs 
_reflns_shell.Rmerge_F_all 
_reflns_shell.Rmerge_F_obs 
_reflns_shell.meanI_over_sigI_gt 
_reflns_shell.meanI_over_uI_all 
_reflns_shell.meanI_over_uI_gt 
_reflns_shell.number_measured_gt 
_reflns_shell.number_unique_gt 
_reflns_shell.percent_possible_gt 
_reflns_shell.Rmerge_F_gt 
_reflns_shell.Rmerge_I_gt 
_reflns_shell.pdbx_redundancy 
_reflns_shell.pdbx_chi_squared 
_reflns_shell.pdbx_netI_over_sigmaI_all 
_reflns_shell.pdbx_netI_over_sigmaI_obs 
_reflns_shell.pdbx_Rrim_I_all 
_reflns_shell.pdbx_Rpim_I_all 
_reflns_shell.pdbx_rejects 
_reflns_shell.pdbx_ordinal 
_reflns_shell.pdbx_diffrn_id 
_reflns_shell.pdbx_CC_half 
_reflns_shell.pdbx_CC_star 
_reflns_shell.pdbx_R_split 
_reflns_shell.percent_possible_all 
_reflns_shell.Rmerge_I_all 
_reflns_shell.Rmerge_I_obs 
_reflns_shell.pdbx_Rsym_value 
_reflns_shell.pdbx_percent_possible_ellipsoidal 
_reflns_shell.pdbx_percent_possible_spherical 
_reflns_shell.pdbx_percent_possible_ellipsoidal_anomalous 
_reflns_shell.pdbx_percent_possible_spherical_anomalous 
_reflns_shell.pdbx_redundancy_anomalous 
_reflns_shell.pdbx_CC_half_anomalous 
_reflns_shell.pdbx_absDiff_over_sigma_anomalous 
_reflns_shell.pdbx_percent_possible_anomalous 
1.40 1.42  ? ? ? ? ? ? 2992 ? ? ? ? ? ? ? ? ? ? ? 6.0 0.400 ? ? ? ? ? 1  1 ? ? ? 89.7 ? 0.512 ? ? ? ? ? ? ? ? ? 
1.42 1.45  ? ? ? ? ? ? 2969 ? ? ? ? ? ? ? ? ? ? ? 6.3 0.415 ? ? ? ? ? 2  1 ? ? ? 89.9 ? 0.459 ? ? ? ? ? ? ? ? ? 
1.45 1.48  ? ? ? ? ? ? 2838 ? ? ? ? ? ? ? ? ? ? ? 6.7 0.431 ? ? ? ? ? 3  1 ? ? ? 85.1 ? 0.418 ? ? ? ? ? ? ? ? ? 
1.48 1.51  ? ? ? ? ? ? 2911 ? ? ? ? ? ? ? ? ? ? ? 7.1 0.449 ? ? ? ? ? 4  1 ? ? ? 87.6 ? 0.358 ? ? ? ? ? ? ? ? ? 
1.51 1.54  ? ? ? ? ? ? 3186 ? ? ? ? ? ? ? ? ? ? ? 7.4 0.455 ? ? ? ? ? 5  1 ? ? ? 94.8 ? 0.291 ? ? ? ? ? ? ? ? ? 
1.54 1.58  ? ? ? ? ? ? 3151 ? ? ? ? ? ? ? ? ? ? ? 7.5 0.480 ? ? ? ? ? 6  1 ? ? ? 95.0 ? 0.260 ? ? ? ? ? ? ? ? ? 
1.58 1.62  ? ? ? ? ? ? 3193 ? ? ? ? ? ? ? ? ? ? ? 7.5 0.497 ? ? ? ? ? 7  1 ? ? ? 94.9 ? 0.233 ? ? ? ? ? ? ? ? ? 
1.62 1.66  ? ? ? ? ? ? 3157 ? ? ? ? ? ? ? ? ? ? ? 7.4 0.526 ? ? ? ? ? 8  1 ? ? ? 95.1 ? 0.183 ? ? ? ? ? ? ? ? ? 
1.66 1.71  ? ? ? ? ? ? 3170 ? ? ? ? ? ? ? ? ? ? ? 7.4 0.554 ? ? ? ? ? 9  1 ? ? ? 95.5 ? 0.153 ? ? ? ? ? ? ? ? ? 
1.71 1.76  ? ? ? ? ? ? 3189 ? ? ? ? ? ? ? ? ? ? ? 7.3 0.585 ? ? ? ? ? 10 1 ? ? ? 95.2 ? 0.133 ? ? ? ? ? ? ? ? ? 
1.76 1.83  ? ? ? ? ? ? 3111 ? ? ? ? ? ? ? ? ? ? ? 7.3 0.671 ? ? ? ? ? 11 1 ? ? ? 93.9 ? 0.107 ? ? ? ? ? ? ? ? ? 
1.83 1.90  ? ? ? ? ? ? 3104 ? ? ? ? ? ? ? ? ? ? ? 7.3 0.772 ? ? ? ? ? 12 1 ? ? ? 93.0 ? 0.092 ? ? ? ? ? ? ? ? ? 
1.90 1.99  ? ? ? ? ? ? 2925 ? ? ? ? ? ? ? ? ? ? ? 7.1 0.884 ? ? ? ? ? 13 1 ? ? ? 88.5 ? 0.078 ? ? ? ? ? ? ? ? ? 
1.99 2.09  ? ? ? ? ? ? 2894 ? ? ? ? ? ? ? ? ? ? ? 7.4 0.991 ? ? ? ? ? 14 1 ? ? ? 86.1 ? 0.067 ? ? ? ? ? ? ? ? ? 
2.09 2.22  ? ? ? ? ? ? 3251 ? ? ? ? ? ? ? ? ? ? ? 7.6 1.161 ? ? ? ? ? 15 1 ? ? ? 96.8 ? 0.061 ? ? ? ? ? ? ? ? ? 
2.22 2.39  ? ? ? ? ? ? 3199 ? ? ? ? ? ? ? ? ? ? ? 7.6 1.228 ? ? ? ? ? 16 1 ? ? ? 97.1 ? 0.054 ? ? ? ? ? ? ? ? ? 
2.39 2.63  ? ? ? ? ? ? 3232 ? ? ? ? ? ? ? ? ? ? ? 7.6 1.309 ? ? ? ? ? 17 1 ? ? ? 97.0 ? 0.051 ? ? ? ? ? ? ? ? ? 
2.63 3.02  ? ? ? ? ? ? 3186 ? ? ? ? ? ? ? ? ? ? ? 7.6 1.359 ? ? ? ? ? 18 1 ? ? ? 95.5 ? 0.045 ? ? ? ? ? ? ? ? ? 
3.02 3.80  ? ? ? ? ? ? 2929 ? ? ? ? ? ? ? ? ? ? ? 7.4 1.527 ? ? ? ? ? 19 1 ? ? ? 87.6 ? 0.039 ? ? ? ? ? ? ? ? ? 
3.80 50.00 ? ? ? ? ? ? 3277 ? ? ? ? ? ? ? ? ? ? ? 7.5 1.391 ? ? ? ? ? 20 1 ? ? ? 97.6 ? 0.036 ? ? ? ? ? ? ? ? ? 
# 
_refine.aniso_B[1][1]                            2.44 
_refine.aniso_B[1][2]                            0.00 
_refine.aniso_B[1][3]                            0.00 
_refine.aniso_B[2][2]                            -0.92 
_refine.aniso_B[2][3]                            0.00 
_refine.aniso_B[3][3]                            -1.52 
_refine.B_iso_max                                ? 
_refine.B_iso_mean                               19.827 
_refine.B_iso_min                                ? 
_refine.correlation_coeff_Fo_to_Fc               0.966 
_refine.correlation_coeff_Fo_to_Fc_free          0.965 
_refine.details                                  'HYDROGENS HAVE BEEN ADDED IN THE RIDING POSITIONS' 
_refine.diff_density_max                         ? 
_refine.diff_density_max_esd                     ? 
_refine.diff_density_min                         ? 
_refine.diff_density_min_esd                     ? 
_refine.diff_density_rms                         ? 
_refine.diff_density_rms_esd                     ? 
_refine.entry_id                                 8G9C 
_refine.pdbx_refine_id                           'X-RAY DIFFRACTION' 
_refine.ls_abs_structure_details                 ? 
_refine.ls_abs_structure_Flack                   ? 
_refine.ls_abs_structure_Flack_esd               ? 
_refine.ls_abs_structure_Rogers                  ? 
_refine.ls_abs_structure_Rogers_esd              ? 
_refine.ls_d_res_high                            1.40 
_refine.ls_d_res_low                             31.72 
_refine.ls_extinction_coef                       ? 
_refine.ls_extinction_coef_esd                   ? 
_refine.ls_extinction_expression                 ? 
_refine.ls_extinction_method                     ? 
_refine.ls_goodness_of_fit_all                   ? 
_refine.ls_goodness_of_fit_all_esd               ? 
_refine.ls_goodness_of_fit_obs                   ? 
_refine.ls_goodness_of_fit_obs_esd               ? 
_refine.ls_hydrogen_treatment                    ? 
_refine.ls_matrix_type                           ? 
_refine.ls_number_constraints                    ? 
_refine.ls_number_parameters                     ? 
_refine.ls_number_reflns_all                     ? 
_refine.ls_number_reflns_obs                     30984 
_refine.ls_number_reflns_R_free                  1626 
_refine.ls_number_reflns_R_work                  ? 
_refine.ls_number_restraints                     ? 
_refine.ls_percent_reflns_obs                    92.65 
_refine.ls_percent_reflns_R_free                 5.0 
_refine.ls_R_factor_all                          ? 
_refine.ls_R_factor_obs                          0.17046 
_refine.ls_R_factor_R_free                       0.18762 
_refine.ls_R_factor_R_free_error                 ? 
_refine.ls_R_factor_R_free_error_details         ? 
_refine.ls_R_factor_R_work                       0.16959 
_refine.ls_R_Fsqd_factor_obs                     ? 
_refine.ls_R_I_factor_obs                        ? 
_refine.ls_redundancy_reflns_all                 ? 
_refine.ls_redundancy_reflns_obs                 ? 
_refine.ls_restrained_S_all                      ? 
_refine.ls_restrained_S_obs                      ? 
_refine.ls_shift_over_esd_max                    ? 
_refine.ls_shift_over_esd_mean                   ? 
_refine.ls_structure_factor_coef                 ? 
_refine.ls_weighting_details                     ? 
_refine.ls_weighting_scheme                      ? 
_refine.ls_wR_factor_all                         ? 
_refine.ls_wR_factor_obs                         ? 
_refine.ls_wR_factor_R_free                      ? 
_refine.ls_wR_factor_R_work                      ? 
_refine.occupancy_max                            ? 
_refine.occupancy_min                            ? 
_refine.solvent_model_details                    MASK 
_refine.solvent_model_param_bsol                 ? 
_refine.solvent_model_param_ksol                 ? 
_refine.pdbx_R_complete                          ? 
_refine.ls_R_factor_gt                           ? 
_refine.ls_goodness_of_fit_gt                    ? 
_refine.ls_goodness_of_fit_ref                   ? 
_refine.ls_shift_over_su_max                     ? 
_refine.ls_shift_over_su_max_lt                  ? 
_refine.ls_shift_over_su_mean                    ? 
_refine.ls_shift_over_su_mean_lt                 ? 
_refine.pdbx_ls_sigma_I                          ? 
_refine.pdbx_ls_sigma_F                          ? 
_refine.pdbx_ls_sigma_Fsqd                       ? 
_refine.pdbx_data_cutoff_high_absF               ? 
_refine.pdbx_data_cutoff_high_rms_absF           ? 
_refine.pdbx_data_cutoff_low_absF                ? 
_refine.pdbx_isotropic_thermal_model             ? 
_refine.pdbx_ls_cross_valid_method               THROUGHOUT 
_refine.pdbx_method_to_determine_struct          'FOURIER SYNTHESIS' 
_refine.pdbx_starting_model                      ? 
_refine.pdbx_stereochemistry_target_values       'MAXIMUM LIKELIHOOD' 
_refine.pdbx_R_Free_selection_details            RANDOM 
_refine.pdbx_stereochem_target_val_spec_case     ? 
_refine.pdbx_overall_ESU_R                       0.056 
_refine.pdbx_overall_ESU_R_Free                  0.056 
_refine.pdbx_solvent_vdw_probe_radii             1.20 
_refine.pdbx_solvent_ion_probe_radii             0.80 
_refine.pdbx_solvent_shrinkage_radii             0.80 
_refine.pdbx_real_space_R                        ? 
_refine.pdbx_density_correlation                 ? 
_refine.pdbx_pd_number_of_powder_patterns        ? 
_refine.pdbx_pd_number_of_points                 ? 
_refine.pdbx_pd_meas_number_of_points            ? 
_refine.pdbx_pd_proc_ls_prof_R_factor            ? 
_refine.pdbx_pd_proc_ls_prof_wR_factor           ? 
_refine.pdbx_pd_Marquardt_correlation_coeff      ? 
_refine.pdbx_pd_Fsqrd_R_factor                   ? 
_refine.pdbx_pd_ls_matrix_band_width             ? 
_refine.pdbx_overall_phase_error                 ? 
_refine.pdbx_overall_SU_R_free_Cruickshank_DPI   ? 
_refine.pdbx_overall_SU_R_free_Blow_DPI          ? 
_refine.pdbx_overall_SU_R_Blow_DPI               ? 
_refine.pdbx_TLS_residual_ADP_flag               ? 
_refine.pdbx_diffrn_id                           1 
_refine.overall_SU_B                             0.850 
_refine.overall_SU_ML                            0.034 
_refine.overall_SU_R_Cruickshank_DPI             ? 
_refine.overall_SU_R_free                        ? 
_refine.overall_FOM_free_R_set                   ? 
_refine.overall_FOM_work_R_set                   ? 
_refine.pdbx_average_fsc_overall                 ? 
_refine.pdbx_average_fsc_work                    ? 
_refine.pdbx_average_fsc_free                    ? 
# 
_refine_hist.pdbx_refine_id                   'X-RAY DIFFRACTION' 
_refine_hist.cycle_id                         1 
_refine_hist.details                          ? 
_refine_hist.d_res_high                       1.40 
_refine_hist.d_res_low                        31.72 
_refine_hist.number_atoms_solvent             111 
_refine_hist.number_atoms_total               1246 
_refine_hist.number_reflns_all                ? 
_refine_hist.number_reflns_obs                ? 
_refine_hist.number_reflns_R_free             ? 
_refine_hist.number_reflns_R_work             ? 
_refine_hist.R_factor_all                     ? 
_refine_hist.R_factor_obs                     ? 
_refine_hist.R_factor_R_free                  ? 
_refine_hist.R_factor_R_work                  ? 
_refine_hist.pdbx_number_residues_total       ? 
_refine_hist.pdbx_B_iso_mean_ligand           ? 
_refine_hist.pdbx_B_iso_mean_solvent          ? 
_refine_hist.pdbx_number_atoms_protein        1086 
_refine_hist.pdbx_number_atoms_nucleic_acid   0 
_refine_hist.pdbx_number_atoms_ligand         49 
_refine_hist.pdbx_number_atoms_lipid          ? 
_refine_hist.pdbx_number_atoms_carb           ? 
_refine_hist.pdbx_pseudo_atom_details         ? 
# 
loop_
_refine_ls_restr.pdbx_refine_id 
_refine_ls_restr.criterion 
_refine_ls_restr.dev_ideal 
_refine_ls_restr.dev_ideal_target 
_refine_ls_restr.number 
_refine_ls_restr.rejects 
_refine_ls_restr.type 
_refine_ls_restr.weight 
_refine_ls_restr.pdbx_restraint_function 
'X-RAY DIFFRACTION' ? 0.017  0.013  1217 ? r_bond_refined_d             ? ? 
'X-RAY DIFFRACTION' ? 0.001  0.018  1104 ? r_bond_other_d               ? ? 
'X-RAY DIFFRACTION' ? 2.303  1.696  1672 ? r_angle_refined_deg          ? ? 
'X-RAY DIFFRACTION' ? 1.511  1.595  2570 ? r_angle_other_deg            ? ? 
'X-RAY DIFFRACTION' ? 7.291  5.000  151  ? r_dihedral_angle_1_deg       ? ? 
'X-RAY DIFFRACTION' ? 24.475 20.986 71   ? r_dihedral_angle_2_deg       ? ? 
'X-RAY DIFFRACTION' ? 12.697 15.000 215  ? r_dihedral_angle_3_deg       ? ? 
'X-RAY DIFFRACTION' ? 14.760 15.000 12   ? r_dihedral_angle_4_deg       ? ? 
'X-RAY DIFFRACTION' ? 0.154  0.200  159  ? r_chiral_restr               ? ? 
'X-RAY DIFFRACTION' ? 0.010  0.020  1347 ? r_gen_planes_refined         ? ? 
'X-RAY DIFFRACTION' ? 0.002  0.020  269  ? r_gen_planes_other           ? ? 
'X-RAY DIFFRACTION' ? ?      ?      ?    ? r_nbd_refined                ? ? 
'X-RAY DIFFRACTION' ? ?      ?      ?    ? r_nbd_other                  ? ? 
'X-RAY DIFFRACTION' ? ?      ?      ?    ? r_nbtor_refined              ? ? 
'X-RAY DIFFRACTION' ? ?      ?      ?    ? r_nbtor_other                ? ? 
'X-RAY DIFFRACTION' ? ?      ?      ?    ? r_xyhbond_nbd_refined        ? ? 
'X-RAY DIFFRACTION' ? ?      ?      ?    ? r_xyhbond_nbd_other          ? ? 
'X-RAY DIFFRACTION' ? ?      ?      ?    ? r_metal_ion_refined          ? ? 
'X-RAY DIFFRACTION' ? ?      ?      ?    ? r_metal_ion_other            ? ? 
'X-RAY DIFFRACTION' ? ?      ?      ?    ? r_symmetry_vdw_refined       ? ? 
'X-RAY DIFFRACTION' ? ?      ?      ?    ? r_symmetry_vdw_other         ? ? 
'X-RAY DIFFRACTION' ? ?      ?      ?    ? r_symmetry_hbond_refined     ? ? 
'X-RAY DIFFRACTION' ? ?      ?      ?    ? r_symmetry_hbond_other       ? ? 
'X-RAY DIFFRACTION' ? ?      ?      ?    ? r_symmetry_metal_ion_refined ? ? 
'X-RAY DIFFRACTION' ? ?      ?      ?    ? r_symmetry_metal_ion_other   ? ? 
'X-RAY DIFFRACTION' ? 1.910  1.724  565  ? r_mcbond_it                  ? ? 
'X-RAY DIFFRACTION' ? 1.899  1.718  564  ? r_mcbond_other               ? ? 
'X-RAY DIFFRACTION' ? 2.947  2.578  714  ? r_mcangle_it                 ? ? 
'X-RAY DIFFRACTION' ? 2.947  2.584  715  ? r_mcangle_other              ? ? 
'X-RAY DIFFRACTION' ? 3.588  2.281  652  ? r_scbond_it                  ? ? 
'X-RAY DIFFRACTION' ? 3.564  2.277  648  ? r_scbond_other               ? ? 
'X-RAY DIFFRACTION' ? ?      ?      ?    ? r_scangle_it                 ? ? 
'X-RAY DIFFRACTION' ? 5.575  3.287  948  ? r_scangle_other              ? ? 
'X-RAY DIFFRACTION' ? 6.983  22.656 1349 ? r_long_range_B_refined       ? ? 
'X-RAY DIFFRACTION' ? 6.827  21.981 1315 ? r_long_range_B_other         ? ? 
'X-RAY DIFFRACTION' ? ?      ?      ?    ? r_rigid_bond_restr           ? ? 
'X-RAY DIFFRACTION' ? ?      ?      ?    ? r_sphericity_free            ? ? 
'X-RAY DIFFRACTION' ? ?      ?      ?    ? r_sphericity_bonded          ? ? 
# 
_refine_ls_shell.pdbx_refine_id                   'X-RAY DIFFRACTION' 
_refine_ls_shell.d_res_high                       1.4 
_refine_ls_shell.d_res_low                        1.435 
_refine_ls_shell.number_reflns_all                ? 
_refine_ls_shell.number_reflns_obs                ? 
_refine_ls_shell.number_reflns_R_free             117 
_refine_ls_shell.number_reflns_R_work             2172 
_refine_ls_shell.percent_reflns_obs               89.87 
_refine_ls_shell.percent_reflns_R_free            ? 
_refine_ls_shell.R_factor_all                     ? 
_refine_ls_shell.R_factor_obs                     ? 
_refine_ls_shell.R_factor_R_free_error            ? 
_refine_ls_shell.R_factor_R_work                  0.251 
_refine_ls_shell.redundancy_reflns_all            ? 
_refine_ls_shell.redundancy_reflns_obs            ? 
_refine_ls_shell.wR_factor_all                    ? 
_refine_ls_shell.wR_factor_obs                    ? 
_refine_ls_shell.wR_factor_R_free                 ? 
_refine_ls_shell.wR_factor_R_work                 ? 
_refine_ls_shell.pdbx_R_complete                  ? 
_refine_ls_shell.pdbx_total_number_of_bins_used   ? 
_refine_ls_shell.pdbx_phase_error                 ? 
_refine_ls_shell.pdbx_fsc_work                    ? 
_refine_ls_shell.pdbx_fsc_free                    ? 
_refine_ls_shell.R_factor_R_free                  0.249 
# 
_struct.entry_id                     8G9C 
_struct.title                        
;Diphosphoinositol polyphosphate phosphohydrolase 1 (DIPP1/NUDT3) in complex with 5- difluoromethylenebisphosphonate inositol pentakisphosphate (5-PCF2P-IP5), an analogue of 5-InsP7
;
_struct.pdbx_model_details           ? 
_struct.pdbx_formula_weight          ? 
_struct.pdbx_formula_weight_method   ? 
_struct.pdbx_model_type_details      ? 
_struct.pdbx_CASP_flag               N 
# 
_struct_keywords.entry_id        8G9C 
_struct_keywords.text            
'phosphatase, nudix, catalysis mechanism, Substrate Specificity, inositol, inositol pyrophosphate, HYDROLASE' 
_struct_keywords.pdbx_keywords   HYDROLASE 
# 
loop_
_struct_asym.id 
_struct_asym.pdbx_blank_PDB_chainid_flag 
_struct_asym.pdbx_modified 
_struct_asym.entity_id 
_struct_asym.details 
A N N 1 ? 
B N N 2 ? 
C N N 3 ? 
D N N 3 ? 
E N N 3 ? 
F N N 3 ? 
G N N 4 ? 
H N N 4 ? 
I N N 5 ? 
J N N 6 ? 
# 
_struct_ref.id                         1 
_struct_ref.db_name                    UNP 
_struct_ref.db_code                    NUDT3_HUMAN 
_struct_ref.pdbx_db_accession          O95989 
_struct_ref.pdbx_db_isoform            ? 
_struct_ref.entity_id                  1 
_struct_ref.pdbx_seq_one_letter_code   
;MMKLKSNQTRTYDGDGYKKRAACLCFRSESEEEVLLVSSSRHPDRWIVPGGGMEPEEEPSVAAVREVCEEAGVKGTLGRL
VGIFENQERKHRTYVYVLIVTEVLEDWEDSVNIGRKREWFKIEDAIKVLQYHKPVQASYFETLRQGYSANNGTPVVATTY
SVSAQSSMSGIR
;
_struct_ref.pdbx_align_begin           1 
# 
_struct_ref_seq.align_id                      1 
_struct_ref_seq.ref_id                        1 
_struct_ref_seq.pdbx_PDB_id_code              8G9C 
_struct_ref_seq.pdbx_strand_id                A 
_struct_ref_seq.seq_align_beg                 1 
_struct_ref_seq.pdbx_seq_align_beg_ins_code   ? 
_struct_ref_seq.seq_align_end                 172 
_struct_ref_seq.pdbx_seq_align_end_ins_code   ? 
_struct_ref_seq.pdbx_db_accession             O95989 
_struct_ref_seq.db_align_beg                  1 
_struct_ref_seq.pdbx_db_align_beg_ins_code    ? 
_struct_ref_seq.db_align_end                  172 
_struct_ref_seq.pdbx_db_align_end_ins_code    ? 
_struct_ref_seq.pdbx_auth_seq_align_beg       1 
_struct_ref_seq.pdbx_auth_seq_align_end       172 
# 
_pdbx_struct_assembly.id                   1 
_pdbx_struct_assembly.details              author_and_software_defined_assembly 
_pdbx_struct_assembly.method_details       PISA 
_pdbx_struct_assembly.oligomeric_details   monomeric 
_pdbx_struct_assembly.oligomeric_count     1 
# 
_pdbx_struct_assembly_gen.assembly_id       1 
_pdbx_struct_assembly_gen.oper_expression   1 
_pdbx_struct_assembly_gen.asym_id_list      A,B,C,D,E,F,G,H,I,J 
# 
_pdbx_struct_assembly_auth_evidence.id                     1 
_pdbx_struct_assembly_auth_evidence.assembly_id            1 
_pdbx_struct_assembly_auth_evidence.experimental_support   'gel filtration' 
_pdbx_struct_assembly_auth_evidence.details                ? 
# 
_pdbx_struct_oper_list.id                   1 
_pdbx_struct_oper_list.type                 'identity operation' 
_pdbx_struct_oper_list.name                 1_555 
_pdbx_struct_oper_list.symmetry_operation   x,y,z 
_pdbx_struct_oper_list.matrix[1][1]         1.0000000000 
_pdbx_struct_oper_list.matrix[1][2]         0.0000000000 
_pdbx_struct_oper_list.matrix[1][3]         0.0000000000 
_pdbx_struct_oper_list.vector[1]            0.0000000000 
_pdbx_struct_oper_list.matrix[2][1]         0.0000000000 
_pdbx_struct_oper_list.matrix[2][2]         1.0000000000 
_pdbx_struct_oper_list.matrix[2][3]         0.0000000000 
_pdbx_struct_oper_list.vector[2]            0.0000000000 
_pdbx_struct_oper_list.matrix[3][1]         0.0000000000 
_pdbx_struct_oper_list.matrix[3][2]         0.0000000000 
_pdbx_struct_oper_list.matrix[3][3]         1.0000000000 
_pdbx_struct_oper_list.vector[3]            0.0000000000 
# 
loop_
_struct_conf.conf_type_id 
_struct_conf.id 
_struct_conf.pdbx_PDB_helix_id 
_struct_conf.beg_label_comp_id 
_struct_conf.beg_label_asym_id 
_struct_conf.beg_label_seq_id 
_struct_conf.pdbx_beg_PDB_ins_code 
_struct_conf.end_label_comp_id 
_struct_conf.end_label_asym_id 
_struct_conf.end_label_seq_id 
_struct_conf.pdbx_end_PDB_ins_code 
_struct_conf.beg_auth_comp_id 
_struct_conf.beg_auth_asym_id 
_struct_conf.beg_auth_seq_id 
_struct_conf.end_auth_comp_id 
_struct_conf.end_auth_asym_id 
_struct_conf.end_auth_seq_id 
_struct_conf.pdbx_PDB_helix_class 
_struct_conf.details 
_struct_conf.pdbx_PDB_helix_length 
HELX_P HELX_P1 AA1 GLU A 58  ? GLY A 72  ? GLU A 58  GLY A 72  1 ? 15 
HELX_P HELX_P2 AA2 TRP A 107 ? GLY A 114 ? TRP A 107 GLY A 114 1 ? 8  
HELX_P HELX_P3 AA3 ILE A 122 ? GLN A 130 ? ILE A 122 GLN A 130 1 ? 9  
HELX_P HELX_P4 AA4 LYS A 133 ? TYR A 139 ? LYS A 133 TYR A 139 1 ? 7  
# 
_struct_conf_type.id          HELX_P 
_struct_conf_type.criteria    ? 
_struct_conf_type.reference   ? 
# 
loop_
_struct_conn.id 
_struct_conn.conn_type_id 
_struct_conn.pdbx_leaving_atom_flag 
_struct_conn.pdbx_PDB_id 
_struct_conn.ptnr1_label_asym_id 
_struct_conn.ptnr1_label_comp_id 
_struct_conn.ptnr1_label_seq_id 
_struct_conn.ptnr1_label_atom_id 
_struct_conn.pdbx_ptnr1_label_alt_id 
_struct_conn.pdbx_ptnr1_PDB_ins_code 
_struct_conn.pdbx_ptnr1_standard_comp_id 
_struct_conn.ptnr1_symmetry 
_struct_conn.ptnr2_label_asym_id 
_struct_conn.ptnr2_label_comp_id 
_struct_conn.ptnr2_label_seq_id 
_struct_conn.ptnr2_label_atom_id 
_struct_conn.pdbx_ptnr2_label_alt_id 
_struct_conn.pdbx_ptnr2_PDB_ins_code 
_struct_conn.ptnr1_auth_asym_id 
_struct_conn.ptnr1_auth_comp_id 
_struct_conn.ptnr1_auth_seq_id 
_struct_conn.ptnr2_auth_asym_id 
_struct_conn.ptnr2_auth_comp_id 
_struct_conn.ptnr2_auth_seq_id 
_struct_conn.ptnr2_symmetry 
_struct_conn.pdbx_ptnr3_label_atom_id 
_struct_conn.pdbx_ptnr3_label_seq_id 
_struct_conn.pdbx_ptnr3_label_comp_id 
_struct_conn.pdbx_ptnr3_label_asym_id 
_struct_conn.pdbx_ptnr3_label_alt_id 
_struct_conn.pdbx_ptnr3_PDB_ins_code 
_struct_conn.details 
_struct_conn.pdbx_dist_value 
_struct_conn.pdbx_value_order 
_struct_conn.pdbx_role 
metalc1  metalc ? ? A GLY 50 O   ? ? ? 1_555 C MG  . MG ? ? A GLY 50  A MG  402 1_555 ? ? ? ? ? ? ? 2.087 ? ? 
metalc2  metalc ? ? A GLU 66 OE2 ? ? ? 1_555 D MG  . MG ? ? A GLU 66  A MG  403 1_555 ? ? ? ? ? ? ? 2.252 ? ? 
metalc3  metalc ? ? A GLU 66 OE1 ? ? ? 1_555 E MG  . MG ? ? A GLU 66  A MG  404 1_555 ? ? ? ? ? ? ? 2.216 ? ? 
metalc4  metalc ? ? A GLU 70 OE1 ? ? ? 1_555 C MG  . MG ? ? A GLU 70  A MG  402 1_555 ? ? ? ? ? ? ? 2.169 ? ? 
metalc5  metalc ? ? A GLU 70 OE1 ? ? ? 1_555 D MG  . MG ? ? A GLU 70  A MG  403 1_555 ? ? ? ? ? ? ? 2.348 ? ? 
metalc6  metalc ? ? B YUT .  O23 ? ? ? 1_555 C MG  . MG ? ? A YUT 401 A MG  402 1_555 ? ? ? ? ? ? ? 2.732 ? ? 
metalc7  metalc ? ? B YUT .  O22 ? ? ? 1_555 C MG  . MG ? ? A YUT 401 A MG  402 1_555 ? ? ? ? ? ? ? 2.241 ? ? 
metalc8  metalc ? ? B YUT .  O32 ? ? ? 1_555 F MG  . MG ? ? A YUT 401 A MG  405 1_555 ? ? ? ? ? ? ? 2.167 ? ? 
metalc9  metalc ? ? C MG  .  MG  ? ? ? 1_555 J HOH . O  ? ? A MG  402 A HOH 517 1_555 ? ? ? ? ? ? ? 1.940 ? ? 
metalc10 metalc ? ? C MG  .  MG  ? ? ? 1_555 J HOH . O  ? ? A MG  402 A HOH 558 1_555 ? ? ? ? ? ? ? 1.908 ? ? 
metalc11 metalc ? ? D MG  .  MG  ? ? ? 1_555 J HOH . O  ? ? A MG  403 A HOH 517 1_555 ? ? ? ? ? ? ? 1.998 ? ? 
metalc12 metalc ? ? D MG  .  MG  ? ? ? 1_555 J HOH . O  ? ? A MG  403 A HOH 521 1_555 ? ? ? ? ? ? ? 1.959 ? ? 
metalc13 metalc ? ? D MG  .  MG  ? ? ? 1_555 J HOH . O  ? ? A MG  403 A HOH 569 1_555 ? ? ? ? ? ? ? 2.170 ? ? 
metalc14 metalc ? ? E MG  .  MG  ? ? ? 1_555 J HOH . O  ? ? A MG  404 A HOH 512 1_555 ? ? ? ? ? ? ? 2.238 ? ? 
metalc15 metalc ? ? E MG  .  MG  ? ? ? 1_555 J HOH . O  ? ? A MG  404 A HOH 513 1_555 ? ? ? ? ? ? ? 2.058 ? ? 
metalc16 metalc ? ? E MG  .  MG  ? ? ? 1_555 J HOH . O  ? ? A MG  404 A HOH 542 1_555 ? ? ? ? ? ? ? 2.238 ? ? 
metalc17 metalc ? ? E MG  .  MG  ? ? ? 1_555 J HOH . O  ? ? A MG  404 A HOH 604 1_555 ? ? ? ? ? ? ? 2.072 ? ? 
metalc18 metalc ? ? F MG  .  MG  ? ? ? 1_555 J HOH . O  ? ? A MG  405 A HOH 507 1_555 ? ? ? ? ? ? ? 2.228 ? ? 
metalc19 metalc ? ? F MG  .  MG  ? ? ? 1_555 J HOH . O  ? ? A MG  405 A HOH 509 1_555 ? ? ? ? ? ? ? 2.092 ? ? 
metalc20 metalc ? ? F MG  .  MG  ? ? ? 1_555 J HOH . O  ? ? A MG  405 A HOH 512 1_555 ? ? ? ? ? ? ? 2.018 ? ? 
metalc21 metalc ? ? F MG  .  MG  ? ? ? 1_555 J HOH . O  ? ? A MG  405 A HOH 517 1_555 ? ? ? ? ? ? ? 2.064 ? ? 
# 
_struct_conn_type.id          metalc 
_struct_conn_type.criteria    ? 
_struct_conn_type.reference   ? 
# 
loop_
_pdbx_struct_conn_angle.id 
_pdbx_struct_conn_angle.ptnr1_label_atom_id 
_pdbx_struct_conn_angle.ptnr1_label_alt_id 
_pdbx_struct_conn_angle.ptnr1_label_asym_id 
_pdbx_struct_conn_angle.ptnr1_label_comp_id 
_pdbx_struct_conn_angle.ptnr1_label_seq_id 
_pdbx_struct_conn_angle.ptnr1_auth_atom_id 
_pdbx_struct_conn_angle.ptnr1_auth_asym_id 
_pdbx_struct_conn_angle.ptnr1_auth_comp_id 
_pdbx_struct_conn_angle.ptnr1_auth_seq_id 
_pdbx_struct_conn_angle.ptnr1_PDB_ins_code 
_pdbx_struct_conn_angle.ptnr1_symmetry 
_pdbx_struct_conn_angle.ptnr2_label_atom_id 
_pdbx_struct_conn_angle.ptnr2_label_alt_id 
_pdbx_struct_conn_angle.ptnr2_label_asym_id 
_pdbx_struct_conn_angle.ptnr2_label_comp_id 
_pdbx_struct_conn_angle.ptnr2_label_seq_id 
_pdbx_struct_conn_angle.ptnr2_auth_atom_id 
_pdbx_struct_conn_angle.ptnr2_auth_asym_id 
_pdbx_struct_conn_angle.ptnr2_auth_comp_id 
_pdbx_struct_conn_angle.ptnr2_auth_seq_id 
_pdbx_struct_conn_angle.ptnr2_PDB_ins_code 
_pdbx_struct_conn_angle.ptnr2_symmetry 
_pdbx_struct_conn_angle.ptnr3_label_atom_id 
_pdbx_struct_conn_angle.ptnr3_label_alt_id 
_pdbx_struct_conn_angle.ptnr3_label_asym_id 
_pdbx_struct_conn_angle.ptnr3_label_comp_id 
_pdbx_struct_conn_angle.ptnr3_label_seq_id 
_pdbx_struct_conn_angle.ptnr3_auth_atom_id 
_pdbx_struct_conn_angle.ptnr3_auth_asym_id 
_pdbx_struct_conn_angle.ptnr3_auth_comp_id 
_pdbx_struct_conn_angle.ptnr3_auth_seq_id 
_pdbx_struct_conn_angle.ptnr3_PDB_ins_code 
_pdbx_struct_conn_angle.ptnr3_symmetry 
_pdbx_struct_conn_angle.value 
_pdbx_struct_conn_angle.value_esd 
1  O   ? A GLY 50 ? A GLY 50  ? 1_555 MG ? C MG . ? A MG 402 ? 1_555 OE1 ? A GLU 70 ? A GLU 70  ? 1_555 83.5  ? 
2  O   ? A GLY 50 ? A GLY 50  ? 1_555 MG ? C MG . ? A MG 402 ? 1_555 O23 ? B YUT .  ? A YUT 401 ? 1_555 172.7 ? 
3  OE1 ? A GLU 70 ? A GLU 70  ? 1_555 MG ? C MG . ? A MG 402 ? 1_555 O23 ? B YUT .  ? A YUT 401 ? 1_555 93.1  ? 
4  O   ? A GLY 50 ? A GLY 50  ? 1_555 MG ? C MG . ? A MG 402 ? 1_555 O22 ? B YUT .  ? A YUT 401 ? 1_555 91.3  ? 
5  OE1 ? A GLU 70 ? A GLU 70  ? 1_555 MG ? C MG . ? A MG 402 ? 1_555 O22 ? B YUT .  ? A YUT 401 ? 1_555 174.5 ? 
6  O23 ? B YUT .  ? A YUT 401 ? 1_555 MG ? C MG . ? A MG 402 ? 1_555 O22 ? B YUT .  ? A YUT 401 ? 1_555 91.8  ? 
7  O   ? A GLY 50 ? A GLY 50  ? 1_555 MG ? C MG . ? A MG 402 ? 1_555 O   ? J HOH .  ? A HOH 517 ? 1_555 100.5 ? 
8  OE1 ? A GLU 70 ? A GLU 70  ? 1_555 MG ? C MG . ? A MG 402 ? 1_555 O   ? J HOH .  ? A HOH 517 ? 1_555 78.9  ? 
9  O23 ? B YUT .  ? A YUT 401 ? 1_555 MG ? C MG . ? A MG 402 ? 1_555 O   ? J HOH .  ? A HOH 517 ? 1_555 85.1  ? 
10 O22 ? B YUT .  ? A YUT 401 ? 1_555 MG ? C MG . ? A MG 402 ? 1_555 O   ? J HOH .  ? A HOH 517 ? 1_555 104.0 ? 
11 O   ? A GLY 50 ? A GLY 50  ? 1_555 MG ? C MG . ? A MG 402 ? 1_555 O   ? J HOH .  ? A HOH 558 ? 1_555 90.7  ? 
12 OE1 ? A GLU 70 ? A GLU 70  ? 1_555 MG ? C MG . ? A MG 402 ? 1_555 O   ? J HOH .  ? A HOH 558 ? 1_555 90.2  ? 
13 O23 ? B YUT .  ? A YUT 401 ? 1_555 MG ? C MG . ? A MG 402 ? 1_555 O   ? J HOH .  ? A HOH 558 ? 1_555 82.8  ? 
14 O22 ? B YUT .  ? A YUT 401 ? 1_555 MG ? C MG . ? A MG 402 ? 1_555 O   ? J HOH .  ? A HOH 558 ? 1_555 87.9  ? 
15 O   ? J HOH .  ? A HOH 517 ? 1_555 MG ? C MG . ? A MG 402 ? 1_555 O   ? J HOH .  ? A HOH 558 ? 1_555 163.3 ? 
16 OE2 ? A GLU 66 ? A GLU 66  ? 1_555 MG ? D MG . ? A MG 403 ? 1_555 OE1 ? A GLU 70 ? A GLU 70  ? 1_555 92.2  ? 
17 OE2 ? A GLU 66 ? A GLU 66  ? 1_555 MG ? D MG . ? A MG 403 ? 1_555 O   ? J HOH .  ? A HOH 517 ? 1_555 92.9  ? 
18 OE1 ? A GLU 70 ? A GLU 70  ? 1_555 MG ? D MG . ? A MG 403 ? 1_555 O   ? J HOH .  ? A HOH 517 ? 1_555 73.5  ? 
19 OE2 ? A GLU 66 ? A GLU 66  ? 1_555 MG ? D MG . ? A MG 403 ? 1_555 O   ? J HOH .  ? A HOH 521 ? 1_555 89.7  ? 
20 OE1 ? A GLU 70 ? A GLU 70  ? 1_555 MG ? D MG . ? A MG 403 ? 1_555 O   ? J HOH .  ? A HOH 521 ? 1_555 110.9 ? 
21 O   ? J HOH .  ? A HOH 517 ? 1_555 MG ? D MG . ? A MG 403 ? 1_555 O   ? J HOH .  ? A HOH 521 ? 1_555 174.8 ? 
22 OE2 ? A GLU 66 ? A GLU 66  ? 1_555 MG ? D MG . ? A MG 403 ? 1_555 O   ? J HOH .  ? A HOH 569 ? 1_555 167.7 ? 
23 OE1 ? A GLU 70 ? A GLU 70  ? 1_555 MG ? D MG . ? A MG 403 ? 1_555 O   ? J HOH .  ? A HOH 569 ? 1_555 80.0  ? 
24 O   ? J HOH .  ? A HOH 517 ? 1_555 MG ? D MG . ? A MG 403 ? 1_555 O   ? J HOH .  ? A HOH 569 ? 1_555 93.9  ? 
25 O   ? J HOH .  ? A HOH 521 ? 1_555 MG ? D MG . ? A MG 403 ? 1_555 O   ? J HOH .  ? A HOH 569 ? 1_555 84.3  ? 
26 OE1 ? A GLU 66 ? A GLU 66  ? 1_555 MG ? E MG . ? A MG 404 ? 1_555 O   ? J HOH .  ? A HOH 512 ? 1_555 93.1  ? 
27 OE1 ? A GLU 66 ? A GLU 66  ? 1_555 MG ? E MG . ? A MG 404 ? 1_555 O   ? J HOH .  ? A HOH 513 ? 1_555 94.8  ? 
28 O   ? J HOH .  ? A HOH 512 ? 1_555 MG ? E MG . ? A MG 404 ? 1_555 O   ? J HOH .  ? A HOH 513 ? 1_555 171.9 ? 
29 OE1 ? A GLU 66 ? A GLU 66  ? 1_555 MG ? E MG . ? A MG 404 ? 1_555 O   ? J HOH .  ? A HOH 542 ? 1_555 83.9  ? 
30 O   ? J HOH .  ? A HOH 512 ? 1_555 MG ? E MG . ? A MG 404 ? 1_555 O   ? J HOH .  ? A HOH 542 ? 1_555 80.9  ? 
31 O   ? J HOH .  ? A HOH 513 ? 1_555 MG ? E MG . ? A MG 404 ? 1_555 O   ? J HOH .  ? A HOH 542 ? 1_555 98.0  ? 
32 OE1 ? A GLU 66 ? A GLU 66  ? 1_555 MG ? E MG . ? A MG 404 ? 1_555 O   ? J HOH .  ? A HOH 604 ? 1_555 165.7 ? 
33 O   ? J HOH .  ? A HOH 512 ? 1_555 MG ? E MG . ? A MG 404 ? 1_555 O   ? J HOH .  ? A HOH 604 ? 1_555 89.0  ? 
34 O   ? J HOH .  ? A HOH 513 ? 1_555 MG ? E MG . ? A MG 404 ? 1_555 O   ? J HOH .  ? A HOH 604 ? 1_555 82.9  ? 
35 O   ? J HOH .  ? A HOH 542 ? 1_555 MG ? E MG . ? A MG 404 ? 1_555 O   ? J HOH .  ? A HOH 604 ? 1_555 82.5  ? 
36 O32 ? B YUT .  ? A YUT 401 ? 1_555 MG ? F MG . ? A MG 405 ? 1_555 O   ? J HOH .  ? A HOH 507 ? 1_555 96.2  ? 
37 O32 ? B YUT .  ? A YUT 401 ? 1_555 MG ? F MG . ? A MG 405 ? 1_555 O   ? J HOH .  ? A HOH 509 ? 1_555 83.0  ? 
38 O   ? J HOH .  ? A HOH 507 ? 1_555 MG ? F MG . ? A MG 405 ? 1_555 O   ? J HOH .  ? A HOH 509 ? 1_555 83.4  ? 
39 O32 ? B YUT .  ? A YUT 401 ? 1_555 MG ? F MG . ? A MG 405 ? 1_555 O   ? J HOH .  ? A HOH 512 ? 1_555 114.1 ? 
40 O   ? J HOH .  ? A HOH 507 ? 1_555 MG ? F MG . ? A MG 405 ? 1_555 O   ? J HOH .  ? A HOH 512 ? 1_555 82.2  ? 
41 O   ? J HOH .  ? A HOH 509 ? 1_555 MG ? F MG . ? A MG 405 ? 1_555 O   ? J HOH .  ? A HOH 512 ? 1_555 158.7 ? 
42 O32 ? B YUT .  ? A YUT 401 ? 1_555 MG ? F MG . ? A MG 405 ? 1_555 O   ? J HOH .  ? A HOH 517 ? 1_555 89.7  ? 
43 O   ? J HOH .  ? A HOH 507 ? 1_555 MG ? F MG . ? A MG 405 ? 1_555 O   ? J HOH .  ? A HOH 517 ? 1_555 168.2 ? 
44 O   ? J HOH .  ? A HOH 509 ? 1_555 MG ? F MG . ? A MG 405 ? 1_555 O   ? J HOH .  ? A HOH 517 ? 1_555 87.2  ? 
45 O   ? J HOH .  ? A HOH 512 ? 1_555 MG ? F MG . ? A MG 405 ? 1_555 O   ? J HOH .  ? A HOH 517 ? 1_555 104.7 ? 
# 
loop_
_struct_sheet.id 
_struct_sheet.type 
_struct_sheet.number_strands 
_struct_sheet.details 
AA1 ? 4 ? 
AA2 ? 3 ? 
# 
loop_
_struct_sheet_order.sheet_id 
_struct_sheet_order.range_id_1 
_struct_sheet_order.range_id_2 
_struct_sheet_order.offset 
_struct_sheet_order.sense 
AA1 1 2 ? anti-parallel 
AA1 2 3 ? parallel      
AA1 3 4 ? anti-parallel 
AA2 1 2 ? anti-parallel 
AA2 2 3 ? anti-parallel 
# 
loop_
_struct_sheet_range.sheet_id 
_struct_sheet_range.id 
_struct_sheet_range.beg_label_comp_id 
_struct_sheet_range.beg_label_asym_id 
_struct_sheet_range.beg_label_seq_id 
_struct_sheet_range.pdbx_beg_PDB_ins_code 
_struct_sheet_range.end_label_comp_id 
_struct_sheet_range.end_label_asym_id 
_struct_sheet_range.end_label_seq_id 
_struct_sheet_range.pdbx_end_PDB_ins_code 
_struct_sheet_range.beg_auth_comp_id 
_struct_sheet_range.beg_auth_asym_id 
_struct_sheet_range.beg_auth_seq_id 
_struct_sheet_range.end_auth_comp_id 
_struct_sheet_range.end_auth_asym_id 
_struct_sheet_range.end_auth_seq_id 
AA1 1 GLY A 50  ? GLY A 52  ? GLY A 50  GLY A 52  
AA1 2 LYS A 18  ? PHE A 26  ? LYS A 18  PHE A 26  
AA1 3 HIS A 91  ? VAL A 103 ? HIS A 91  VAL A 103 
AA1 4 VAL A 73  ? ASN A 86  ? VAL A 73  ASN A 86  
AA2 1 TRP A 46  ? ILE A 47  ? TRP A 46  ILE A 47  
AA2 2 GLU A 33  ? SER A 38  ? GLU A 33  SER A 38  
AA2 3 ARG A 117 ? LYS A 121 ? ARG A 117 LYS A 121 
# 
loop_
_pdbx_struct_sheet_hbond.sheet_id 
_pdbx_struct_sheet_hbond.range_id_1 
_pdbx_struct_sheet_hbond.range_id_2 
_pdbx_struct_sheet_hbond.range_1_label_atom_id 
_pdbx_struct_sheet_hbond.range_1_label_comp_id 
_pdbx_struct_sheet_hbond.range_1_label_asym_id 
_pdbx_struct_sheet_hbond.range_1_label_seq_id 
_pdbx_struct_sheet_hbond.range_1_PDB_ins_code 
_pdbx_struct_sheet_hbond.range_1_auth_atom_id 
_pdbx_struct_sheet_hbond.range_1_auth_comp_id 
_pdbx_struct_sheet_hbond.range_1_auth_asym_id 
_pdbx_struct_sheet_hbond.range_1_auth_seq_id 
_pdbx_struct_sheet_hbond.range_2_label_atom_id 
_pdbx_struct_sheet_hbond.range_2_label_comp_id 
_pdbx_struct_sheet_hbond.range_2_label_asym_id 
_pdbx_struct_sheet_hbond.range_2_label_seq_id 
_pdbx_struct_sheet_hbond.range_2_PDB_ins_code 
_pdbx_struct_sheet_hbond.range_2_auth_atom_id 
_pdbx_struct_sheet_hbond.range_2_auth_comp_id 
_pdbx_struct_sheet_hbond.range_2_auth_asym_id 
_pdbx_struct_sheet_hbond.range_2_auth_seq_id 
AA1 1 2 O GLY A 51 ? O GLY A 51 N ALA A 21  ? N ALA A 21  
AA1 2 3 N PHE A 26 ? N PHE A 26 O VAL A 100 ? O VAL A 100 
AA1 3 4 O VAL A 97 ? O VAL A 97 N GLY A 78  ? N GLY A 78  
AA2 1 2 O ILE A 47 ? O ILE A 47 N VAL A 37  ? N VAL A 37  
AA2 2 3 N VAL A 34 ? N VAL A 34 O PHE A 120 ? O PHE A 120 
# 
_pdbx_validate_torsion.id              1 
_pdbx_validate_torsion.PDB_model_num   1 
_pdbx_validate_torsion.auth_comp_id    GLU 
_pdbx_validate_torsion.auth_asym_id    A 
_pdbx_validate_torsion.auth_seq_id     56 
_pdbx_validate_torsion.PDB_ins_code    ? 
_pdbx_validate_torsion.label_alt_id    ? 
_pdbx_validate_torsion.phi             58.04 
_pdbx_validate_torsion.psi             19.62 
# 
_pdbx_entry_details.entry_id                 8G9C 
_pdbx_entry_details.has_ligand_of_interest   Y 
_pdbx_entry_details.compound_details         ? 
_pdbx_entry_details.source_details           ? 
_pdbx_entry_details.nonpolymer_details       ? 
_pdbx_entry_details.sequence_details         ? 
# 
loop_
_pdbx_unobs_or_zero_occ_residues.id 
_pdbx_unobs_or_zero_occ_residues.PDB_model_num 
_pdbx_unobs_or_zero_occ_residues.polymer_flag 
_pdbx_unobs_or_zero_occ_residues.occupancy_flag 
_pdbx_unobs_or_zero_occ_residues.auth_asym_id 
_pdbx_unobs_or_zero_occ_residues.auth_comp_id 
_pdbx_unobs_or_zero_occ_residues.auth_seq_id 
_pdbx_unobs_or_zero_occ_residues.PDB_ins_code 
_pdbx_unobs_or_zero_occ_residues.label_asym_id 
_pdbx_unobs_or_zero_occ_residues.label_comp_id 
_pdbx_unobs_or_zero_occ_residues.label_seq_id 
1  1 Y 1 A MET 1   ? A MET 1   
2  1 Y 1 A MET 2   ? A MET 2   
3  1 Y 1 A LYS 3   ? A LYS 3   
4  1 Y 1 A LEU 4   ? A LEU 4   
5  1 Y 1 A LYS 5   ? A LYS 5   
6  1 Y 1 A SER 6   ? A SER 6   
7  1 Y 1 A ASN 7   ? A ASN 7   
8  1 Y 1 A GLN 8   ? A GLN 8   
9  1 Y 1 A LEU 143 ? A LEU 143 
10 1 Y 1 A ARG 144 ? A ARG 144 
11 1 Y 1 A GLN 145 ? A GLN 145 
12 1 Y 1 A GLY 146 ? A GLY 146 
13 1 Y 1 A TYR 147 ? A TYR 147 
14 1 Y 1 A SER 148 ? A SER 148 
15 1 Y 1 A ALA 149 ? A ALA 149 
16 1 Y 1 A ASN 150 ? A ASN 150 
17 1 Y 1 A ASN 151 ? A ASN 151 
18 1 Y 1 A GLY 152 ? A GLY 152 
19 1 Y 1 A THR 153 ? A THR 153 
20 1 Y 1 A PRO 154 ? A PRO 154 
21 1 Y 1 A VAL 155 ? A VAL 155 
22 1 Y 1 A VAL 156 ? A VAL 156 
23 1 Y 1 A ALA 157 ? A ALA 157 
24 1 Y 1 A THR 158 ? A THR 158 
25 1 Y 1 A THR 159 ? A THR 159 
26 1 Y 1 A TYR 160 ? A TYR 160 
27 1 Y 1 A SER 161 ? A SER 161 
28 1 Y 1 A VAL 162 ? A VAL 162 
29 1 Y 1 A SER 163 ? A SER 163 
30 1 Y 1 A ALA 164 ? A ALA 164 
31 1 Y 1 A GLN 165 ? A GLN 165 
32 1 Y 1 A SER 166 ? A SER 166 
33 1 Y 1 A SER 167 ? A SER 167 
34 1 Y 1 A MET 168 ? A MET 168 
35 1 Y 1 A SER 169 ? A SER 169 
36 1 Y 1 A GLY 170 ? A GLY 170 
37 1 Y 1 A ILE 171 ? A ILE 171 
38 1 Y 1 A ARG 172 ? A ARG 172 
# 
loop_
_chem_comp_atom.comp_id 
_chem_comp_atom.atom_id 
_chem_comp_atom.type_symbol 
_chem_comp_atom.pdbx_aromatic_flag 
_chem_comp_atom.pdbx_stereo_config 
_chem_comp_atom.pdbx_ordinal 
ALA N    N  N N 1   
ALA CA   C  N S 2   
ALA C    C  N N 3   
ALA O    O  N N 4   
ALA CB   C  N N 5   
ALA OXT  O  N N 6   
ALA H    H  N N 7   
ALA H2   H  N N 8   
ALA HA   H  N N 9   
ALA HB1  H  N N 10  
ALA HB2  H  N N 11  
ALA HB3  H  N N 12  
ALA HXT  H  N N 13  
ARG N    N  N N 14  
ARG CA   C  N S 15  
ARG C    C  N N 16  
ARG O    O  N N 17  
ARG CB   C  N N 18  
ARG CG   C  N N 19  
ARG CD   C  N N 20  
ARG NE   N  N N 21  
ARG CZ   C  N N 22  
ARG NH1  N  N N 23  
ARG NH2  N  N N 24  
ARG OXT  O  N N 25  
ARG H    H  N N 26  
ARG H2   H  N N 27  
ARG HA   H  N N 28  
ARG HB2  H  N N 29  
ARG HB3  H  N N 30  
ARG HG2  H  N N 31  
ARG HG3  H  N N 32  
ARG HD2  H  N N 33  
ARG HD3  H  N N 34  
ARG HE   H  N N 35  
ARG HH11 H  N N 36  
ARG HH12 H  N N 37  
ARG HH21 H  N N 38  
ARG HH22 H  N N 39  
ARG HXT  H  N N 40  
ASN N    N  N N 41  
ASN CA   C  N S 42  
ASN C    C  N N 43  
ASN O    O  N N 44  
ASN CB   C  N N 45  
ASN CG   C  N N 46  
ASN OD1  O  N N 47  
ASN ND2  N  N N 48  
ASN OXT  O  N N 49  
ASN H    H  N N 50  
ASN H2   H  N N 51  
ASN HA   H  N N 52  
ASN HB2  H  N N 53  
ASN HB3  H  N N 54  
ASN HD21 H  N N 55  
ASN HD22 H  N N 56  
ASN HXT  H  N N 57  
ASP N    N  N N 58  
ASP CA   C  N S 59  
ASP C    C  N N 60  
ASP O    O  N N 61  
ASP CB   C  N N 62  
ASP CG   C  N N 63  
ASP OD1  O  N N 64  
ASP OD2  O  N N 65  
ASP OXT  O  N N 66  
ASP H    H  N N 67  
ASP H2   H  N N 68  
ASP HA   H  N N 69  
ASP HB2  H  N N 70  
ASP HB3  H  N N 71  
ASP HD2  H  N N 72  
ASP HXT  H  N N 73  
CL  CL   CL N N 74  
CYS N    N  N N 75  
CYS CA   C  N R 76  
CYS C    C  N N 77  
CYS O    O  N N 78  
CYS CB   C  N N 79  
CYS SG   S  N N 80  
CYS OXT  O  N N 81  
CYS H    H  N N 82  
CYS H2   H  N N 83  
CYS HA   H  N N 84  
CYS HB2  H  N N 85  
CYS HB3  H  N N 86  
CYS HG   H  N N 87  
CYS HXT  H  N N 88  
F   F    F  N N 89  
GLN N    N  N N 90  
GLN CA   C  N S 91  
GLN C    C  N N 92  
GLN O    O  N N 93  
GLN CB   C  N N 94  
GLN CG   C  N N 95  
GLN CD   C  N N 96  
GLN OE1  O  N N 97  
GLN NE2  N  N N 98  
GLN OXT  O  N N 99  
GLN H    H  N N 100 
GLN H2   H  N N 101 
GLN HA   H  N N 102 
GLN HB2  H  N N 103 
GLN HB3  H  N N 104 
GLN HG2  H  N N 105 
GLN HG3  H  N N 106 
GLN HE21 H  N N 107 
GLN HE22 H  N N 108 
GLN HXT  H  N N 109 
GLU N    N  N N 110 
GLU CA   C  N S 111 
GLU C    C  N N 112 
GLU O    O  N N 113 
GLU CB   C  N N 114 
GLU CG   C  N N 115 
GLU CD   C  N N 116 
GLU OE1  O  N N 117 
GLU OE2  O  N N 118 
GLU OXT  O  N N 119 
GLU H    H  N N 120 
GLU H2   H  N N 121 
GLU HA   H  N N 122 
GLU HB2  H  N N 123 
GLU HB3  H  N N 124 
GLU HG2  H  N N 125 
GLU HG3  H  N N 126 
GLU HE2  H  N N 127 
GLU HXT  H  N N 128 
GLY N    N  N N 129 
GLY CA   C  N N 130 
GLY C    C  N N 131 
GLY O    O  N N 132 
GLY OXT  O  N N 133 
GLY H    H  N N 134 
GLY H2   H  N N 135 
GLY HA2  H  N N 136 
GLY HA3  H  N N 137 
GLY HXT  H  N N 138 
HIS N    N  N N 139 
HIS CA   C  N S 140 
HIS C    C  N N 141 
HIS O    O  N N 142 
HIS CB   C  N N 143 
HIS CG   C  Y N 144 
HIS ND1  N  Y N 145 
HIS CD2  C  Y N 146 
HIS CE1  C  Y N 147 
HIS NE2  N  Y N 148 
HIS OXT  O  N N 149 
HIS H    H  N N 150 
HIS H2   H  N N 151 
HIS HA   H  N N 152 
HIS HB2  H  N N 153 
HIS HB3  H  N N 154 
HIS HD1  H  N N 155 
HIS HD2  H  N N 156 
HIS HE1  H  N N 157 
HIS HE2  H  N N 158 
HIS HXT  H  N N 159 
HOH O    O  N N 160 
HOH H1   H  N N 161 
HOH H2   H  N N 162 
ILE N    N  N N 163 
ILE CA   C  N S 164 
ILE C    C  N N 165 
ILE O    O  N N 166 
ILE CB   C  N S 167 
ILE CG1  C  N N 168 
ILE CG2  C  N N 169 
ILE CD1  C  N N 170 
ILE OXT  O  N N 171 
ILE H    H  N N 172 
ILE H2   H  N N 173 
ILE HA   H  N N 174 
ILE HB   H  N N 175 
ILE HG12 H  N N 176 
ILE HG13 H  N N 177 
ILE HG21 H  N N 178 
ILE HG22 H  N N 179 
ILE HG23 H  N N 180 
ILE HD11 H  N N 181 
ILE HD12 H  N N 182 
ILE HD13 H  N N 183 
ILE HXT  H  N N 184 
LEU N    N  N N 185 
LEU CA   C  N S 186 
LEU C    C  N N 187 
LEU O    O  N N 188 
LEU CB   C  N N 189 
LEU CG   C  N N 190 
LEU CD1  C  N N 191 
LEU CD2  C  N N 192 
LEU OXT  O  N N 193 
LEU H    H  N N 194 
LEU H2   H  N N 195 
LEU HA   H  N N 196 
LEU HB2  H  N N 197 
LEU HB3  H  N N 198 
LEU HG   H  N N 199 
LEU HD11 H  N N 200 
LEU HD12 H  N N 201 
LEU HD13 H  N N 202 
LEU HD21 H  N N 203 
LEU HD22 H  N N 204 
LEU HD23 H  N N 205 
LEU HXT  H  N N 206 
LYS N    N  N N 207 
LYS CA   C  N S 208 
LYS C    C  N N 209 
LYS O    O  N N 210 
LYS CB   C  N N 211 
LYS CG   C  N N 212 
LYS CD   C  N N 213 
LYS CE   C  N N 214 
LYS NZ   N  N N 215 
LYS OXT  O  N N 216 
LYS H    H  N N 217 
LYS H2   H  N N 218 
LYS HA   H  N N 219 
LYS HB2  H  N N 220 
LYS HB3  H  N N 221 
LYS HG2  H  N N 222 
LYS HG3  H  N N 223 
LYS HD2  H  N N 224 
LYS HD3  H  N N 225 
LYS HE2  H  N N 226 
LYS HE3  H  N N 227 
LYS HZ1  H  N N 228 
LYS HZ2  H  N N 229 
LYS HZ3  H  N N 230 
LYS HXT  H  N N 231 
MET N    N  N N 232 
MET CA   C  N S 233 
MET C    C  N N 234 
MET O    O  N N 235 
MET CB   C  N N 236 
MET CG   C  N N 237 
MET SD   S  N N 238 
MET CE   C  N N 239 
MET OXT  O  N N 240 
MET H    H  N N 241 
MET H2   H  N N 242 
MET HA   H  N N 243 
MET HB2  H  N N 244 
MET HB3  H  N N 245 
MET HG2  H  N N 246 
MET HG3  H  N N 247 
MET HE1  H  N N 248 
MET HE2  H  N N 249 
MET HE3  H  N N 250 
MET HXT  H  N N 251 
MG  MG   MG N N 252 
PHE N    N  N N 253 
PHE CA   C  N S 254 
PHE C    C  N N 255 
PHE O    O  N N 256 
PHE CB   C  N N 257 
PHE CG   C  Y N 258 
PHE CD1  C  Y N 259 
PHE CD2  C  Y N 260 
PHE CE1  C  Y N 261 
PHE CE2  C  Y N 262 
PHE CZ   C  Y N 263 
PHE OXT  O  N N 264 
PHE H    H  N N 265 
PHE H2   H  N N 266 
PHE HA   H  N N 267 
PHE HB2  H  N N 268 
PHE HB3  H  N N 269 
PHE HD1  H  N N 270 
PHE HD2  H  N N 271 
PHE HE1  H  N N 272 
PHE HE2  H  N N 273 
PHE HZ   H  N N 274 
PHE HXT  H  N N 275 
PRO N    N  N N 276 
PRO CA   C  N S 277 
PRO C    C  N N 278 
PRO O    O  N N 279 
PRO CB   C  N N 280 
PRO CG   C  N N 281 
PRO CD   C  N N 282 
PRO OXT  O  N N 283 
PRO H    H  N N 284 
PRO HA   H  N N 285 
PRO HB2  H  N N 286 
PRO HB3  H  N N 287 
PRO HG2  H  N N 288 
PRO HG3  H  N N 289 
PRO HD2  H  N N 290 
PRO HD3  H  N N 291 
PRO HXT  H  N N 292 
SER N    N  N N 293 
SER CA   C  N S 294 
SER C    C  N N 295 
SER O    O  N N 296 
SER CB   C  N N 297 
SER OG   O  N N 298 
SER OXT  O  N N 299 
SER H    H  N N 300 
SER H2   H  N N 301 
SER HA   H  N N 302 
SER HB2  H  N N 303 
SER HB3  H  N N 304 
SER HG   H  N N 305 
SER HXT  H  N N 306 
THR N    N  N N 307 
THR CA   C  N S 308 
THR C    C  N N 309 
THR O    O  N N 310 
THR CB   C  N R 311 
THR OG1  O  N N 312 
THR CG2  C  N N 313 
THR OXT  O  N N 314 
THR H    H  N N 315 
THR H2   H  N N 316 
THR HA   H  N N 317 
THR HB   H  N N 318 
THR HG1  H  N N 319 
THR HG21 H  N N 320 
THR HG22 H  N N 321 
THR HG23 H  N N 322 
THR HXT  H  N N 323 
TRP N    N  N N 324 
TRP CA   C  N S 325 
TRP C    C  N N 326 
TRP O    O  N N 327 
TRP CB   C  N N 328 
TRP CG   C  Y N 329 
TRP CD1  C  Y N 330 
TRP CD2  C  Y N 331 
TRP NE1  N  Y N 332 
TRP CE2  C  Y N 333 
TRP CE3  C  Y N 334 
TRP CZ2  C  Y N 335 
TRP CZ3  C  Y N 336 
TRP CH2  C  Y N 337 
TRP OXT  O  N N 338 
TRP H    H  N N 339 
TRP H2   H  N N 340 
TRP HA   H  N N 341 
TRP HB2  H  N N 342 
TRP HB3  H  N N 343 
TRP HD1  H  N N 344 
TRP HE1  H  N N 345 
TRP HE3  H  N N 346 
TRP HZ2  H  N N 347 
TRP HZ3  H  N N 348 
TRP HH2  H  N N 349 
TRP HXT  H  N N 350 
TYR N    N  N N 351 
TYR CA   C  N S 352 
TYR C    C  N N 353 
TYR O    O  N N 354 
TYR CB   C  N N 355 
TYR CG   C  Y N 356 
TYR CD1  C  Y N 357 
TYR CD2  C  Y N 358 
TYR CE1  C  Y N 359 
TYR CE2  C  Y N 360 
TYR CZ   C  Y N 361 
TYR OH   O  N N 362 
TYR OXT  O  N N 363 
TYR H    H  N N 364 
TYR H2   H  N N 365 
TYR HA   H  N N 366 
TYR HB2  H  N N 367 
TYR HB3  H  N N 368 
TYR HD1  H  N N 369 
TYR HD2  H  N N 370 
TYR HE1  H  N N 371 
TYR HE2  H  N N 372 
TYR HH   H  N N 373 
TYR HXT  H  N N 374 
VAL N    N  N N 375 
VAL CA   C  N S 376 
VAL C    C  N N 377 
VAL O    O  N N 378 
VAL CB   C  N N 379 
VAL CG1  C  N N 380 
VAL CG2  C  N N 381 
VAL OXT  O  N N 382 
VAL H    H  N N 383 
VAL H2   H  N N 384 
VAL HA   H  N N 385 
VAL HB   H  N N 386 
VAL HG11 H  N N 387 
VAL HG12 H  N N 388 
VAL HG13 H  N N 389 
VAL HG21 H  N N 390 
VAL HG22 H  N N 391 
VAL HG23 H  N N 392 
VAL HXT  H  N N 393 
YUT C5   C  N N 394 
YUT C4   C  N S 395 
YUT C2   C  N N 396 
YUT C1   C  N S 397 
YUT C3   C  N R 398 
YUT O55  O  N N 399 
YUT PB5  P  N N 400 
YUT O65  O  N N 401 
YUT O75  O  N N 402 
YUT C45  C  N N 403 
YUT F51  F  N N 404 
YUT F52  F  N N 405 
YUT PA5  P  N N 406 
YUT O25  O  N N 407 
YUT O35  O  N N 408 
YUT O15  O  N N 409 
YUT O14  O  N N 410 
YUT PA4  P  N N 411 
YUT O34  O  N N 412 
YUT O44  O  N N 413 
YUT O24  O  N N 414 
YUT O13  O  N N 415 
YUT PA3  P  N N 416 
YUT O33  O  N N 417 
YUT O43  O  N N 418 
YUT O23  O  N N 419 
YUT O12  O  N N 420 
YUT PA2  P  N N 421 
YUT O32  O  N N 422 
YUT O42  O  N N 423 
YUT O22  O  N N 424 
YUT O11  O  N N 425 
YUT PA1  P  N N 426 
YUT O31  O  N N 427 
YUT O41  O  N N 428 
YUT O21  O  N N 429 
YUT C6   C  N R 430 
YUT O16  O  N N 431 
YUT PA6  P  N N 432 
YUT O36  O  N N 433 
YUT O46  O  N N 434 
YUT O26  O  N N 435 
YUT H1   H  N N 436 
YUT H2   H  N N 437 
YUT H3   H  N N 438 
YUT H4   H  N N 439 
YUT H5   H  N N 440 
YUT H6   H  N N 441 
YUT H7   H  N N 442 
YUT H8   H  N N 443 
YUT H9   H  N N 444 
YUT H10  H  N N 445 
YUT H11  H  N N 446 
YUT H12  H  N N 447 
YUT H13  H  N N 448 
YUT H14  H  N N 449 
YUT H15  H  N N 450 
YUT H16  H  N N 451 
YUT H17  H  N N 452 
YUT H18  H  N N 453 
YUT H19  H  N N 454 
# 
loop_
_chem_comp_bond.comp_id 
_chem_comp_bond.atom_id_1 
_chem_comp_bond.atom_id_2 
_chem_comp_bond.value_order 
_chem_comp_bond.pdbx_aromatic_flag 
_chem_comp_bond.pdbx_stereo_config 
_chem_comp_bond.pdbx_ordinal 
ALA N   CA   sing N N 1   
ALA N   H    sing N N 2   
ALA N   H2   sing N N 3   
ALA CA  C    sing N N 4   
ALA CA  CB   sing N N 5   
ALA CA  HA   sing N N 6   
ALA C   O    doub N N 7   
ALA C   OXT  sing N N 8   
ALA CB  HB1  sing N N 9   
ALA CB  HB2  sing N N 10  
ALA CB  HB3  sing N N 11  
ALA OXT HXT  sing N N 12  
ARG N   CA   sing N N 13  
ARG N   H    sing N N 14  
ARG N   H2   sing N N 15  
ARG CA  C    sing N N 16  
ARG CA  CB   sing N N 17  
ARG CA  HA   sing N N 18  
ARG C   O    doub N N 19  
ARG C   OXT  sing N N 20  
ARG CB  CG   sing N N 21  
ARG CB  HB2  sing N N 22  
ARG CB  HB3  sing N N 23  
ARG CG  CD   sing N N 24  
ARG CG  HG2  sing N N 25  
ARG CG  HG3  sing N N 26  
ARG CD  NE   sing N N 27  
ARG CD  HD2  sing N N 28  
ARG CD  HD3  sing N N 29  
ARG NE  CZ   sing N N 30  
ARG NE  HE   sing N N 31  
ARG CZ  NH1  sing N N 32  
ARG CZ  NH2  doub N N 33  
ARG NH1 HH11 sing N N 34  
ARG NH1 HH12 sing N N 35  
ARG NH2 HH21 sing N N 36  
ARG NH2 HH22 sing N N 37  
ARG OXT HXT  sing N N 38  
ASN N   CA   sing N N 39  
ASN N   H    sing N N 40  
ASN N   H2   sing N N 41  
ASN CA  C    sing N N 42  
ASN CA  CB   sing N N 43  
ASN CA  HA   sing N N 44  
ASN C   O    doub N N 45  
ASN C   OXT  sing N N 46  
ASN CB  CG   sing N N 47  
ASN CB  HB2  sing N N 48  
ASN CB  HB3  sing N N 49  
ASN CG  OD1  doub N N 50  
ASN CG  ND2  sing N N 51  
ASN ND2 HD21 sing N N 52  
ASN ND2 HD22 sing N N 53  
ASN OXT HXT  sing N N 54  
ASP N   CA   sing N N 55  
ASP N   H    sing N N 56  
ASP N   H2   sing N N 57  
ASP CA  C    sing N N 58  
ASP CA  CB   sing N N 59  
ASP CA  HA   sing N N 60  
ASP C   O    doub N N 61  
ASP C   OXT  sing N N 62  
ASP CB  CG   sing N N 63  
ASP CB  HB2  sing N N 64  
ASP CB  HB3  sing N N 65  
ASP CG  OD1  doub N N 66  
ASP CG  OD2  sing N N 67  
ASP OD2 HD2  sing N N 68  
ASP OXT HXT  sing N N 69  
CYS N   CA   sing N N 70  
CYS N   H    sing N N 71  
CYS N   H2   sing N N 72  
CYS CA  C    sing N N 73  
CYS CA  CB   sing N N 74  
CYS CA  HA   sing N N 75  
CYS C   O    doub N N 76  
CYS C   OXT  sing N N 77  
CYS CB  SG   sing N N 78  
CYS CB  HB2  sing N N 79  
CYS CB  HB3  sing N N 80  
CYS SG  HG   sing N N 81  
CYS OXT HXT  sing N N 82  
GLN N   CA   sing N N 83  
GLN N   H    sing N N 84  
GLN N   H2   sing N N 85  
GLN CA  C    sing N N 86  
GLN CA  CB   sing N N 87  
GLN CA  HA   sing N N 88  
GLN C   O    doub N N 89  
GLN C   OXT  sing N N 90  
GLN CB  CG   sing N N 91  
GLN CB  HB2  sing N N 92  
GLN CB  HB3  sing N N 93  
GLN CG  CD   sing N N 94  
GLN CG  HG2  sing N N 95  
GLN CG  HG3  sing N N 96  
GLN CD  OE1  doub N N 97  
GLN CD  NE2  sing N N 98  
GLN NE2 HE21 sing N N 99  
GLN NE2 HE22 sing N N 100 
GLN OXT HXT  sing N N 101 
GLU N   CA   sing N N 102 
GLU N   H    sing N N 103 
GLU N   H2   sing N N 104 
GLU CA  C    sing N N 105 
GLU CA  CB   sing N N 106 
GLU CA  HA   sing N N 107 
GLU C   O    doub N N 108 
GLU C   OXT  sing N N 109 
GLU CB  CG   sing N N 110 
GLU CB  HB2  sing N N 111 
GLU CB  HB3  sing N N 112 
GLU CG  CD   sing N N 113 
GLU CG  HG2  sing N N 114 
GLU CG  HG3  sing N N 115 
GLU CD  OE1  doub N N 116 
GLU CD  OE2  sing N N 117 
GLU OE2 HE2  sing N N 118 
GLU OXT HXT  sing N N 119 
GLY N   CA   sing N N 120 
GLY N   H    sing N N 121 
GLY N   H2   sing N N 122 
GLY CA  C    sing N N 123 
GLY CA  HA2  sing N N 124 
GLY CA  HA3  sing N N 125 
GLY C   O    doub N N 126 
GLY C   OXT  sing N N 127 
GLY OXT HXT  sing N N 128 
HIS N   CA   sing N N 129 
HIS N   H    sing N N 130 
HIS N   H2   sing N N 131 
HIS CA  C    sing N N 132 
HIS CA  CB   sing N N 133 
HIS CA  HA   sing N N 134 
HIS C   O    doub N N 135 
HIS C   OXT  sing N N 136 
HIS CB  CG   sing N N 137 
HIS CB  HB2  sing N N 138 
HIS CB  HB3  sing N N 139 
HIS CG  ND1  sing Y N 140 
HIS CG  CD2  doub Y N 141 
HIS ND1 CE1  doub Y N 142 
HIS ND1 HD1  sing N N 143 
HIS CD2 NE2  sing Y N 144 
HIS CD2 HD2  sing N N 145 
HIS CE1 NE2  sing Y N 146 
HIS CE1 HE1  sing N N 147 
HIS NE2 HE2  sing N N 148 
HIS OXT HXT  sing N N 149 
HOH O   H1   sing N N 150 
HOH O   H2   sing N N 151 
ILE N   CA   sing N N 152 
ILE N   H    sing N N 153 
ILE N   H2   sing N N 154 
ILE CA  C    sing N N 155 
ILE CA  CB   sing N N 156 
ILE CA  HA   sing N N 157 
ILE C   O    doub N N 158 
ILE C   OXT  sing N N 159 
ILE CB  CG1  sing N N 160 
ILE CB  CG2  sing N N 161 
ILE CB  HB   sing N N 162 
ILE CG1 CD1  sing N N 163 
ILE CG1 HG12 sing N N 164 
ILE CG1 HG13 sing N N 165 
ILE CG2 HG21 sing N N 166 
ILE CG2 HG22 sing N N 167 
ILE CG2 HG23 sing N N 168 
ILE CD1 HD11 sing N N 169 
ILE CD1 HD12 sing N N 170 
ILE CD1 HD13 sing N N 171 
ILE OXT HXT  sing N N 172 
LEU N   CA   sing N N 173 
LEU N   H    sing N N 174 
LEU N   H2   sing N N 175 
LEU CA  C    sing N N 176 
LEU CA  CB   sing N N 177 
LEU CA  HA   sing N N 178 
LEU C   O    doub N N 179 
LEU C   OXT  sing N N 180 
LEU CB  CG   sing N N 181 
LEU CB  HB2  sing N N 182 
LEU CB  HB3  sing N N 183 
LEU CG  CD1  sing N N 184 
LEU CG  CD2  sing N N 185 
LEU CG  HG   sing N N 186 
LEU CD1 HD11 sing N N 187 
LEU CD1 HD12 sing N N 188 
LEU CD1 HD13 sing N N 189 
LEU CD2 HD21 sing N N 190 
LEU CD2 HD22 sing N N 191 
LEU CD2 HD23 sing N N 192 
LEU OXT HXT  sing N N 193 
LYS N   CA   sing N N 194 
LYS N   H    sing N N 195 
LYS N   H2   sing N N 196 
LYS CA  C    sing N N 197 
LYS CA  CB   sing N N 198 
LYS CA  HA   sing N N 199 
LYS C   O    doub N N 200 
LYS C   OXT  sing N N 201 
LYS CB  CG   sing N N 202 
LYS CB  HB2  sing N N 203 
LYS CB  HB3  sing N N 204 
LYS CG  CD   sing N N 205 
LYS CG  HG2  sing N N 206 
LYS CG  HG3  sing N N 207 
LYS CD  CE   sing N N 208 
LYS CD  HD2  sing N N 209 
LYS CD  HD3  sing N N 210 
LYS CE  NZ   sing N N 211 
LYS CE  HE2  sing N N 212 
LYS CE  HE3  sing N N 213 
LYS NZ  HZ1  sing N N 214 
LYS NZ  HZ2  sing N N 215 
LYS NZ  HZ3  sing N N 216 
LYS OXT HXT  sing N N 217 
MET N   CA   sing N N 218 
MET N   H    sing N N 219 
MET N   H2   sing N N 220 
MET CA  C    sing N N 221 
MET CA  CB   sing N N 222 
MET CA  HA   sing N N 223 
MET C   O    doub N N 224 
MET C   OXT  sing N N 225 
MET CB  CG   sing N N 226 
MET CB  HB2  sing N N 227 
MET CB  HB3  sing N N 228 
MET CG  SD   sing N N 229 
MET CG  HG2  sing N N 230 
MET CG  HG3  sing N N 231 
MET SD  CE   sing N N 232 
MET CE  HE1  sing N N 233 
MET CE  HE2  sing N N 234 
MET CE  HE3  sing N N 235 
MET OXT HXT  sing N N 236 
PHE N   CA   sing N N 237 
PHE N   H    sing N N 238 
PHE N   H2   sing N N 239 
PHE CA  C    sing N N 240 
PHE CA  CB   sing N N 241 
PHE CA  HA   sing N N 242 
PHE C   O    doub N N 243 
PHE C   OXT  sing N N 244 
PHE CB  CG   sing N N 245 
PHE CB  HB2  sing N N 246 
PHE CB  HB3  sing N N 247 
PHE CG  CD1  doub Y N 248 
PHE CG  CD2  sing Y N 249 
PHE CD1 CE1  sing Y N 250 
PHE CD1 HD1  sing N N 251 
PHE CD2 CE2  doub Y N 252 
PHE CD2 HD2  sing N N 253 
PHE CE1 CZ   doub Y N 254 
PHE CE1 HE1  sing N N 255 
PHE CE2 CZ   sing Y N 256 
PHE CE2 HE2  sing N N 257 
PHE CZ  HZ   sing N N 258 
PHE OXT HXT  sing N N 259 
PRO N   CA   sing N N 260 
PRO N   CD   sing N N 261 
PRO N   H    sing N N 262 
PRO CA  C    sing N N 263 
PRO CA  CB   sing N N 264 
PRO CA  HA   sing N N 265 
PRO C   O    doub N N 266 
PRO C   OXT  sing N N 267 
PRO CB  CG   sing N N 268 
PRO CB  HB2  sing N N 269 
PRO CB  HB3  sing N N 270 
PRO CG  CD   sing N N 271 
PRO CG  HG2  sing N N 272 
PRO CG  HG3  sing N N 273 
PRO CD  HD2  sing N N 274 
PRO CD  HD3  sing N N 275 
PRO OXT HXT  sing N N 276 
SER N   CA   sing N N 277 
SER N   H    sing N N 278 
SER N   H2   sing N N 279 
SER CA  C    sing N N 280 
SER CA  CB   sing N N 281 
SER CA  HA   sing N N 282 
SER C   O    doub N N 283 
SER C   OXT  sing N N 284 
SER CB  OG   sing N N 285 
SER CB  HB2  sing N N 286 
SER CB  HB3  sing N N 287 
SER OG  HG   sing N N 288 
SER OXT HXT  sing N N 289 
THR N   CA   sing N N 290 
THR N   H    sing N N 291 
THR N   H2   sing N N 292 
THR CA  C    sing N N 293 
THR CA  CB   sing N N 294 
THR CA  HA   sing N N 295 
THR C   O    doub N N 296 
THR C   OXT  sing N N 297 
THR CB  OG1  sing N N 298 
THR CB  CG2  sing N N 299 
THR CB  HB   sing N N 300 
THR OG1 HG1  sing N N 301 
THR CG2 HG21 sing N N 302 
THR CG2 HG22 sing N N 303 
THR CG2 HG23 sing N N 304 
THR OXT HXT  sing N N 305 
TRP N   CA   sing N N 306 
TRP N   H    sing N N 307 
TRP N   H2   sing N N 308 
TRP CA  C    sing N N 309 
TRP CA  CB   sing N N 310 
TRP CA  HA   sing N N 311 
TRP C   O    doub N N 312 
TRP C   OXT  sing N N 313 
TRP CB  CG   sing N N 314 
TRP CB  HB2  sing N N 315 
TRP CB  HB3  sing N N 316 
TRP CG  CD1  doub Y N 317 
TRP CG  CD2  sing Y N 318 
TRP CD1 NE1  sing Y N 319 
TRP CD1 HD1  sing N N 320 
TRP CD2 CE2  doub Y N 321 
TRP CD2 CE3  sing Y N 322 
TRP NE1 CE2  sing Y N 323 
TRP NE1 HE1  sing N N 324 
TRP CE2 CZ2  sing Y N 325 
TRP CE3 CZ3  doub Y N 326 
TRP CE3 HE3  sing N N 327 
TRP CZ2 CH2  doub Y N 328 
TRP CZ2 HZ2  sing N N 329 
TRP CZ3 CH2  sing Y N 330 
TRP CZ3 HZ3  sing N N 331 
TRP CH2 HH2  sing N N 332 
TRP OXT HXT  sing N N 333 
TYR N   CA   sing N N 334 
TYR N   H    sing N N 335 
TYR N   H2   sing N N 336 
TYR CA  C    sing N N 337 
TYR CA  CB   sing N N 338 
TYR CA  HA   sing N N 339 
TYR C   O    doub N N 340 
TYR C   OXT  sing N N 341 
TYR CB  CG   sing N N 342 
TYR CB  HB2  sing N N 343 
TYR CB  HB3  sing N N 344 
TYR CG  CD1  doub Y N 345 
TYR CG  CD2  sing Y N 346 
TYR CD1 CE1  sing Y N 347 
TYR CD1 HD1  sing N N 348 
TYR CD2 CE2  doub Y N 349 
TYR CD2 HD2  sing N N 350 
TYR CE1 CZ   doub Y N 351 
TYR CE1 HE1  sing N N 352 
TYR CE2 CZ   sing Y N 353 
TYR CE2 HE2  sing N N 354 
TYR CZ  OH   sing N N 355 
TYR OH  HH   sing N N 356 
TYR OXT HXT  sing N N 357 
VAL N   CA   sing N N 358 
VAL N   H    sing N N 359 
VAL N   H2   sing N N 360 
VAL CA  C    sing N N 361 
VAL CA  CB   sing N N 362 
VAL CA  HA   sing N N 363 
VAL C   O    doub N N 364 
VAL C   OXT  sing N N 365 
VAL CB  CG1  sing N N 366 
VAL CB  CG2  sing N N 367 
VAL CB  HB   sing N N 368 
VAL CG1 HG11 sing N N 369 
VAL CG1 HG12 sing N N 370 
VAL CG1 HG13 sing N N 371 
VAL CG2 HG21 sing N N 372 
VAL CG2 HG22 sing N N 373 
VAL CG2 HG23 sing N N 374 
VAL OXT HXT  sing N N 375 
YUT O32 PA2  doub N N 376 
YUT O41 PA1  doub N N 377 
YUT O42 PA2  sing N N 378 
YUT O22 PA2  sing N N 379 
YUT PA2 O12  sing N N 380 
YUT O31 PA1  sing N N 381 
YUT PA1 O11  sing N N 382 
YUT PA1 O21  sing N N 383 
YUT O11 C1   sing N N 384 
YUT O12 C2   sing N N 385 
YUT C2  C1   sing N N 386 
YUT C2  C3   sing N N 387 
YUT O46 PA6  doub N N 388 
YUT O33 PA3  doub N N 389 
YUT C1  C6   sing N N 390 
YUT O43 PA3  sing N N 391 
YUT O13 PA3  sing N N 392 
YUT O13 C3   sing N N 393 
YUT PA3 O23  sing N N 394 
YUT C3  C4   sing N N 395 
YUT C6  O16  sing N N 396 
YUT C6  C5   sing N N 397 
YUT PA6 O36  sing N N 398 
YUT PA6 O16  sing N N 399 
YUT PA6 O26  sing N N 400 
YUT C4  C5   sing N N 401 
YUT C4  O14  sing N N 402 
YUT C5  O15  sing N N 403 
YUT O15 PA5  sing N N 404 
YUT O14 PA4  sing N N 405 
YUT O24 PA4  doub N N 406 
YUT O34 PA4  sing N N 407 
YUT PA4 O44  sing N N 408 
YUT F51 C45  sing N N 409 
YUT F52 C45  sing N N 410 
YUT PA5 O25  doub N N 411 
YUT PA5 C45  sing N N 412 
YUT PA5 O35  sing N N 413 
YUT C45 PB5  sing N N 414 
YUT O65 PB5  doub N N 415 
YUT PB5 O55  sing N N 416 
YUT PB5 O75  sing N N 417 
YUT C5  H1   sing N N 418 
YUT C4  H2   sing N N 419 
YUT C2  H3   sing N N 420 
YUT C1  H4   sing N N 421 
YUT C3  H5   sing N N 422 
YUT O55 H6   sing N N 423 
YUT O75 H7   sing N N 424 
YUT O35 H8   sing N N 425 
YUT O34 H9   sing N N 426 
YUT O44 H10  sing N N 427 
YUT O43 H11  sing N N 428 
YUT O23 H12  sing N N 429 
YUT O42 H13  sing N N 430 
YUT O22 H14  sing N N 431 
YUT O31 H15  sing N N 432 
YUT O21 H16  sing N N 433 
YUT C6  H17  sing N N 434 
YUT O36 H18  sing N N 435 
YUT O26 H19  sing N N 436 
# 
_pdbx_audit_support.funding_organization   
'National Institutes of Health/National Institute of Environmental Health Sciences (NIH/NIEHS)' 
_pdbx_audit_support.country                'United States' 
_pdbx_audit_support.grant_number           1ZIAES080046-31 
_pdbx_audit_support.ordinal                1 
# 
loop_
_pdbx_entity_instance_feature.ordinal 
_pdbx_entity_instance_feature.comp_id 
_pdbx_entity_instance_feature.asym_id 
_pdbx_entity_instance_feature.seq_num 
_pdbx_entity_instance_feature.auth_comp_id 
_pdbx_entity_instance_feature.auth_asym_id 
_pdbx_entity_instance_feature.auth_seq_num 
_pdbx_entity_instance_feature.feature_type 
_pdbx_entity_instance_feature.details 
1 YUT ? ? YUT ? ? 'SUBJECT OF INVESTIGATION' ? 
2 MG  ? ? MG  ? ? 'SUBJECT OF INVESTIGATION' ? 
# 
_pdbx_initial_refinement_model.id               1 
_pdbx_initial_refinement_model.entity_id_list   ? 
_pdbx_initial_refinement_model.type             'experimental model' 
_pdbx_initial_refinement_model.source_name      ? 
_pdbx_initial_refinement_model.accession_code   ? 
_pdbx_initial_refinement_model.details          ? 
# 
_atom_sites.entry_id                    8G9C 
_atom_sites.Cartn_transf_matrix[1][1]   ? 
_atom_sites.Cartn_transf_matrix[1][2]   ? 
_atom_sites.Cartn_transf_matrix[1][3]   ? 
_atom_sites.Cartn_transf_matrix[2][1]   ? 
_atom_sites.Cartn_transf_matrix[2][2]   ? 
_atom_sites.Cartn_transf_matrix[2][3]   ? 
_atom_sites.Cartn_transf_matrix[3][1]   ? 
_atom_sites.Cartn_transf_matrix[3][2]   ? 
_atom_sites.Cartn_transf_matrix[3][3]   ? 
_atom_sites.Cartn_transf_vector[1]      ? 
_atom_sites.Cartn_transf_vector[2]      ? 
_atom_sites.Cartn_transf_vector[3]      ? 
_atom_sites.fract_transf_matrix[1][1]   0.00879800 
_atom_sites.fract_transf_matrix[1][2]   -0.00815566 
_atom_sites.fract_transf_matrix[1][3]   -0.01770790 
_atom_sites.fract_transf_matrix[2][1]   0.01364230 
_atom_sites.fract_transf_matrix[2][2]   0.00944202 
_atom_sites.fract_transf_matrix[2][3]   0.00242937 
_atom_sites.fract_transf_matrix[3][1]   0.00658455 
_atom_sites.fract_transf_matrix[3][2]   -0.01174750 
_atom_sites.fract_transf_matrix[3][3]   0.00868197 
_atom_sites.fract_transf_vector[1]      0.118082 
_atom_sites.fract_transf_vector[2]      0.126312 
_atom_sites.fract_transf_vector[3]      0.232010 
_atom_sites.solution_primary            ? 
_atom_sites.solution_secondary          ? 
_atom_sites.solution_hydrogens          ? 
_atom_sites.special_details             ? 
# 
loop_
_atom_type.symbol 
C  
CL 
F  
MG 
N  
O  
P  
S  
# 
loop_
_atom_site.group_PDB 
_atom_site.id 
_atom_site.type_symbol 
_atom_site.label_atom_id 
_atom_site.label_alt_id 
_atom_site.label_comp_id 
_atom_site.label_asym_id 
_atom_site.label_entity_id 
_atom_site.label_seq_id 
_atom_site.pdbx_PDB_ins_code 
_atom_site.Cartn_x 
_atom_site.Cartn_y 
_atom_site.Cartn_z 
_atom_site.occupancy 
_atom_site.B_iso_or_equiv 
_atom_site.pdbx_formal_charge 
_atom_site.auth_seq_id 
_atom_site.auth_comp_id 
_atom_site.auth_asym_id 
_atom_site.auth_atom_id 
_atom_site.pdbx_PDB_model_num 
ATOM   1    N  N   . THR A 1 9   ? 11.212  -13.596 -2.225  1.00 37.83 ? 9   THR A N   1 
ATOM   2    C  CA  . THR A 1 9   ? 10.467  -14.903 -2.343  1.00 33.67 ? 9   THR A CA  1 
ATOM   3    C  C   . THR A 1 9   ? 8.964   -14.661 -2.177  1.00 27.40 ? 9   THR A C   1 
ATOM   4    O  O   . THR A 1 9   ? 8.576   -14.235 -1.074  1.00 29.54 ? 9   THR A O   1 
ATOM   5    C  CB  . THR A 1 9   ? 10.901  -15.918 -1.278  1.00 37.04 ? 9   THR A CB  1 
ATOM   6    O  OG1 . THR A 1 9   ? 12.304  -16.140 -1.428  1.00 39.92 ? 9   THR A OG1 1 
ATOM   7    C  CG2 . THR A 1 9   ? 10.152  -17.226 -1.395  1.00 34.86 ? 9   THR A CG2 1 
ATOM   8    N  N   . ARG A 1 10  ? 8.173   -14.930 -3.218  1.00 23.36 ? 10  ARG A N   1 
ATOM   9    C  CA  . ARG A 1 10  ? 6.693   -14.800 -3.198  1.00 20.71 ? 10  ARG A CA  1 
ATOM   10   C  C   . ARG A 1 10  ? 6.106   -15.896 -2.319  1.00 19.04 ? 10  ARG A C   1 
ATOM   11   O  O   . ARG A 1 10  ? 6.617   -17.062 -2.274  1.00 19.79 ? 10  ARG A O   1 
ATOM   12   C  CB  . ARG A 1 10  ? 6.119   -14.908 -4.614  1.00 20.06 ? 10  ARG A CB  1 
ATOM   13   C  CG  . ARG A 1 10  ? 6.445   -13.736 -5.527  1.00 24.64 ? 10  ARG A CG  1 
ATOM   14   C  CD  . ARG A 1 10  ? 5.859   -13.955 -6.904  1.00 28.47 ? 10  ARG A CD  1 
ATOM   15   N  NE  . ARG A 1 10  ? 6.233   -12.894 -7.844  1.00 30.93 ? 10  ARG A NE  1 
ATOM   16   C  CZ  . ARG A 1 10  ? 7.373   -12.855 -8.526  1.00 36.59 ? 10  ARG A CZ  1 
ATOM   17   N  NH1 . ARG A 1 10  ? 8.287   -13.796 -8.367  1.00 43.52 ? 10  ARG A NH1 1 
ATOM   18   N  NH2 . ARG A 1 10  ? 7.616   -11.857 -9.349  1.00 39.02 ? 10  ARG A NH2 1 
ATOM   19   N  N   . THR A 1 11  ? 5.029   -15.610 -1.623  1.00 14.87 ? 11  THR A N   1 
ATOM   20   C  CA  . THR A 1 11  ? 4.341   -16.569 -0.760  1.00 14.47 ? 11  THR A CA  1 
ATOM   21   C  C   . THR A 1 11  ? 2.864   -16.590 -1.084  1.00 14.04 ? 11  THR A C   1 
ATOM   22   O  O   . THR A 1 11  ? 2.323   -15.633 -1.700  1.00 13.86 ? 11  THR A O   1 
ATOM   23   C  CB  . THR A 1 11  ? 4.558   -16.290 0.728   1.00 15.23 ? 11  THR A CB  1 
ATOM   24   O  OG1 . THR A 1 11  ? 3.968   -15.044 1.104   1.00 16.22 ? 11  THR A OG1 1 
ATOM   25   C  CG2 . THR A 1 11  ? 6.016   -16.311 1.140   1.00 16.19 ? 11  THR A CG2 1 
ATOM   26   N  N   . TYR A 1 12  ? 2.205   -17.650 -0.667  1.00 13.92 ? 12  TYR A N   1 
ATOM   27   C  CA  . TYR A 1 12  ? 0.860   -18.010 -1.138  1.00 13.28 ? 12  TYR A CA  1 
ATOM   28   C  C   . TYR A 1 12  ? 0.016   -18.613 -0.035  1.00 14.03 ? 12  TYR A C   1 
ATOM   29   O  O   . TYR A 1 12  ? 0.510   -19.408 0.790   1.00 14.98 ? 12  TYR A O   1 
ATOM   30   C  CB  . TYR A 1 12  ? 0.944   -18.975 -2.313  1.00 13.70 ? 12  TYR A CB  1 
ATOM   31   C  CG  . TYR A 1 12  ? 1.719   -18.423 -3.471  1.00 13.87 ? 12  TYR A CG  1 
ATOM   32   C  CD1 . TYR A 1 12  ? 3.097   -18.515 -3.506  1.00 14.57 ? 12  TYR A CD1 1 
ATOM   33   C  CD2 . TYR A 1 12  ? 1.091   -17.731 -4.490  1.00 15.05 ? 12  TYR A CD2 1 
ATOM   34   C  CE1 . TYR A 1 12  ? 3.842   -17.950 -4.520  1.00 15.78 ? 12  TYR A CE1 1 
ATOM   35   C  CE2 . TYR A 1 12  ? 1.822   -17.198 -5.545  1.00 15.83 ? 12  TYR A CE2 1 
ATOM   36   C  CZ  . TYR A 1 12  ? 3.204   -17.283 -5.552  1.00 17.32 ? 12  TYR A CZ  1 
ATOM   37   O  OH  . TYR A 1 12  ? 3.966   -16.785 -6.599  1.00 22.95 ? 12  TYR A OH  1 
ATOM   38   N  N   . ASP A 1 13  ? -1.264  -18.336 -0.054  1.00 13.03 ? 13  ASP A N   1 
ATOM   39   C  CA  . ASP A 1 13  ? -2.236  -19.025 0.784   1.00 14.93 ? 13  ASP A CA  1 
ATOM   40   C  C   . ASP A 1 13  ? -2.472  -20.433 0.226   1.00 15.47 ? 13  ASP A C   1 
ATOM   41   O  O   . ASP A 1 13  ? -2.070  -20.722 -0.876  1.00 15.10 ? 13  ASP A O   1 
ATOM   42   C  CB  . ASP A 1 13  ? -3.516  -18.182 0.933   1.00 15.80 ? 13  ASP A CB  1 
ATOM   43   C  CG  . ASP A 1 13  ? -3.289  -16.947 1.764   1.00 19.62 ? 13  ASP A CG  1 
ATOM   44   O  OD1 . ASP A 1 13  ? -2.610  -17.052 2.806   1.00 18.63 ? 13  ASP A OD1 1 
ATOM   45   O  OD2 . ASP A 1 13  ? -3.805  -15.873 1.351   1.00 21.39 ? 13  ASP A OD2 1 
ATOM   46   N  N   . GLY A 1 14  ? -3.230  -21.196 0.975   1.00 17.18 ? 14  GLY A N   1 
ATOM   47   C  CA  . GLY A 1 14  ? -3.456  -22.622 0.630   1.00 19.03 ? 14  GLY A CA  1 
ATOM   48   C  C   . GLY A 1 14  ? -4.247  -22.779 -0.651  1.00 19.26 ? 14  GLY A C   1 
ATOM   49   O  O   . GLY A 1 14  ? -4.157  -23.840 -1.335  1.00 20.36 ? 14  GLY A O   1 
ATOM   50   N  N   . ASP A 1 15  ? -5.005  -21.746 -1.058  1.00 18.71 ? 15  ASP A N   1 
ATOM   51   C  CA  . ASP A 1 15  ? -5.758  -21.720 -2.326  1.00 18.77 ? 15  ASP A CA  1 
ATOM   52   C  C   . ASP A 1 15  ? -4.910  -21.206 -3.479  1.00 16.56 ? 15  ASP A C   1 
ATOM   53   O  O   . ASP A 1 15  ? -5.439  -21.044 -4.590  1.00 20.96 ? 15  ASP A O   1 
ATOM   54   C  CB  . ASP A 1 15  ? -7.077  -20.974 -2.165  1.00 20.51 ? 15  ASP A CB  1 
ATOM   55   C  CG  . ASP A 1 15  ? -6.901  -19.503 -1.840  1.00 24.87 ? 15  ASP A CG  1 
ATOM   56   O  OD1 . ASP A 1 15  ? -5.740  -19.029 -1.709  1.00 21.14 ? 15  ASP A OD1 1 
ATOM   57   O  OD2 . ASP A 1 15  ? -7.965  -18.868 -1.648  1.00 25.52 ? 15  ASP A OD2 1 
ATOM   58   N  N   . GLY A 1 16  ? -3.625  -20.890 -3.275  1.00 16.24 ? 16  GLY A N   1 
ATOM   59   C  CA  . GLY A 1 16  ? -2.762  -20.432 -4.354  1.00 15.44 ? 16  GLY A CA  1 
ATOM   60   C  C   . GLY A 1 16  ? -2.770  -18.913 -4.613  1.00 14.71 ? 16  GLY A C   1 
ATOM   61   O  O   . GLY A 1 16  ? -2.076  -18.471 -5.543  1.00 17.61 ? 16  GLY A O   1 
ATOM   62   N  N   . TYR A 1 17  ? -3.546  -18.189 -3.819  1.00 16.09 ? 17  TYR A N   1 
ATOM   63   C  CA  . TYR A 1 17  ? -3.529  -16.704 -3.925  1.00 14.18 ? 17  TYR A CA  1 
ATOM   64   C  C   . TYR A 1 17  ? -2.232  -16.176 -3.319  1.00 13.98 ? 17  TYR A C   1 
ATOM   65   O  O   . TYR A 1 17  ? -1.813  -16.594 -2.221  1.00 14.28 ? 17  TYR A O   1 
ATOM   66   C  CB  . TYR A 1 17  ? -4.731  -16.099 -3.225  1.00 14.95 ? 17  TYR A CB  1 
ATOM   67   C  CG  . TYR A 1 17  ? -5.982  -16.097 -4.057  1.00 16.68 ? 17  TYR A CG  1 
ATOM   68   C  CD1 . TYR A 1 17  ? -6.359  -17.183 -4.842  1.00 22.10 ? 17  TYR A CD1 1 
ATOM   69   C  CD2 . TYR A 1 17  ? -6.730  -14.956 -4.145  1.00 16.89 ? 17  TYR A CD2 1 
ATOM   70   C  CE1 . TYR A 1 17  ? -7.520  -17.152 -5.610  1.00 22.59 ? 17  TYR A CE1 1 
ATOM   71   C  CE2 . TYR A 1 17  ? -7.900  -14.915 -4.886  1.00 18.68 ? 17  TYR A CE2 1 
ATOM   72   C  CZ  . TYR A 1 17  ? -8.265  -15.994 -5.641  1.00 22.45 ? 17  TYR A CZ  1 
ATOM   73   O  OH  . TYR A 1 17  ? -9.403  -15.903 -6.403  1.00 24.80 ? 17  TYR A OH  1 
ATOM   74   N  N   A LYS A 1 18  ? -1.607  -15.233 -4.001  0.50 13.40 ? 18  LYS A N   1 
ATOM   75   N  N   B LYS A 1 18  ? -1.605  -15.234 -4.000  0.50 12.89 ? 18  LYS A N   1 
ATOM   76   C  CA  A LYS A 1 18  ? -0.358  -14.592 -3.551  0.50 13.86 ? 18  LYS A CA  1 
ATOM   77   C  CA  B LYS A 1 18  ? -0.367  -14.594 -3.525  0.50 13.04 ? 18  LYS A CA  1 
ATOM   78   C  C   A LYS A 1 18  ? -0.669  -13.728 -2.332  0.50 13.13 ? 18  LYS A C   1 
ATOM   79   C  C   B LYS A 1 18  ? -0.708  -13.762 -2.297  0.50 12.65 ? 18  LYS A C   1 
ATOM   80   O  O   A LYS A 1 18  ? -1.638  -12.954 -2.367  0.50 13.35 ? 18  LYS A O   1 
ATOM   81   O  O   B LYS A 1 18  ? -1.754  -13.058 -2.273  0.50 12.98 ? 18  LYS A O   1 
ATOM   82   C  CB  A LYS A 1 18  ? 0.271   -13.763 -4.670  0.50 15.85 ? 18  LYS A CB  1 
ATOM   83   C  CB  B LYS A 1 18  ? 0.297   -13.748 -4.611  0.50 14.24 ? 18  LYS A CB  1 
ATOM   84   C  CG  A LYS A 1 18  ? 1.546   -13.057 -4.258  0.50 17.26 ? 18  LYS A CG  1 
ATOM   85   C  CG  B LYS A 1 18  ? 1.713   -13.310 -4.287  0.50 15.21 ? 18  LYS A CG  1 
ATOM   86   C  CD  A LYS A 1 18  ? 2.020   -11.917 -5.141  0.50 19.94 ? 18  LYS A CD  1 
ATOM   87   C  CD  B LYS A 1 18  ? 2.393   -12.456 -5.365  0.50 16.75 ? 18  LYS A CD  1 
ATOM   88   C  CE  A LYS A 1 18  ? 3.177   -11.173 -4.501  0.50 20.84 ? 18  LYS A CE  1 
ATOM   89   C  CE  B LYS A 1 18  ? 1.913   -11.013 -5.287  0.50 16.86 ? 18  LYS A CE  1 
ATOM   90   N  NZ  A LYS A 1 18  ? 3.674   -10.038 -5.315  0.50 20.03 ? 18  LYS A NZ  1 
ATOM   91   N  NZ  B LYS A 1 18  ? 2.398   -10.147 -6.378  0.50 17.53 ? 18  LYS A NZ  1 
ATOM   92   N  N   . LYS A 1 19  ? 0.157   -13.807 -1.303  1.00 12.42 ? 19  LYS A N   1 
ATOM   93   C  CA  . LYS A 1 19  ? -0.066  -13.075 -0.036  1.00 11.95 ? 19  LYS A CA  1 
ATOM   94   C  C   . LYS A 1 19  ? 0.600   -11.707 -0.111  1.00 11.84 ? 19  LYS A C   1 
ATOM   95   O  O   . LYS A 1 19  ? 1.793   -11.616 -0.454  1.00 13.74 ? 19  LYS A O   1 
ATOM   96   C  CB  . LYS A 1 19  ? 0.547   -13.860 1.125   1.00 13.09 ? 19  LYS A CB  1 
ATOM   97   C  CG  . LYS A 1 19  ? -0.062  -15.239 1.314   1.00 14.34 ? 19  LYS A CG  1 
ATOM   98   C  CD  . LYS A 1 19  ? 0.546   -15.969 2.508   1.00 15.05 ? 19  LYS A CD  1 
ATOM   99   C  CE  . LYS A 1 19  ? 0.228   -15.303 3.809   1.00 16.65 ? 19  LYS A CE  1 
ATOM   100  N  NZ  . LYS A 1 19  ? -1.221  -14.968 3.974   1.00 18.93 ? 19  LYS A NZ  1 
ATOM   101  N  N   . ARG A 1 20  ? -0.182  -10.681 0.208   1.00 11.87 ? 20  ARG A N   1 
ATOM   102  C  CA  . ARG A 1 20  ? 0.316   -9.301  0.129   1.00 11.54 ? 20  ARG A CA  1 
ATOM   103  C  C   . ARG A 1 20  ? -0.121  -8.525  1.361   1.00 10.47 ? 20  ARG A C   1 
ATOM   104  O  O   . ARG A 1 20  ? -1.013  -8.923  2.035   1.00 11.07 ? 20  ARG A O   1 
ATOM   105  C  CB  . ARG A 1 20  ? -0.325  -8.602  -1.069  1.00 10.95 ? 20  ARG A CB  1 
ATOM   106  C  CG  . ARG A 1 20  ? 0.016   -9.230  -2.406  1.00 12.09 ? 20  ARG A CG  1 
ATOM   107  C  CD  . ARG A 1 20  ? -0.567  -8.426  -3.542  1.00 13.03 ? 20  ARG A CD  1 
ATOM   108  N  NE  . ARG A 1 20  ? 0.148   -7.189  -3.806  1.00 13.09 ? 20  ARG A NE  1 
ATOM   109  C  CZ  . ARG A 1 20  ? -0.286  -5.988  -3.507  1.00 12.62 ? 20  ARG A CZ  1 
ATOM   110  N  NH1 . ARG A 1 20  ? 0.457   -4.950  -3.814  1.00 13.21 ? 20  ARG A NH1 1 
ATOM   111  N  NH2 . ARG A 1 20  ? -1.413  -5.815  -2.857  1.00 12.80 ? 20  ARG A NH2 1 
ATOM   112  N  N   . ALA A 1 21  ? 0.557   -7.407  1.558   1.00 11.66 ? 21  ALA A N   1 
ATOM   113  C  CA  . ALA A 1 21  ? 0.168   -6.476  2.631   1.00 11.92 ? 21  ALA A CA  1 
ATOM   114  C  C   . ALA A 1 21  ? 0.361   -5.061  2.106   1.00 12.15 ? 21  ALA A C   1 
ATOM   115  O  O   . ALA A 1 21  ? 1.232   -4.835  1.300   1.00 12.27 ? 21  ALA A O   1 
ATOM   116  C  CB  . ALA A 1 21  ? 0.909   -6.727  3.936   1.00 13.19 ? 21  ALA A CB  1 
ATOM   117  N  N   . ALA A 1 22  ? -0.448  -4.152  2.603   1.00 11.48 ? 22  ALA A N   1 
ATOM   118  C  CA  . ALA A 1 22  ? -0.441  -2.755  2.105   1.00 11.98 ? 22  ALA A CA  1 
ATOM   119  C  C   . ALA A 1 22  ? -0.850  -1.868  3.272   1.00 12.43 ? 22  ALA A C   1 
ATOM   120  O  O   . ALA A 1 22  ? -1.519  -2.284  4.230   1.00 11.85 ? 22  ALA A O   1 
ATOM   121  C  CB  . ALA A 1 22  ? -1.391  -2.567  0.967   1.00 12.34 ? 22  ALA A CB  1 
ATOM   122  N  N   . CYS A 1 23  ? -0.526  -0.570  3.193   1.00 13.35 ? 23  CYS A N   1 
ATOM   123  C  CA  . CYS A 1 23  ? -1.056  0.433   4.141   1.00 13.08 ? 23  CYS A CA  1 
ATOM   124  C  C   . CYS A 1 23  ? -1.727  1.567   3.380   1.00 13.10 ? 23  CYS A C   1 
ATOM   125  O  O   . CYS A 1 23  ? -1.187  2.059   2.374   1.00 12.36 ? 23  CYS A O   1 
ATOM   126  C  CB  . CYS A 1 23  ? -0.041  1.047   5.110   1.00 14.03 ? 23  CYS A CB  1 
ATOM   127  S  SG  . CYS A 1 23  ? 0.870   -0.097  6.156   1.00 15.21 ? 23  CYS A SG  1 
ATOM   128  N  N   . LEU A 1 24  ? -2.805  2.023   3.985   1.00 11.70 ? 24  LEU A N   1 
ATOM   129  C  CA  . LEU A 1 24  ? -3.408  3.345   3.745   1.00 11.55 ? 24  LEU A CA  1 
ATOM   130  C  C   . LEU A 1 24  ? -2.598  4.309   4.592   1.00 11.57 ? 24  LEU A C   1 
ATOM   131  O  O   . LEU A 1 24  ? -2.731  4.307   5.834   1.00 12.51 ? 24  LEU A O   1 
ATOM   132  C  CB  . LEU A 1 24  ? -4.878  3.372   4.133   1.00 12.76 ? 24  LEU A CB  1 
ATOM   133  C  CG  . LEU A 1 24  ? -5.736  2.238   3.579   1.00 14.51 ? 24  LEU A CG  1 
ATOM   134  C  CD1 . LEU A 1 24  ? -7.214  2.444   3.941   1.00 14.69 ? 24  LEU A CD1 1 
ATOM   135  C  CD2 . LEU A 1 24  ? -5.553  2.107   2.094   1.00 16.21 ? 24  LEU A CD2 1 
ATOM   136  N  N   . CYS A 1 25  ? -1.732  5.064   3.967   1.00 11.53 ? 25  CYS A N   1 
ATOM   137  C  CA  . CYS A 1 25  ? -0.735  5.932   4.605   1.00 12.23 ? 25  CYS A CA  1 
ATOM   138  C  C   . CYS A 1 25  ? -1.345  7.314   4.707   1.00 12.30 ? 25  CYS A C   1 
ATOM   139  O  O   . CYS A 1 25  ? -1.324  8.081   3.773   1.00 12.35 ? 25  CYS A O   1 
ATOM   140  C  CB  . CYS A 1 25  ? 0.552   5.985   3.820   1.00 12.98 ? 25  CYS A CB  1 
ATOM   141  S  SG  . CYS A 1 25  ? 1.394   4.388   3.697   1.00 14.41 ? 25  CYS A SG  1 
ATOM   142  N  N   . PHE A 1 26  ? -1.886  7.634   5.863   1.00 12.65 ? 26  PHE A N   1 
ATOM   143  C  CA  . PHE A 1 26  ? -2.577  8.938   6.038   1.00 14.15 ? 26  PHE A CA  1 
ATOM   144  C  C   . PHE A 1 26  ? -1.614  9.974   6.550   1.00 14.25 ? 26  PHE A C   1 
ATOM   145  O  O   . PHE A 1 26  ? -0.711  9.687   7.320   1.00 14.98 ? 26  PHE A O   1 
ATOM   146  C  CB  . PHE A 1 26  ? -3.780  8.795   6.957   1.00 14.57 ? 26  PHE A CB  1 
ATOM   147  C  CG  . PHE A 1 26  ? -4.850  7.853   6.489   1.00 15.49 ? 26  PHE A CG  1 
ATOM   148  C  CD1 . PHE A 1 26  ? -5.625  8.211   5.416   1.00 17.10 ? 26  PHE A CD1 1 
ATOM   149  C  CD2 . PHE A 1 26  ? -5.075  6.650   7.122   1.00 17.31 ? 26  PHE A CD2 1 
ATOM   150  C  CE1 . PHE A 1 26  ? -6.662  7.368   4.991   1.00 19.48 ? 26  PHE A CE1 1 
ATOM   151  C  CE2 . PHE A 1 26  ? -6.105  5.824   6.705   1.00 18.21 ? 26  PHE A CE2 1 
ATOM   152  C  CZ  . PHE A 1 26  ? -6.847  6.167   5.618   1.00 17.71 ? 26  PHE A CZ  1 
ATOM   153  N  N   . ARG A 1 27  ? -1.895  11.221  6.182   1.00 16.25 ? 27  ARG A N   1 
ATOM   154  C  CA  . ARG A 1 27  ? -1.027  12.360  6.574   1.00 18.94 ? 27  ARG A CA  1 
ATOM   155  C  C   . ARG A 1 27  ? -1.198  12.643  8.064   1.00 18.32 ? 27  ARG A C   1 
ATOM   156  O  O   . ARG A 1 27  ? -0.216  13.111  8.690   1.00 22.96 ? 27  ARG A O   1 
ATOM   157  C  CB  . ARG A 1 27  ? -1.404  13.588  5.734   1.00 21.58 ? 27  ARG A CB  1 
ATOM   158  C  CG  . ARG A 1 27  ? -0.335  14.666  5.764   1.00 28.12 ? 27  ARG A CG  1 
ATOM   159  C  CD  . ARG A 1 27  ? -0.762  15.942  5.059   1.00 34.06 ? 27  ARG A CD  1 
ATOM   160  N  NE  . ARG A 1 27  ? 0.047   16.237  3.905   1.00 44.33 ? 27  ARG A NE  1 
ATOM   161  C  CZ  . ARG A 1 27  ? -0.123  17.290  3.099   1.00 47.06 ? 27  ARG A CZ  1 
ATOM   162  N  NH1 . ARG A 1 27  ? -1.068  18.183  3.317   1.00 49.76 ? 27  ARG A NH1 1 
ATOM   163  N  NH2 . ARG A 1 27  ? 0.658   17.432  2.050   1.00 57.70 ? 27  ARG A NH2 1 
ATOM   164  N  N   . SER A 1 28  ? -2.346  12.352  8.641   1.00 17.16 ? 28  SER A N   1 
ATOM   165  C  CA  . SER A 1 28  ? -2.685  12.646  10.051  1.00 18.78 ? 28  SER A CA  1 
ATOM   166  C  C   . SER A 1 28  ? -3.763  11.708  10.559  1.00 21.08 ? 28  SER A C   1 
ATOM   167  O  O   . SER A 1 28  ? -4.373  10.983  9.780   1.00 19.85 ? 28  SER A O   1 
ATOM   168  C  CB  . SER A 1 28  ? -3.144  14.089  10.154  1.00 21.75 ? 28  SER A CB  1 
ATOM   169  O  OG  . SER A 1 28  ? -4.534  14.198  9.889   1.00 21.98 ? 28  SER A OG  1 
ATOM   170  N  N   . GLU A 1 29  ? -4.066  11.782  11.850  1.00 23.01 ? 29  GLU A N   1 
ATOM   171  C  CA  . GLU A 1 29  ? -5.145  10.990  12.498  1.00 26.15 ? 29  GLU A CA  1 
ATOM   172  C  C   . GLU A 1 29  ? -6.523  11.392  11.963  1.00 21.56 ? 29  GLU A C   1 
ATOM   173  O  O   . GLU A 1 29  ? -7.421  10.568  12.111  1.00 29.02 ? 29  GLU A O   1 
ATOM   174  C  CB  . GLU A 1 29  ? -5.057  11.120  14.023  1.00 30.49 ? 29  GLU A CB  1 
ATOM   175  C  CG  . GLU A 1 29  ? -3.946  10.293  14.626  1.00 37.05 ? 29  GLU A CG  1 
ATOM   176  C  CD  . GLU A 1 29  ? -3.812  10.392  16.145  1.00 47.98 ? 29  GLU A CD  1 
ATOM   177  O  OE1 . GLU A 1 29  ? -3.198  9.488   16.732  1.00 55.88 ? 29  GLU A OE1 1 
ATOM   178  O  OE2 . GLU A 1 29  ? -4.309  11.375  16.736  1.00 55.22 ? 29  GLU A OE2 1 
ATOM   179  N  N   . SER A 1 30  ? -6.653  12.504  11.256  1.00 21.58 ? 30  SER A N   1 
ATOM   180  C  CA  A SER A 1 30  ? -7.975  12.849  10.657  0.51 23.34 ? 30  SER A CA  1 
ATOM   181  C  CA  B SER A 1 30  ? -7.895  12.948  10.557  0.49 22.69 ? 30  SER A CA  1 
ATOM   182  C  C   . SER A 1 30  ? -8.246  12.017  9.390   1.00 25.47 ? 30  SER A C   1 
ATOM   183  O  O   . SER A 1 30  ? -9.412  12.003  8.929   1.00 25.83 ? 30  SER A O   1 
ATOM   184  C  CB  A SER A 1 30  ? -8.209  14.319  10.465  0.51 26.02 ? 30  SER A CB  1 
ATOM   185  C  CB  B SER A 1 30  ? -7.772  14.351  10.064  0.49 25.99 ? 30  SER A CB  1 
ATOM   186  O  OG  A SER A 1 30  ? -7.407  14.855  9.431   0.51 24.54 ? 30  SER A OG  1 
ATOM   187  O  OG  B SER A 1 30  ? -7.568  15.249  11.145  0.49 25.78 ? 30  SER A OG  1 
ATOM   188  N  N   . GLU A 1 31  ? -7.251  11.307  8.855   1.00 22.29 ? 31  GLU A N   1 
ATOM   189  C  CA  . GLU A 1 31  ? -7.463  10.350  7.725   1.00 22.79 ? 31  GLU A CA  1 
ATOM   190  C  C   . GLU A 1 31  ? -8.177  11.037  6.556   1.00 20.71 ? 31  GLU A C   1 
ATOM   191  O  O   . GLU A 1 31  ? -9.029  10.376  5.900   1.00 21.82 ? 31  GLU A O   1 
ATOM   192  C  CB  . GLU A 1 31  ? -8.200  9.110   8.218   1.00 22.86 ? 31  GLU A CB  1 
ATOM   193  C  CG  . GLU A 1 31  ? -7.479  8.404   9.351   1.00 24.19 ? 31  GLU A CG  1 
ATOM   194  C  CD  . GLU A 1 31  ? -8.021  7.052   9.765   1.00 28.72 ? 31  GLU A CD  1 
ATOM   195  O  OE1 . GLU A 1 31  ? -9.082  6.676   9.279   1.00 34.61 ? 31  GLU A OE1 1 
ATOM   196  O  OE2 . GLU A 1 31  ? -7.428  6.412   10.631  1.00 33.91 ? 31  GLU A OE2 1 
ATOM   197  N  N   . GLU A 1 32  ? -7.812  12.251  6.229   1.00 21.03 ? 32  GLU A N   1 
ATOM   198  C  CA  . GLU A 1 32  ? -8.382  12.999  5.093   1.00 23.58 ? 32  GLU A CA  1 
ATOM   199  C  C   . GLU A 1 32  ? -7.504  12.955  3.853   1.00 19.91 ? 32  GLU A C   1 
ATOM   200  O  O   . GLU A 1 32  ? -8.029  13.214  2.780   1.00 21.21 ? 32  GLU A O   1 
ATOM   201  C  CB  . GLU A 1 32  ? -8.609  14.454  5.495   1.00 27.81 ? 32  GLU A CB  1 
ATOM   202  C  CG  . GLU A 1 32  ? -9.762  14.562  6.471   1.00 32.99 ? 32  GLU A CG  1 
ATOM   203  C  CD  . GLU A 1 32  ? -9.953  15.921  7.114   1.00 41.20 ? 32  GLU A CD  1 
ATOM   204  O  OE1 . GLU A 1 32  ? -9.175  16.858  6.795   1.00 43.93 ? 32  GLU A OE1 1 
ATOM   205  O  OE2 . GLU A 1 32  ? -10.891 16.025  7.928   1.00 49.46 ? 32  GLU A OE2 1 
ATOM   206  N  N   . GLU A 1 33  ? -6.185  12.744  3.962   1.00 17.43 ? 33  GLU A N   1 
ATOM   207  C  CA  . GLU A 1 33  ? -5.238  12.710  2.832   1.00 16.53 ? 33  GLU A CA  1 
ATOM   208  C  C   . GLU A 1 33  ? -4.443  11.432  2.993   1.00 15.38 ? 33  GLU A C   1 
ATOM   209  O  O   . GLU A 1 33  ? -4.031  11.034  4.076   1.00 15.28 ? 33  GLU A O   1 
ATOM   210  C  CB  . GLU A 1 33  ? -4.316  13.895  2.810   1.00 18.67 ? 33  GLU A CB  1 
ATOM   211  C  CG  . GLU A 1 33  ? -5.077  15.175  2.523   1.00 25.82 ? 33  GLU A CG  1 
ATOM   212  C  CD  . GLU A 1 33  ? -4.191  16.347  2.195   1.00 30.97 ? 33  GLU A CD  1 
ATOM   213  O  OE1 . GLU A 1 33  ? -2.955  16.196  2.067   1.00 31.64 ? 33  GLU A OE1 1 
ATOM   214  O  OE2 . GLU A 1 33  ? -4.782  17.418  2.005   1.00 40.26 ? 33  GLU A OE2 1 
ATOM   215  N  N   . VAL A 1 34  ? -4.284  10.737  1.880   1.00 14.04 ? 34  VAL A N   1 
ATOM   216  C  CA  . VAL A 1 34  ? -3.579  9.435   1.787   1.00 13.43 ? 34  VAL A CA  1 
ATOM   217  C  C   . VAL A 1 34  ? -2.472  9.521   0.767   1.00 13.34 ? 34  VAL A C   1 
ATOM   218  O  O   . VAL A 1 34  ? -2.599  10.170  -0.278  1.00 14.59 ? 34  VAL A O   1 
ATOM   219  C  CB  . VAL A 1 34  ? -4.576  8.304   1.513   1.00 13.87 ? 34  VAL A CB  1 
ATOM   220  C  CG1 . VAL A 1 34  ? -5.191  8.419   0.115   1.00 13.95 ? 34  VAL A CG1 1 
ATOM   221  C  CG2 . VAL A 1 34  ? -3.922  6.957   1.756   1.00 15.36 ? 34  VAL A CG2 1 
ATOM   222  N  N   . LEU A 1 35  ? -1.401  8.780   0.987   1.00 12.94 ? 35  LEU A N   1 
ATOM   223  C  CA  . LEU A 1 35  ? -0.255  8.750   0.080   1.00 12.48 ? 35  LEU A CA  1 
ATOM   224  C  C   . LEU A 1 35  ? -0.409  7.602   -0.924  1.00 12.90 ? 35  LEU A C   1 
ATOM   225  O  O   . LEU A 1 35  ? -0.462  6.424   -0.502  1.00 13.66 ? 35  LEU A O   1 
ATOM   226  C  CB  . LEU A 1 35  ? 1.025   8.598   0.909   1.00 12.91 ? 35  LEU A CB  1 
ATOM   227  C  CG  . LEU A 1 35  ? 2.319   8.825   0.119   1.00 13.83 ? 35  LEU A CG  1 
ATOM   228  C  CD1 . LEU A 1 35  ? 2.478   10.266  -0.282  1.00 15.87 ? 35  LEU A CD1 1 
ATOM   229  C  CD2 . LEU A 1 35  ? 3.494   8.401   0.967   1.00 16.42 ? 35  LEU A CD2 1 
ATOM   230  N  N   . LEU A 1 36  ? -0.409  7.902   -2.234  1.00 11.94 ? 36  LEU A N   1 
ATOM   231  C  CA  . LEU A 1 36  ? -0.360  6.887   -3.312  1.00 12.65 ? 36  LEU A CA  1 
ATOM   232  C  C   . LEU A 1 36  ? 1.007   6.947   -3.951  1.00 12.70 ? 36  LEU A C   1 
ATOM   233  O  O   . LEU A 1 36  ? 1.707   7.975   -3.824  1.00 13.93 ? 36  LEU A O   1 
ATOM   234  C  CB  . LEU A 1 36  ? -1.473  7.087   -4.343  1.00 12.19 ? 36  LEU A CB  1 
ATOM   235  C  CG  . LEU A 1 36  ? -2.883  7.114   -3.777  1.00 12.67 ? 36  LEU A CG  1 
ATOM   236  C  CD1 . LEU A 1 36  ? -3.906  7.199   -4.908  1.00 13.08 ? 36  LEU A CD1 1 
ATOM   237  C  CD2 . LEU A 1 36  ? -3.221  5.885   -2.934  1.00 13.51 ? 36  LEU A CD2 1 
ATOM   238  N  N   . VAL A 1 37  ? 1.390   5.883   -4.639  1.00 12.51 ? 37  VAL A N   1 
ATOM   239  C  CA  . VAL A 1 37  ? 2.671   5.794   -5.377  1.00 12.99 ? 37  VAL A CA  1 
ATOM   240  C  C   . VAL A 1 37  ? 2.398   5.416   -6.825  1.00 14.01 ? 37  VAL A C   1 
ATOM   241  O  O   . VAL A 1 37  ? 1.339   4.885   -7.147  1.00 13.47 ? 37  VAL A O   1 
ATOM   242  C  CB  . VAL A 1 37  ? 3.625   4.825   -4.702  1.00 13.18 ? 37  VAL A CB  1 
ATOM   243  C  CG1 . VAL A 1 37  ? 3.902   5.271   -3.271  1.00 14.31 ? 37  VAL A CG1 1 
ATOM   244  C  CG2 . VAL A 1 37  ? 3.144   3.381   -4.753  1.00 13.56 ? 37  VAL A CG2 1 
ATOM   245  N  N   . SER A 1 38  ? 3.361   5.715   -7.679  1.00 14.39 ? 38  SER A N   1 
ATOM   246  C  CA  . SER A 1 38  ? 3.200   5.360   -9.094  1.00 16.13 ? 38  SER A CA  1 
ATOM   247  C  C   . SER A 1 38  ? 3.419   3.859   -9.265  1.00 16.33 ? 38  SER A C   1 
ATOM   248  O  O   . SER A 1 38  ? 4.190   3.220   -8.548  1.00 17.37 ? 38  SER A O   1 
ATOM   249  C  CB  . SER A 1 38  ? 4.125   6.171   -9.954  1.00 15.59 ? 38  SER A CB  1 
ATOM   250  O  OG  . SER A 1 38  ? 5.433   5.999   -9.575  1.00 17.33 ? 38  SER A OG  1 
ATOM   251  N  N   . SER A 1 39  ? 2.721   3.312   -10.253 1.00 18.07 ? 39  SER A N   1 
ATOM   252  C  CA  . SER A 1 39  ? 2.948   1.919   -10.711 1.00 20.27 ? 39  SER A CA  1 
ATOM   253  C  C   . SER A 1 39  ? 4.356   1.779   -11.298 1.00 22.47 ? 39  SER A C   1 
ATOM   254  O  O   . SER A 1 39  ? 4.800   2.697   -12.014 1.00 21.74 ? 39  SER A O   1 
ATOM   255  C  CB  . SER A 1 39  ? 1.901   1.556   -11.731 1.00 23.07 ? 39  SER A CB  1 
ATOM   256  O  OG  . SER A 1 39  ? 2.286   0.365   -12.418 1.00 23.65 ? 39  SER A OG  1 
ATOM   257  N  N   . SER A 1 40  ? 5.025   0.670   -11.062 1.00 22.95 ? 40  SER A N   1 
ATOM   258  C  CA  . SER A 1 40  ? 6.368   0.426   -11.638 1.00 27.69 ? 40  SER A CA  1 
ATOM   259  C  C   . SER A 1 40  ? 6.218   0.066   -13.123 1.00 33.23 ? 40  SER A C   1 
ATOM   260  O  O   . SER A 1 40  ? 7.001   0.505   -13.930 1.00 38.38 ? 40  SER A O   1 
ATOM   261  C  CB  . SER A 1 40  ? 7.018   -0.712  -10.927 1.00 30.75 ? 40  SER A CB  1 
ATOM   262  O  OG  . SER A 1 40  ? 6.216   -1.874  -11.074 1.00 31.96 ? 40  SER A OG  1 
ATOM   263  N  N   . ARG A 1 41  ? 5.214   -0.752  -13.454 1.00 35.64 ? 41  ARG A N   1 
ATOM   264  C  CA  . ARG A 1 41  ? 5.013   -1.207  -14.860 1.00 44.86 ? 41  ARG A CA  1 
ATOM   265  C  C   . ARG A 1 41  ? 4.372   -0.097  -15.706 1.00 46.65 ? 41  ARG A C   1 
ATOM   266  O  O   . ARG A 1 41  ? 4.648   -0.047  -16.921 1.00 47.51 ? 41  ARG A O   1 
ATOM   267  C  CB  . ARG A 1 41  ? 4.158   -2.478  -14.890 1.00 51.69 ? 41  ARG A CB  1 
ATOM   268  C  CG  . ARG A 1 41  ? 4.651   -3.581  -13.964 1.00 57.17 ? 41  ARG A CG  1 
ATOM   269  C  CD  . ARG A 1 41  ? 3.771   -4.815  -14.015 1.00 64.25 ? 41  ARG A CD  1 
ATOM   270  N  NE  . ARG A 1 41  ? 4.231   -5.784  -15.000 1.00 74.42 ? 41  ARG A NE  1 
ATOM   271  C  CZ  . ARG A 1 41  ? 4.517   -7.052  -14.732 1.00 74.74 ? 41  ARG A CZ  1 
ATOM   272  N  NH1 . ARG A 1 41  ? 4.389   -7.514  -13.499 1.00 76.16 ? 41  ARG A NH1 1 
ATOM   273  N  NH2 . ARG A 1 41  ? 4.928   -7.856  -15.696 1.00 75.47 ? 41  ARG A NH2 1 
ATOM   274  N  N   . HIS A 1 42  ? 3.553   0.748   -15.077 1.00 40.61 ? 42  HIS A N   1 
ATOM   275  C  CA  . HIS A 1 42  ? 2.830   1.855   -15.760 1.00 40.61 ? 42  HIS A CA  1 
ATOM   276  C  C   . HIS A 1 42  ? 2.936   3.175   -14.972 1.00 36.53 ? 42  HIS A C   1 
ATOM   277  O  O   . HIS A 1 42  ? 2.018   3.475   -14.248 1.00 29.56 ? 42  HIS A O   1 
ATOM   278  C  CB  . HIS A 1 42  ? 1.368   1.450   -15.940 1.00 41.45 ? 42  HIS A CB  1 
ATOM   279  C  CG  . HIS A 1 42  ? 1.155   0.062   -16.451 1.00 48.00 ? 42  HIS A CG  1 
ATOM   280  N  ND1 . HIS A 1 42  ? 0.994   -1.019  -15.627 1.00 49.89 ? 42  HIS A ND1 1 
ATOM   281  C  CD2 . HIS A 1 42  ? 1.196   -0.433  -17.696 1.00 49.33 ? 42  HIS A CD2 1 
ATOM   282  C  CE1 . HIS A 1 42  ? 0.838   -2.103  -16.354 1.00 53.56 ? 42  HIS A CE1 1 
ATOM   283  N  NE2 . HIS A 1 42  ? 0.967   -1.763  -17.614 1.00 50.85 ? 42  HIS A NE2 1 
ATOM   284  N  N   . PRO A 1 43  ? 3.977   4.017   -15.160 1.00 35.39 ? 43  PRO A N   1 
ATOM   285  C  CA  . PRO A 1 43  ? 4.221   5.166   -14.280 1.00 33.79 ? 43  PRO A CA  1 
ATOM   286  C  C   . PRO A 1 43  ? 3.239   6.352   -14.273 1.00 30.46 ? 43  PRO A C   1 
ATOM   287  O  O   . PRO A 1 43  ? 3.404   7.207   -13.429 1.00 30.31 ? 43  PRO A O   1 
ATOM   288  C  CB  . PRO A 1 43  ? 5.580   5.691   -14.764 1.00 36.82 ? 43  PRO A CB  1 
ATOM   289  C  CG  . PRO A 1 43  ? 6.237   4.459   -15.323 1.00 39.48 ? 43  PRO A CG  1 
ATOM   290  C  CD  . PRO A 1 43  ? 5.110   3.773   -16.060 1.00 38.31 ? 43  PRO A CD  1 
ATOM   291  N  N   . ASP A 1 44  ? 2.280   6.414   -15.186 1.00 30.19 ? 44  ASP A N   1 
ATOM   292  C  CA  . ASP A 1 44  ? 1.237   7.472   -15.150 1.00 31.56 ? 44  ASP A CA  1 
ATOM   293  C  C   . ASP A 1 44  ? 0.002   6.984   -14.360 1.00 28.75 ? 44  ASP A C   1 
ATOM   294  O  O   . ASP A 1 44  ? -1.019  7.679   -14.378 1.00 29.08 ? 44  ASP A O   1 
ATOM   295  C  CB  . ASP A 1 44  ? 0.876   7.926   -16.572 1.00 38.46 ? 44  ASP A CB  1 
ATOM   296  C  CG  . ASP A 1 44  ? 0.334   6.816   -17.461 1.00 43.53 ? 44  ASP A CG  1 
ATOM   297  O  OD1 . ASP A 1 44  ? 0.566   5.625   -17.133 1.00 47.21 ? 44  ASP A OD1 1 
ATOM   298  O  OD2 . ASP A 1 44  ? -0.274  7.151   -18.514 1.00 50.70 ? 44  ASP A OD2 1 
ATOM   299  N  N   . ARG A 1 45  ? 0.084   5.799   -13.740 1.00 24.38 ? 45  ARG A N   1 
ATOM   300  C  CA  . ARG A 1 45  ? -1.020  5.230   -12.910 1.00 24.30 ? 45  ARG A CA  1 
ATOM   301  C  C   . ARG A 1 45  ? -0.600  5.293   -11.439 1.00 18.68 ? 45  ARG A C   1 
ATOM   302  O  O   . ARG A 1 45  ? 0.588   5.148   -11.148 1.00 19.91 ? 45  ARG A O   1 
ATOM   303  C  CB  . ARG A 1 45  ? -1.268  3.751   -13.215 1.00 24.94 ? 45  ARG A CB  1 
ATOM   304  C  CG  . ARG A 1 45  ? -1.494  3.450   -14.692 1.00 31.37 ? 45  ARG A CG  1 
ATOM   305  C  CD  . ARG A 1 45  ? -1.788  1.975   -14.899 1.00 34.41 ? 45  ARG A CD  1 
ATOM   306  N  NE  . ARG A 1 45  ? -1.778  1.655   -16.324 1.00 43.36 ? 45  ARG A NE  1 
ATOM   307  C  CZ  . ARG A 1 45  ? -2.041  0.456   -16.830 1.00 43.66 ? 45  ARG A CZ  1 
ATOM   308  N  NH1 . ARG A 1 45  ? -2.337  -0.564  -16.038 1.00 42.79 ? 45  ARG A NH1 1 
ATOM   309  N  NH2 . ARG A 1 45  ? -1.995  0.295   -18.141 1.00 50.91 ? 45  ARG A NH2 1 
ATOM   310  N  N   . TRP A 1 46  ? -1.601  5.446   -10.594 1.00 14.48 ? 46  TRP A N   1 
ATOM   311  C  CA  . TRP A 1 46  ? -1.429  5.486   -9.095  1.00 13.93 ? 46  TRP A CA  1 
ATOM   312  C  C   . TRP A 1 46  ? -1.875  4.158   -8.529  1.00 14.18 ? 46  TRP A C   1 
ATOM   313  O  O   . TRP A 1 46  ? -2.878  3.591   -8.999  1.00 15.05 ? 46  TRP A O   1 
ATOM   314  C  CB  . TRP A 1 46  ? -2.168  6.643   -8.439  1.00 14.94 ? 46  TRP A CB  1 
ATOM   315  C  CG  . TRP A 1 46  ? -1.668  7.961   -8.925  1.00 15.83 ? 46  TRP A CG  1 
ATOM   316  C  CD1 . TRP A 1 46  ? -2.298  8.793   -9.807  1.00 18.22 ? 46  TRP A CD1 1 
ATOM   317  C  CD2 . TRP A 1 46  ? -0.432  8.593   -8.588  1.00 16.15 ? 46  TRP A CD2 1 
ATOM   318  N  NE1 . TRP A 1 46  ? -1.534  9.907   -10.004 1.00 18.64 ? 46  TRP A NE1 1 
ATOM   319  C  CE2 . TRP A 1 46  ? -0.375  9.834   -9.267  1.00 18.20 ? 46  TRP A CE2 1 
ATOM   320  C  CE3 . TRP A 1 46  ? 0.647   8.246   -7.752  1.00 18.79 ? 46  TRP A CE3 1 
ATOM   321  C  CZ2 . TRP A 1 46  ? 0.716   10.709  -9.120  1.00 20.56 ? 46  TRP A CZ2 1 
ATOM   322  C  CZ3 . TRP A 1 46  ? 1.726   9.095   -7.628  1.00 19.78 ? 46  TRP A CZ3 1 
ATOM   323  C  CH2 . TRP A 1 46  ? 1.764   10.327  -8.304  1.00 18.82 ? 46  TRP A CH2 1 
ATOM   324  N  N   . ILE A 1 47  ? -1.202  3.734   -7.458  1.00 13.20 ? 47  ILE A N   1 
ATOM   325  C  CA  . ILE A 1 47  ? -1.612  2.518   -6.695  1.00 13.18 ? 47  ILE A CA  1 
ATOM   326  C  C   . ILE A 1 47  ? -1.417  2.809   -5.206  1.00 11.41 ? 47  ILE A C   1 
ATOM   327  O  O   . ILE A 1 47  ? -0.659  3.734   -4.787  1.00 12.22 ? 47  ILE A O   1 
ATOM   328  C  CB  . ILE A 1 47  ? -0.716  1.333   -7.105  1.00 12.45 ? 47  ILE A CB  1 
ATOM   329  C  CG1 . ILE A 1 47  ? 0.735   1.564   -6.719  1.00 14.86 ? 47  ILE A CG1 1 
ATOM   330  C  CG2 . ILE A 1 47  ? -0.827  1.094   -8.620  1.00 15.19 ? 47  ILE A CG2 1 
ATOM   331  C  CD1 . ILE A 1 47  ? 1.645   0.387   -7.029  1.00 14.86 ? 47  ILE A CD1 1 
ATOM   332  N  N   . VAL A 1 48  ? -1.990  1.950   -4.388  1.00 11.08 ? 48  VAL A N   1 
ATOM   333  C  CA  . VAL A 1 48  ? -1.741  1.956   -2.916  1.00 10.45 ? 48  VAL A CA  1 
ATOM   334  C  C   . VAL A 1 48  ? -0.431  1.205   -2.686  1.00 11.26 ? 48  VAL A C   1 
ATOM   335  O  O   . VAL A 1 48  ? -0.252  0.090   -3.180  1.00 13.23 ? 48  VAL A O   1 
ATOM   336  C  CB  . VAL A 1 48  ? -2.895  1.304   -2.173  1.00 10.63 ? 48  VAL A CB  1 
ATOM   337  C  CG1 . VAL A 1 48  ? -2.616  1.181   -0.702  1.00 11.32 ? 48  VAL A CG1 1 
ATOM   338  C  CG2 . VAL A 1 48  ? -4.175  2.044   -2.400  1.00 12.64 ? 48  VAL A CG2 1 
ATOM   339  N  N   . PRO A 1 49  ? 0.526   1.737   -1.953  1.00 11.00 ? 49  PRO A N   1 
ATOM   340  C  CA  . PRO A 1 49  ? 1.790   1.058   -1.707  1.00 12.69 ? 49  PRO A CA  1 
ATOM   341  C  C   . PRO A 1 49  ? 1.546   -0.231  -0.921  1.00 11.87 ? 49  PRO A C   1 
ATOM   342  O  O   . PRO A 1 49  ? 0.859   -0.302  0.033   1.00 12.57 ? 49  PRO A O   1 
ATOM   343  C  CB  . PRO A 1 49  ? 2.621   2.052   -0.896  1.00 13.08 ? 49  PRO A CB  1 
ATOM   344  C  CG  . PRO A 1 49  ? 1.613   2.957   -0.302  1.00 12.05 ? 49  PRO A CG  1 
ATOM   345  C  CD  . PRO A 1 49  ? 0.516   3.066   -1.321  1.00 11.24 ? 49  PRO A CD  1 
ATOM   346  N  N   . GLY A 1 50  ? 2.217   -1.270  -1.355  1.00 12.32 ? 50  GLY A N   1 
ATOM   347  C  CA  . GLY A 1 50  ? 2.056   -2.619  -0.791  1.00 12.36 ? 50  GLY A CA  1 
ATOM   348  C  C   . GLY A 1 50  ? 2.809   -3.636  -1.644  1.00 12.86 ? 50  GLY A C   1 
ATOM   349  O  O   . GLY A 1 50  ? 3.309   -3.364  -2.763  1.00 14.06 ? 50  GLY A O   1 
ATOM   350  N  N   . GLY A 1 51  ? 2.842   -4.885  -1.197  1.00 11.85 ? 51  GLY A N   1 
ATOM   351  C  CA  . GLY A 1 51  ? 3.533   -5.946  -1.920  1.00 12.90 ? 51  GLY A CA  1 
ATOM   352  C  C   . GLY A 1 51  ? 3.501   -7.226  -1.171  1.00 12.60 ? 51  GLY A C   1 
ATOM   353  O  O   . GLY A 1 51  ? 2.780   -7.432  -0.188  1.00 12.52 ? 51  GLY A O   1 
ATOM   354  N  N   . GLY A 1 52  ? 4.369   -8.107  -1.635  1.00 14.40 ? 52  GLY A N   1 
ATOM   355  C  CA  . GLY A 1 52  ? 4.261   -9.487  -1.172  1.00 14.41 ? 52  GLY A CA  1 
ATOM   356  C  C   . GLY A 1 52  ? 4.791   -9.695  0.215   1.00 14.53 ? 52  GLY A C   1 
ATOM   357  O  O   . GLY A 1 52  ? 5.840   -9.097  0.584   1.00 16.59 ? 52  GLY A O   1 
ATOM   358  N  N   . MET A 1 53  ? 4.147   -10.552 0.987   1.00 13.70 ? 53  MET A N   1 
ATOM   359  C  CA  A MET A 1 53  ? 4.688   -11.020 2.282   0.51 14.44 ? 53  MET A CA  1 
ATOM   360  C  CA  B MET A 1 53  ? 4.689   -11.028 2.275   0.49 14.35 ? 53  MET A CA  1 
ATOM   361  C  C   . MET A 1 53  ? 5.828   -12.029 2.024   1.00 14.72 ? 53  MET A C   1 
ATOM   362  O  O   . MET A 1 53  ? 5.733   -12.855 1.071   1.00 15.86 ? 53  MET A O   1 
ATOM   363  C  CB  A MET A 1 53  ? 3.561   -11.660 3.075   0.51 14.85 ? 53  MET A CB  1 
ATOM   364  C  CB  B MET A 1 53  ? 3.593   -11.756 3.014   0.49 14.49 ? 53  MET A CB  1 
ATOM   365  C  CG  A MET A 1 53  ? 2.504   -10.637 3.541   0.51 15.42 ? 53  MET A CG  1 
ATOM   366  C  CG  B MET A 1 53  ? 2.381   -10.904 3.320   0.49 14.98 ? 53  MET A CG  1 
ATOM   367  S  SD  A MET A 1 53  ? 0.930   -11.263 4.173   0.51 15.09 ? 53  MET A SD  1 
ATOM   368  S  SD  B MET A 1 53  ? 1.500   -11.740 4.607   0.49 15.72 ? 53  MET A SD  1 
ATOM   369  C  CE  A MET A 1 53  ? 1.509   -12.146 5.626   0.51 15.62 ? 53  MET A CE  1 
ATOM   370  C  CE  B MET A 1 53  ? -0.165  -11.149 4.323   0.49 13.40 ? 53  MET A CE  1 
ATOM   371  N  N   . GLU A 1 54  ? 6.861   -11.943 2.845   1.00 15.32 ? 54  GLU A N   1 
ATOM   372  C  CA  . GLU A 1 54  ? 7.989   -12.913 2.791   1.00 16.55 ? 54  GLU A CA  1 
ATOM   373  C  C   . GLU A 1 54  ? 7.626   -14.126 3.629   1.00 14.85 ? 54  GLU A C   1 
ATOM   374  O  O   . GLU A 1 54  ? 6.703   -14.143 4.412   1.00 14.08 ? 54  GLU A O   1 
ATOM   375  C  CB  . GLU A 1 54  ? 9.254   -12.218 3.264   1.00 19.24 ? 54  GLU A CB  1 
ATOM   376  C  CG  . GLU A 1 54  ? 9.680   -11.080 2.371   1.00 22.18 ? 54  GLU A CG  1 
ATOM   377  C  CD  . GLU A 1 54  ? 10.811  -10.235 2.954   1.00 27.93 ? 54  GLU A CD  1 
ATOM   378  O  OE1 . GLU A 1 54  ? 11.169  -10.427 4.143   1.00 34.81 ? 54  GLU A OE1 1 
ATOM   379  O  OE2 . GLU A 1 54  ? 11.271  -9.322  2.247   1.00 37.42 ? 54  GLU A OE2 1 
ATOM   380  N  N   . PRO A 1 55  ? 8.430   -15.231 3.516   1.00 16.15 ? 55  PRO A N   1 
ATOM   381  C  CA  . PRO A 1 55  ? 8.100   -16.375 4.322   1.00 17.15 ? 55  PRO A CA  1 
ATOM   382  C  C   . PRO A 1 55  ? 8.115   -16.124 5.826   1.00 16.39 ? 55  PRO A C   1 
ATOM   383  O  O   . PRO A 1 55  ? 9.080   -15.408 6.255   1.00 18.22 ? 55  PRO A O   1 
ATOM   384  C  CB  . PRO A 1 55  ? 9.204   -17.356 3.921   1.00 17.86 ? 55  PRO A CB  1 
ATOM   385  C  CG  . PRO A 1 55  ? 9.572   -16.997 2.543   1.00 17.42 ? 55  PRO A CG  1 
ATOM   386  C  CD  . PRO A 1 55  ? 9.445   -15.477 2.498   1.00 16.71 ? 55  PRO A CD  1 
ATOM   387  N  N   . GLU A 1 56  ? 7.119   -16.586 6.540   1.00 15.80 ? 56  GLU A N   1 
ATOM   388  C  CA  . GLU A 1 56  ? 6.920   -16.450 7.984   1.00 18.04 ? 56  GLU A CA  1 
ATOM   389  C  C   . GLU A 1 56  ? 6.882   -14.987 8.401   1.00 19.75 ? 56  GLU A C   1 
ATOM   390  O  O   . GLU A 1 56  ? 6.998   -14.726 9.549   1.00 21.63 ? 56  GLU A O   1 
ATOM   391  C  CB  . GLU A 1 56  ? 8.096   -17.146 8.710   1.00 19.52 ? 56  GLU A CB  1 
ATOM   392  C  CG  . GLU A 1 56  ? 8.302   -18.597 8.317   1.00 22.64 ? 56  GLU A CG  1 
ATOM   393  C  CD  . GLU A 1 56  ? 9.129   -19.346 9.347   1.00 28.44 ? 56  GLU A CD  1 
ATOM   394  O  OE1 . GLU A 1 56  ? 8.978   -19.055 10.549  1.00 34.07 ? 56  GLU A OE1 1 
ATOM   395  O  OE2 . GLU A 1 56  ? 9.828   -20.285 8.941   1.00 34.02 ? 56  GLU A OE2 1 
ATOM   396  N  N   . GLU A 1 57  ? 6.628   -14.074 7.478   1.00 16.91 ? 57  GLU A N   1 
ATOM   397  C  CA  . GLU A 1 57  ? 6.567   -12.622 7.821   1.00 17.59 ? 57  GLU A CA  1 
ATOM   398  C  C   . GLU A 1 57  ? 5.159   -12.259 8.296   1.00 15.57 ? 57  GLU A C   1 
ATOM   399  O  O   . GLU A 1 57  ? 4.191   -12.517 7.548   1.00 17.06 ? 57  GLU A O   1 
ATOM   400  C  CB  . GLU A 1 57  ? 6.967   -11.795 6.634   1.00 17.17 ? 57  GLU A CB  1 
ATOM   401  C  CG  . GLU A 1 57  ? 7.112   -10.325 6.977   1.00 17.14 ? 57  GLU A CG  1 
ATOM   402  C  CD  . GLU A 1 57  ? 7.533   -9.497  5.802   1.00 17.29 ? 57  GLU A CD  1 
ATOM   403  O  OE1 . GLU A 1 57  ? 7.149   -9.819  4.668   1.00 16.60 ? 57  GLU A OE1 1 
ATOM   404  O  OE2 . GLU A 1 57  ? 8.295   -8.483  6.000   1.00 17.56 ? 57  GLU A OE2 1 
ATOM   405  N  N   . GLU A 1 58  ? 4.979   -11.656 9.453   1.00 16.52 ? 58  GLU A N   1 
ATOM   406  C  CA  . GLU A 1 58  ? 3.677   -11.164 9.933   1.00 17.07 ? 58  GLU A CA  1 
ATOM   407  C  C   . GLU A 1 58  ? 3.144   -10.145 8.913   1.00 14.79 ? 58  GLU A C   1 
ATOM   408  O  O   . GLU A 1 58  ? 3.893   -9.318  8.398   1.00 15.38 ? 58  GLU A O   1 
ATOM   409  C  CB  . GLU A 1 58  ? 3.823   -10.519 11.317  1.00 22.13 ? 58  GLU A CB  1 
ATOM   410  C  CG  . GLU A 1 58  ? 3.998   -11.523 12.441  1.00 27.60 ? 58  GLU A CG  1 
ATOM   411  C  CD  . GLU A 1 58  ? 2.708   -12.271 12.744  1.00 37.15 ? 58  GLU A CD  1 
ATOM   412  O  OE1 . GLU A 1 58  ? 1.589   -11.660 12.641  1.00 43.39 ? 58  GLU A OE1 1 
ATOM   413  O  OE2 . GLU A 1 58  ? 2.811   -13.470 13.073  1.00 48.54 ? 58  GLU A OE2 1 
ATOM   414  N  N   . PRO A 1 59  ? 1.823   -10.162 8.650   1.00 16.15 ? 59  PRO A N   1 
ATOM   415  C  CA  . PRO A 1 59  ? 1.266   -9.210  7.681   1.00 15.80 ? 59  PRO A CA  1 
ATOM   416  C  C   . PRO A 1 59  ? 1.549   -7.746  8.064   1.00 15.65 ? 59  PRO A C   1 
ATOM   417  O  O   . PRO A 1 59  ? 1.823   -6.951  7.158   1.00 13.89 ? 59  PRO A O   1 
ATOM   418  C  CB  . PRO A 1 59  ? -0.226  -9.525  7.625   1.00 17.15 ? 59  PRO A CB  1 
ATOM   419  C  CG  . PRO A 1 59  ? -0.498  -10.590 8.619   1.00 20.16 ? 59  PRO A CG  1 
ATOM   420  C  CD  . PRO A 1 59  ? 0.826   -11.129 9.117   1.00 17.25 ? 59  PRO A CD  1 
ATOM   421  N  N   . SER A 1 60  ? 1.458   -7.403  9.343   1.00 16.04 ? 60  SER A N   1 
ATOM   422  C  CA  . SER A 1 60  ? 1.691   -6.007  9.815   1.00 16.88 ? 60  SER A CA  1 
ATOM   423  C  C   . SER A 1 60  ? 3.143   -5.622  9.518   1.00 17.29 ? 60  SER A C   1 
ATOM   424  O  O   . SER A 1 60  ? 3.438   -4.459  9.133   1.00 16.79 ? 60  SER A O   1 
ATOM   425  C  CB  . SER A 1 60  ? 1.369   -5.863  11.245  1.00 18.80 ? 60  SER A CB  1 
ATOM   426  O  OG  . SER A 1 60  ? 2.131   -6.733  12.052  1.00 21.13 ? 60  SER A OG  1 
ATOM   427  N  N   . VAL A 1 61  ? 4.091   -6.530  9.730   1.00 15.57 ? 61  VAL A N   1 
ATOM   428  C  CA  . VAL A 1 61  ? 5.515   -6.303  9.411   1.00 16.54 ? 61  VAL A CA  1 
ATOM   429  C  C   . VAL A 1 61  ? 5.713   -6.095  7.919   1.00 16.03 ? 61  VAL A C   1 
ATOM   430  O  O   . VAL A 1 61  ? 6.420   -5.168  7.483   1.00 15.25 ? 61  VAL A O   1 
ATOM   431  C  CB  . VAL A 1 61  ? 6.370   -7.461  9.985   1.00 16.13 ? 61  VAL A CB  1 
ATOM   432  C  CG1 . VAL A 1 61  ? 7.818   -7.352  9.549   1.00 18.97 ? 61  VAL A CG1 1 
ATOM   433  C  CG2 . VAL A 1 61  ? 6.243   -7.444  11.523  1.00 16.85 ? 61  VAL A CG2 1 
ATOM   434  N  N   . ALA A 1 62  ? 5.122   -6.949  7.073   1.00 14.44 ? 62  ALA A N   1 
ATOM   435  C  CA  . ALA A 1 62  ? 5.204   -6.812  5.615   1.00 14.16 ? 62  ALA A CA  1 
ATOM   436  C  C   . ALA A 1 62  ? 4.623   -5.461  5.189   1.00 12.54 ? 62  ALA A C   1 
ATOM   437  O  O   . ALA A 1 62  ? 5.203   -4.840  4.333   1.00 13.55 ? 62  ALA A O   1 
ATOM   438  C  CB  . ALA A 1 62  ? 4.421   -7.959  4.989   1.00 14.20 ? 62  ALA A CB  1 
ATOM   439  N  N   . ALA A 1 63  ? 3.511   -5.088  5.782   1.00 13.33 ? 63  ALA A N   1 
ATOM   440  C  CA  . ALA A 1 63  ? 2.847   -3.821  5.372   1.00 13.93 ? 63  ALA A CA  1 
ATOM   441  C  C   . ALA A 1 63  ? 3.775   -2.629  5.613   1.00 13.96 ? 63  ALA A C   1 
ATOM   442  O  O   . ALA A 1 63  ? 3.955   -1.814  4.672   1.00 14.49 ? 63  ALA A O   1 
ATOM   443  C  CB  . ALA A 1 63  ? 1.590   -3.630  6.153   1.00 12.96 ? 63  ALA A CB  1 
ATOM   444  N  N   . VAL A 1 64  ? 4.380   -2.579  6.796   1.00 14.76 ? 64  VAL A N   1 
ATOM   445  C  CA  . VAL A 1 64  ? 5.279   -1.449  7.182   1.00 15.12 ? 64  VAL A CA  1 
ATOM   446  C  C   . VAL A 1 64  ? 6.533   -1.483  6.285   1.00 15.46 ? 64  VAL A C   1 
ATOM   447  O  O   . VAL A 1 64  ? 7.024   -0.470  5.835   1.00 15.11 ? 64  VAL A O   1 
ATOM   448  C  CB  . VAL A 1 64  ? 5.632   -1.581  8.677   1.00 18.64 ? 64  VAL A CB  1 
ATOM   449  C  CG1 . VAL A 1 64  ? 6.841   -0.743  9.091   1.00 21.26 ? 64  VAL A CG1 1 
ATOM   450  C  CG2 . VAL A 1 64  ? 4.379   -1.298  9.511   1.00 20.19 ? 64  VAL A CG2 1 
ATOM   451  N  N   . ARG A 1 65  ? 7.078   -2.674  6.052   1.00 13.56 ? 65  ARG A N   1 
ATOM   452  C  CA  . ARG A 1 65  ? 8.256   -2.824  5.213   1.00 14.04 ? 65  ARG A CA  1 
ATOM   453  C  C   . ARG A 1 65  ? 7.975   -2.361  3.782   1.00 14.17 ? 65  ARG A C   1 
ATOM   454  O  O   . ARG A 1 65  ? 8.733   -1.585  3.219   1.00 15.52 ? 65  ARG A O   1 
ATOM   455  C  CB  . ARG A 1 65  ? 8.708   -4.284  5.195   1.00 15.31 ? 65  ARG A CB  1 
ATOM   456  C  CG  . ARG A 1 65  ? 9.869   -4.510  4.263   1.00 16.68 ? 65  ARG A CG  1 
ATOM   457  C  CD  . ARG A 1 65  ? 10.286  -5.988  4.225   1.00 17.45 ? 65  ARG A CD  1 
ATOM   458  N  NE  . ARG A 1 65  ? 9.199   -6.921  3.860   1.00 17.40 ? 65  ARG A NE  1 
ATOM   459  C  CZ  . ARG A 1 65  ? 8.626   -7.025  2.672   1.00 17.74 ? 65  ARG A CZ  1 
ATOM   460  N  NH1 . ARG A 1 65  ? 9.040   -6.328  1.632   1.00 18.35 ? 65  ARG A NH1 1 
ATOM   461  N  NH2 . ARG A 1 65  ? 7.624   -7.899  2.530   1.00 18.04 ? 65  ARG A NH2 1 
ATOM   462  N  N   . GLU A 1 66  ? 6.858   -2.826  3.193   1.00 14.29 ? 66  GLU A N   1 
ATOM   463  C  CA  . GLU A 1 66  ? 6.569   -2.456  1.798   1.00 14.24 ? 66  GLU A CA  1 
ATOM   464  C  C   . GLU A 1 66  ? 6.339   -0.945  1.643   1.00 13.30 ? 66  GLU A C   1 
ATOM   465  O  O   . GLU A 1 66  ? 6.735   -0.397  0.609   1.00 14.90 ? 66  GLU A O   1 
ATOM   466  C  CB  . GLU A 1 66  ? 5.337   -3.219  1.306   1.00 16.21 ? 66  GLU A CB  1 
ATOM   467  C  CG  . GLU A 1 66  ? 5.653   -4.690  0.991   1.00 17.46 ? 66  GLU A CG  1 
ATOM   468  C  CD  . GLU A 1 66  ? 6.447   -4.881  -0.267  1.00 19.05 ? 66  GLU A CD  1 
ATOM   469  O  OE1 . GLU A 1 66  ? 7.014   -6.020  -0.474  1.00 20.58 ? 66  GLU A OE1 1 
ATOM   470  O  OE2 . GLU A 1 66  ? 6.502   -3.973  -1.122  1.00 20.33 ? 66  GLU A OE2 1 
ATOM   471  N  N   . VAL A 1 67  ? 5.684   -0.314  2.620   1.00 13.31 ? 67  VAL A N   1 
ATOM   472  C  CA  A VAL A 1 67  ? 5.471   1.154   2.576   0.50 13.47 ? 67  VAL A CA  1 
ATOM   473  C  CA  B VAL A 1 67  ? 5.465   1.149   2.461   0.50 13.14 ? 67  VAL A CA  1 
ATOM   474  C  C   . VAL A 1 67  ? 6.803   1.890   2.670   1.00 14.38 ? 67  VAL A C   1 
ATOM   475  O  O   . VAL A 1 67  ? 6.998   2.878   1.958   1.00 14.61 ? 67  VAL A O   1 
ATOM   476  C  CB  A VAL A 1 67  ? 4.572   1.615   3.720   0.50 14.73 ? 67  VAL A CB  1 
ATOM   477  C  CB  B VAL A 1 67  ? 4.259   1.688   3.266   0.50 14.00 ? 67  VAL A CB  1 
ATOM   478  C  CG1 A VAL A 1 67  ? 4.687   3.117   3.916   0.50 15.58 ? 67  VAL A CG1 1 
ATOM   479  C  CG1 B VAL A 1 67  ? 2.993   0.937   2.863   0.50 13.93 ? 67  VAL A CG1 1 
ATOM   480  C  CG2 A VAL A 1 67  ? 3.137   1.191   3.474   0.50 15.08 ? 67  VAL A CG2 1 
ATOM   481  C  CG2 B VAL A 1 67  ? 4.464   1.698   4.778   0.50 14.91 ? 67  VAL A CG2 1 
ATOM   482  N  N   . CYS A 1 68  ? 7.684   1.405   3.515   1.00 14.98 ? 68  CYS A N   1 
ATOM   483  C  CA  . CYS A 1 68  ? 9.031   2.026   3.574   1.00 17.08 ? 68  CYS A CA  1 
ATOM   484  C  C   . CYS A 1 68  ? 9.747   1.896   2.219   1.00 16.37 ? 68  CYS A C   1 
ATOM   485  O  O   . CYS A 1 68  ? 10.229  2.900   1.711   1.00 16.04 ? 68  CYS A O   1 
ATOM   486  C  CB  . CYS A 1 68  ? 9.800   1.387   4.715   1.00 16.60 ? 68  CYS A CB  1 
ATOM   487  S  SG  . CYS A 1 68  ? 11.530  1.917   4.785   1.00 22.20 ? 68  CYS A SG  1 
ATOM   488  N  N   . GLU A 1 69  ? 9.736   0.699   1.632   1.00 15.41 ? 69  GLU A N   1 
ATOM   489  C  CA  . GLU A 1 69  ? 10.436  0.441   0.346   1.00 17.30 ? 69  GLU A CA  1 
ATOM   490  C  C   . GLU A 1 69  ? 9.827   1.232   -0.797  1.00 16.90 ? 69  GLU A C   1 
ATOM   491  O  O   . GLU A 1 69  ? 10.550  1.824   -1.622  1.00 16.99 ? 69  GLU A O   1 
ATOM   492  C  CB  . GLU A 1 69  ? 10.333  -1.035  -0.055  1.00 18.06 ? 69  GLU A CB  1 
ATOM   493  C  CG  . GLU A 1 69  ? 11.049  -1.962  0.888   1.00 21.02 ? 69  GLU A CG  1 
ATOM   494  C  CD  . GLU A 1 69  ? 10.854  -3.455  0.607   1.00 26.13 ? 69  GLU A CD  1 
ATOM   495  O  OE1 . GLU A 1 69  ? 11.458  -4.274  1.316   1.00 27.96 ? 69  GLU A OE1 1 
ATOM   496  O  OE2 . GLU A 1 69  ? 10.030  -3.798  -0.287  1.00 29.73 ? 69  GLU A OE2 1 
ATOM   497  N  N   . GLU A 1 70  ? 8.491   1.267   -0.882  1.00 15.31 ? 70  GLU A N   1 
ATOM   498  C  CA  . GLU A 1 70  ? 7.802   1.799   -2.067  1.00 15.48 ? 70  GLU A CA  1 
ATOM   499  C  C   . GLU A 1 70  ? 7.501   3.292   -1.959  1.00 13.97 ? 70  GLU A C   1 
ATOM   500  O  O   . GLU A 1 70  ? 7.545   3.981   -3.007  1.00 15.47 ? 70  GLU A O   1 
ATOM   501  C  CB  . GLU A 1 70  ? 6.478   1.072   -2.291  1.00 14.97 ? 70  GLU A CB  1 
ATOM   502  C  CG  . GLU A 1 70  ? 6.688   -0.363  -2.708  1.00 16.81 ? 70  GLU A CG  1 
ATOM   503  C  CD  . GLU A 1 70  ? 5.479   -1.016  -3.367  1.00 17.11 ? 70  GLU A CD  1 
ATOM   504  O  OE1 . GLU A 1 70  ? 5.674   -2.183  -3.787  1.00 19.20 ? 70  GLU A OE1 1 
ATOM   505  O  OE2 . GLU A 1 70  ? 4.407   -0.428  -3.494  1.00 16.48 ? 70  GLU A OE2 1 
ATOM   506  N  N   . ALA A 1 71  ? 7.179   3.759   -0.741  1.00 14.00 ? 71  ALA A N   1 
ATOM   507  C  CA  . ALA A 1 71  ? 6.685   5.130   -0.519  1.00 13.62 ? 71  ALA A CA  1 
ATOM   508  C  C   . ALA A 1 71  ? 7.698   5.974   0.274   1.00 13.45 ? 71  ALA A C   1 
ATOM   509  O  O   . ALA A 1 71  ? 7.483   7.196   0.291   1.00 14.98 ? 71  ALA A O   1 
ATOM   510  C  CB  . ALA A 1 71  ? 5.330   5.104   0.147   1.00 13.06 ? 71  ALA A CB  1 
ATOM   511  N  N   . GLY A 1 72  ? 8.692   5.383   0.905   1.00 12.78 ? 72  GLY A N   1 
ATOM   512  C  CA  . GLY A 1 72  ? 9.659   6.175   1.682   1.00 14.98 ? 72  GLY A CA  1 
ATOM   513  C  C   . GLY A 1 72  ? 9.046   6.857   2.876   1.00 14.91 ? 72  GLY A C   1 
ATOM   514  O  O   . GLY A 1 72  ? 9.463   7.998   3.188   1.00 16.55 ? 72  GLY A O   1 
ATOM   515  N  N   . VAL A 1 73  ? 8.122   6.236   3.560   1.00 13.58 ? 73  VAL A N   1 
ATOM   516  C  CA  . VAL A 1 73  ? 7.490   6.807   4.764   1.00 14.71 ? 73  VAL A CA  1 
ATOM   517  C  C   . VAL A 1 73  ? 7.505   5.774   5.864   1.00 14.87 ? 73  VAL A C   1 
ATOM   518  O  O   . VAL A 1 73  ? 7.557   4.541   5.627   1.00 15.29 ? 73  VAL A O   1 
ATOM   519  C  CB  . VAL A 1 73  ? 6.069   7.360   4.520   1.00 16.31 ? 73  VAL A CB  1 
ATOM   520  C  CG1 . VAL A 1 73  ? 6.075   8.432   3.477   1.00 16.21 ? 73  VAL A CG1 1 
ATOM   521  C  CG2 . VAL A 1 73  ? 5.096   6.235   4.151   1.00 16.88 ? 73  VAL A CG2 1 
ATOM   522  N  N   . LYS A 1 74  ? 7.508   6.287   7.090   1.00 14.56 ? 74  LYS A N   1 
ATOM   523  C  CA  . LYS A 1 74  ? 7.353   5.527   8.349   1.00 14.96 ? 74  LYS A CA  1 
ATOM   524  C  C   . LYS A 1 74  ? 6.272   6.208   9.174   1.00 13.53 ? 74  LYS A C   1 
ATOM   525  O  O   . LYS A 1 74  ? 5.975   7.397   8.992   1.00 12.93 ? 74  LYS A O   1 
ATOM   526  C  CB  . LYS A 1 74  ? 8.673   5.443   9.119   1.00 16.71 ? 74  LYS A CB  1 
ATOM   527  C  CG  . LYS A 1 74  ? 9.738   4.789   8.246   1.00 21.95 ? 74  LYS A CG  1 
ATOM   528  C  CD  . LYS A 1 74  ? 10.994  4.451   8.857   1.00 25.77 ? 74  LYS A CD  1 
ATOM   529  C  CE  . LYS A 1 74  ? 11.989  4.050   7.787   1.00 25.71 ? 74  LYS A CE  1 
ATOM   530  N  NZ  . LYS A 1 74  ? 11.772  2.673   7.310   1.00 28.36 ? 74  LYS A NZ  1 
ATOM   531  N  N   . GLY A 1 75  ? 5.696   5.469   10.105  1.00 14.13 ? 75  GLY A N   1 
ATOM   532  C  CA  . GLY A 1 75  ? 4.708   6.050   11.005  1.00 13.78 ? 75  GLY A CA  1 
ATOM   533  C  C   . GLY A 1 75  ? 4.170   5.073   12.023  1.00 13.90 ? 75  GLY A C   1 
ATOM   534  O  O   . GLY A 1 75  ? 4.889   4.099   12.313  1.00 15.60 ? 75  GLY A O   1 
ATOM   535  N  N   . THR A 1 76  ? 3.010   5.402   12.537  1.00 14.62 ? 76  THR A N   1 
ATOM   536  C  CA  . THR A 1 76  ? 2.360   4.636   13.633  1.00 15.16 ? 76  THR A CA  1 
ATOM   537  C  C   . THR A 1 76  ? 1.370   3.682   12.959  1.00 15.06 ? 76  THR A C   1 
ATOM   538  O  O   . THR A 1 76  ? 0.409   4.151   12.373  1.00 14.30 ? 76  THR A O   1 
ATOM   539  C  CB  . THR A 1 76  ? 1.667   5.572   14.605  1.00 17.81 ? 76  THR A CB  1 
ATOM   540  O  OG1 . THR A 1 76  ? 2.692   6.462   15.060  1.00 23.38 ? 76  THR A OG1 1 
ATOM   541  C  CG2 . THR A 1 76  ? 1.065   4.805   15.754  1.00 20.50 ? 76  THR A CG2 1 
ATOM   542  N  N   . LEU A 1 77  ? 1.635   2.384   13.070  1.00 15.01 ? 77  LEU A N   1 
ATOM   543  C  CA  . LEU A 1 77  ? 0.693   1.406   12.478  1.00 17.30 ? 77  LEU A CA  1 
ATOM   544  C  C   . LEU A 1 77  ? -0.593  1.398   13.273  1.00 18.09 ? 77  LEU A C   1 
ATOM   545  O  O   . LEU A 1 77  ? -0.521  1.333   14.505  1.00 20.06 ? 77  LEU A O   1 
ATOM   546  C  CB  . LEU A 1 77  ? 1.293   0.011   12.463  1.00 20.06 ? 77  LEU A CB  1 
ATOM   547  C  CG  . LEU A 1 77  ? 0.525   -0.960  11.542  1.00 24.40 ? 77  LEU A CG  1 
ATOM   548  C  CD1 . LEU A 1 77  ? 0.564   -0.502  10.091  1.00 25.10 ? 77  LEU A CD1 1 
ATOM   549  C  CD2 . LEU A 1 77  ? 1.086   -2.357  11.660  1.00 29.31 ? 77  LEU A CD2 1 
ATOM   550  N  N   . GLY A 1 78  ? -1.718  1.505   12.600  1.00 17.09 ? 78  GLY A N   1 
ATOM   551  C  CA  . GLY A 1 78  ? -3.043  1.389   13.240  1.00 17.55 ? 78  GLY A CA  1 
ATOM   552  C  C   . GLY A 1 78  ? -3.710  0.059   12.930  1.00 16.28 ? 78  GLY A C   1 
ATOM   553  O  O   . GLY A 1 78  ? -3.038  -0.968  12.762  1.00 17.93 ? 78  GLY A O   1 
ATOM   554  N  N   A ARG A 1 79  ? -5.025  0.177   12.745  0.50 16.60 ? 79  ARG A N   1 
ATOM   555  N  N   B ARG A 1 79  ? -5.024  0.079   12.891  0.50 16.85 ? 79  ARG A N   1 
ATOM   556  C  CA  A ARG A 1 79  ? -5.983  -0.952  12.645  0.50 17.05 ? 79  ARG A CA  1 
ATOM   557  C  CA  B ARG A 1 79  ? -5.808  -1.169  12.855  0.50 17.18 ? 79  ARG A CA  1 
ATOM   558  C  C   A ARG A 1 79  ? -5.672  -1.771  11.381  0.50 16.77 ? 79  ARG A C   1 
ATOM   559  C  C   B ARG A 1 79  ? -5.793  -1.740  11.439  0.50 16.69 ? 79  ARG A C   1 
ATOM   560  O  O   A ARG A 1 79  ? -5.160  -1.245  10.403  0.50 15.26 ? 79  ARG A O   1 
ATOM   561  O  O   B ARG A 1 79  ? -5.713  -0.957  10.424  0.50 14.10 ? 79  ARG A O   1 
ATOM   562  C  CB  A ARG A 1 79  ? -7.423  -0.438  12.693  0.50 19.60 ? 79  ARG A CB  1 
ATOM   563  C  CB  B ARG A 1 79  ? -7.262  -0.905  13.211  0.50 18.86 ? 79  ARG A CB  1 
ATOM   564  C  CG  A ARG A 1 79  ? -7.833  0.597   11.647  0.50 21.99 ? 79  ARG A CG  1 
ATOM   565  C  CG  B ARG A 1 79  ? -8.006  -0.162  12.109  0.50 21.50 ? 79  ARG A CG  1 
ATOM   566  C  CD  A ARG A 1 79  ? -9.082  1.347   12.124  0.50 23.68 ? 79  ARG A CD  1 
ATOM   567  C  CD  B ARG A 1 79  ? -9.326  0.495   12.501  0.50 22.91 ? 79  ARG A CD  1 
ATOM   568  N  NE  A ARG A 1 79  ? -9.678  2.257   11.167  0.50 26.20 ? 79  ARG A NE  1 
ATOM   569  N  NE  B ARG A 1 79  ? -9.993  1.124   11.359  0.50 24.47 ? 79  ARG A NE  1 
ATOM   570  C  CZ  A ARG A 1 79  ? -9.355  3.538   11.024  0.50 26.66 ? 79  ARG A CZ  1 
ATOM   571  C  CZ  B ARG A 1 79  ? -10.723 0.453   10.463  0.50 26.44 ? 79  ARG A CZ  1 
ATOM   572  N  NH1 A ARG A 1 79  ? -8.415  4.081   11.775  0.50 22.94 ? 79  ARG A NH1 1 
ATOM   573  N  NH1 B ARG A 1 79  ? -10.880 -0.857  10.593  0.50 27.12 ? 79  ARG A NH1 1 
ATOM   574  N  NH2 A ARG A 1 79  ? -9.963  4.262   10.101  0.50 28.24 ? 79  ARG A NH2 1 
ATOM   575  N  NH2 B ARG A 1 79  ? -11.299 1.095   9.466   0.50 27.87 ? 79  ARG A NH2 1 
ATOM   576  N  N   . LEU A 1 80  ? -5.962  -3.052  11.406  1.00 16.54 ? 80  LEU A N   1 
ATOM   577  C  CA  . LEU A 1 80  ? -6.221  -3.793  10.150  1.00 14.32 ? 80  LEU A CA  1 
ATOM   578  C  C   . LEU A 1 80  ? -7.561  -3.298  9.651   1.00 16.27 ? 80  LEU A C   1 
ATOM   579  O  O   . LEU A 1 80  ? -8.581  -3.336  10.427  1.00 16.33 ? 80  LEU A O   1 
ATOM   580  C  CB  . LEU A 1 80  ? -6.282  -5.273  10.471  1.00 15.05 ? 80  LEU A CB  1 
ATOM   581  C  CG  . LEU A 1 80  ? -6.593  -6.194  9.291   1.00 15.47 ? 80  LEU A CG  1 
ATOM   582  C  CD1 . LEU A 1 80  ? -5.480  -6.170  8.220   1.00 16.52 ? 80  LEU A CD1 1 
ATOM   583  C  CD2 . LEU A 1 80  ? -6.807  -7.604  9.832   1.00 17.50 ? 80  LEU A CD2 1 
ATOM   584  N  N   . VAL A 1 81  ? -7.615  -2.851  8.399   1.00 13.78 ? 81  VAL A N   1 
ATOM   585  C  CA  . VAL A 1 81  ? -8.869  -2.442  7.745   1.00 13.96 ? 81  VAL A CA  1 
ATOM   586  C  C   . VAL A 1 81  ? -9.607  -3.711  7.318   1.00 14.22 ? 81  VAL A C   1 
ATOM   587  O  O   . VAL A 1 81  ? -10.820 -3.863  7.553   1.00 14.84 ? 81  VAL A O   1 
ATOM   588  C  CB  . VAL A 1 81  ? -8.594  -1.517  6.554   1.00 15.73 ? 81  VAL A CB  1 
ATOM   589  C  CG1 . VAL A 1 81  ? -9.867  -1.216  5.772   1.00 16.01 ? 81  VAL A CG1 1 
ATOM   590  C  CG2 . VAL A 1 81  ? -7.866  -0.243  6.997   1.00 18.17 ? 81  VAL A CG2 1 
ATOM   591  N  N   . GLY A 1 82  ? -8.924  -4.623  6.651   1.00 12.36 ? 82  GLY A N   1 
ATOM   592  C  CA  . GLY A 1 82  ? -9.555  -5.855  6.163   1.00 13.73 ? 82  GLY A CA  1 
ATOM   593  C  C   . GLY A 1 82  ? -8.616  -6.626  5.281   1.00 13.88 ? 82  GLY A C   1 
ATOM   594  O  O   . GLY A 1 82  ? -7.444  -6.258  5.113   1.00 13.17 ? 82  GLY A O   1 
ATOM   595  N  N   . ILE A 1 83  ? -9.098  -7.741  4.760   1.00 13.01 ? 83  ILE A N   1 
ATOM   596  C  CA  . ILE A 1 83  ? -8.373  -8.664  3.879   1.00 13.12 ? 83  ILE A CA  1 
ATOM   597  C  C   . ILE A 1 83  ? -9.161  -8.652  2.584   1.00 12.16 ? 83  ILE A C   1 
ATOM   598  O  O   . ILE A 1 83  ? -10.365 -8.937  2.571   1.00 13.86 ? 83  ILE A O   1 
ATOM   599  C  CB  . ILE A 1 83  ? -8.310  -10.057 4.484   1.00 13.19 ? 83  ILE A CB  1 
ATOM   600  C  CG1 . ILE A 1 83  ? -7.671  -10.057 5.882   1.00 15.55 ? 83  ILE A CG1 1 
ATOM   601  C  CG2 . ILE A 1 83  ? -7.577  -11.001 3.543   1.00 15.53 ? 83  ILE A CG2 1 
ATOM   602  C  CD1 . ILE A 1 83  ? -7.774  -11.354 6.659   1.00 18.42 ? 83  ILE A CD1 1 
ATOM   603  N  N   . PHE A 1 84  ? -8.487  -8.331  1.508   1.00 11.27 ? 84  PHE A N   1 
ATOM   604  C  CA  . PHE A 1 84  ? -9.142  -8.023  0.218   1.00 11.91 ? 84  PHE A CA  1 
ATOM   605  C  C   . PHE A 1 84  ? -8.584  -8.975  -0.818  1.00 13.23 ? 84  PHE A C   1 
ATOM   606  O  O   . PHE A 1 84  ? -7.358  -9.030  -1.083  1.00 13.61 ? 84  PHE A O   1 
ATOM   607  C  CB  . PHE A 1 84  ? -8.816  -6.585  -0.195  1.00 12.07 ? 84  PHE A CB  1 
ATOM   608  C  CG  . PHE A 1 84  ? -9.454  -5.545  0.673   1.00 11.80 ? 84  PHE A CG  1 
ATOM   609  C  CD1 . PHE A 1 84  ? -8.929  -5.196  1.917   1.00 13.24 ? 84  PHE A CD1 1 
ATOM   610  C  CD2 . PHE A 1 84  ? -10.620 -4.899  0.279   1.00 12.76 ? 84  PHE A CD2 1 
ATOM   611  C  CE1 . PHE A 1 84  ? -9.546  -4.248  2.723   1.00 13.78 ? 84  PHE A CE1 1 
ATOM   612  C  CE2 . PHE A 1 84  ? -11.216 -3.946  1.082   1.00 13.83 ? 84  PHE A CE2 1 
ATOM   613  C  CZ  . PHE A 1 84  ? -10.671 -3.600  2.294   1.00 13.69 ? 84  PHE A CZ  1 
ATOM   614  N  N   . GLU A 1 85  ? -9.428  -9.673  -1.563  1.00 14.37 ? 85  GLU A N   1 
ATOM   615  C  CA  . GLU A 1 85  ? -9.031  -10.510 -2.706  1.00 14.87 ? 85  GLU A CA  1 
ATOM   616  C  C   . GLU A 1 85  ? -9.143  -9.734  -3.981  1.00 15.14 ? 85  GLU A C   1 
ATOM   617  O  O   . GLU A 1 85  ? -10.148 -9.044  -4.216  1.00 16.93 ? 85  GLU A O   1 
ATOM   618  C  CB  . GLU A 1 85  ? -9.921  -11.745 -2.865  1.00 17.34 ? 85  GLU A CB  1 
ATOM   619  C  CG  . GLU A 1 85  ? -9.738  -12.708 -1.736  1.00 21.90 ? 85  GLU A CG  1 
ATOM   620  C  CD  . GLU A 1 85  ? -10.627 -13.920 -1.862  1.00 23.16 ? 85  GLU A CD  1 
ATOM   621  O  OE1 . GLU A 1 85  ? -11.340 -14.046 -2.876  1.00 24.32 ? 85  GLU A OE1 1 
ATOM   622  O  OE2 . GLU A 1 85  ? -10.637 -14.671 -0.852  1.00 30.31 ? 85  GLU A OE2 1 
ATOM   623  N  N   . ASN A 1 86  ? -8.215  -9.984  -4.868  1.00 13.40 ? 86  ASN A N   1 
ATOM   624  C  CA  . ASN A 1 86  ? -8.299  -9.638  -6.304  1.00 15.04 ? 86  ASN A CA  1 
ATOM   625  C  C   . ASN A 1 86  ? -8.425  -10.984 -7.008  1.00 16.15 ? 86  ASN A C   1 
ATOM   626  O  O   . ASN A 1 86  ? -7.444  -11.716 -7.130  1.00 14.73 ? 86  ASN A O   1 
ATOM   627  C  CB  . ASN A 1 86  ? -7.102  -8.807  -6.731  1.00 14.86 ? 86  ASN A CB  1 
ATOM   628  C  CG  . ASN A 1 86  ? -7.110  -8.440  -8.192  1.00 18.43 ? 86  ASN A CG  1 
ATOM   629  O  OD1 . ASN A 1 86  ? -7.635  -9.198  -9.013  1.00 16.86 ? 86  ASN A OD1 1 
ATOM   630  N  ND2 . ASN A 1 86  ? -6.592  -7.276  -8.515  1.00 20.29 ? 86  ASN A ND2 1 
ATOM   631  N  N   . GLN A 1 87  ? -9.644  -11.290 -7.469  1.00 17.90 ? 87  GLN A N   1 
ATOM   632  C  CA  . GLN A 1 87  ? -9.943  -12.587 -8.163  1.00 20.72 ? 87  GLN A CA  1 
ATOM   633  C  C   . GLN A 1 87  ? -9.212  -12.657 -9.512  1.00 21.54 ? 87  GLN A C   1 
ATOM   634  O  O   . GLN A 1 87  ? -8.709  -13.730 -9.922  1.00 24.94 ? 87  GLN A O   1 
ATOM   635  C  CB  . GLN A 1 87  ? -11.453 -12.748 -8.328  1.00 25.16 ? 87  GLN A CB  1 
ATOM   636  C  CG  . GLN A 1 87  ? -12.263 -12.728 -7.037  1.00 34.94 ? 87  GLN A CG  1 
ATOM   637  C  CD  . GLN A 1 87  ? -12.258 -13.984 -6.204  1.00 37.83 ? 87  GLN A CD  1 
ATOM   638  O  OE1 . GLN A 1 87  ? -11.301 -14.237 -5.463  1.00 33.00 ? 87  GLN A OE1 1 
ATOM   639  N  NE2 . GLN A 1 87  ? -13.388 -14.697 -6.195  1.00 36.19 ? 87  GLN A NE2 1 
ATOM   640  N  N   . GLU A 1 88  ? -9.083  -11.526 -10.215 1.00 17.92 ? 88  GLU A N   1 
ATOM   641  C  CA  . GLU A 1 88  ? -8.460  -11.517 -11.552 1.00 20.38 ? 88  GLU A CA  1 
ATOM   642  C  C   . GLU A 1 88  ? -6.959  -11.832 -11.477 1.00 20.34 ? 88  GLU A C   1 
ATOM   643  O  O   . GLU A 1 88  ? -6.406  -12.583 -12.316 1.00 22.71 ? 88  GLU A O   1 
ATOM   644  C  CB  . GLU A 1 88  ? -8.768  -10.152 -12.187 1.00 23.92 ? 88  GLU A CB  1 
ATOM   645  C  CG  . GLU A 1 88  ? -8.072  -9.910  -13.479 1.00 33.59 ? 88  GLU A CG  1 
ATOM   646  C  CD  . GLU A 1 88  ? -8.373  -8.486  -13.913 1.00 42.17 ? 88  GLU A CD  1 
ATOM   647  O  OE1 . GLU A 1 88  ? -9.499  -8.014  -13.583 1.00 37.16 ? 88  GLU A OE1 1 
ATOM   648  O  OE2 . GLU A 1 88  ? -7.470  -7.850  -14.485 1.00 51.23 ? 88  GLU A OE2 1 
ATOM   649  N  N   . ARG A 1 89  ? -6.257  -11.340 -10.454 1.00 16.15 ? 89  ARG A N   1 
ATOM   650  C  CA  . ARG A 1 89  ? -4.801  -11.482 -10.342 1.00 19.15 ? 89  ARG A CA  1 
ATOM   651  C  C   . ARG A 1 89  ? -4.426  -12.527 -9.280  1.00 15.71 ? 89  ARG A C   1 
ATOM   652  O  O   . ARG A 1 89  ? -3.193  -12.808 -9.200  1.00 19.22 ? 89  ARG A O   1 
ATOM   653  C  CB  . ARG A 1 89  ? -4.148  -10.157 -9.981  1.00 21.63 ? 89  ARG A CB  1 
ATOM   654  C  CG  . ARG A 1 89  ? -4.520  -9.043  -10.951 1.00 26.77 ? 89  ARG A CG  1 
ATOM   655  C  CD  . ARG A 1 89  ? -4.192  -9.415  -12.375 1.00 28.51 ? 89  ARG A CD  1 
ATOM   656  N  NE  . ARG A 1 89  ? -2.795  -9.764  -12.534 1.00 33.60 ? 89  ARG A NE  1 
ATOM   657  C  CZ  . ARG A 1 89  ? -2.287  -10.322 -13.624 1.00 40.46 ? 89  ARG A CZ  1 
ATOM   658  N  NH1 . ARG A 1 89  ? -3.086  -10.623 -14.635 1.00 41.98 ? 89  ARG A NH1 1 
ATOM   659  N  NH2 . ARG A 1 89  ? -0.995  -10.589 -13.698 1.00 40.48 ? 89  ARG A NH2 1 
ATOM   660  N  N   . LYS A 1 90  ? -5.410  -13.096 -8.628  1.00 15.58 ? 90  LYS A N   1 
ATOM   661  C  CA  . LYS A 1 90  ? -5.271  -14.189 -7.621  1.00 16.63 ? 90  LYS A CA  1 
ATOM   662  C  C   . LYS A 1 90  ? -4.308  -13.716 -6.536  1.00 15.47 ? 90  LYS A C   1 
ATOM   663  O  O   . LYS A 1 90  ? -3.277  -14.362 -6.253  1.00 16.15 ? 90  LYS A O   1 
ATOM   664  C  CB  . LYS A 1 90  ? -4.788  -15.475 -8.298  1.00 19.15 ? 90  LYS A CB  1 
ATOM   665  C  CG  . LYS A 1 90  ? -5.675  -15.980 -9.441  1.00 26.81 ? 90  LYS A CG  1 
ATOM   666  C  CD  . LYS A 1 90  ? -4.892  -16.344 -10.728 1.00 40.67 ? 90  LYS A CD  1 
ATOM   667  C  CE  . LYS A 1 90  ? -4.432  -15.131 -11.529 1.00 44.90 ? 90  LYS A CE  1 
ATOM   668  N  NZ  . LYS A 1 90  ? -3.629  -15.468 -12.732 1.00 49.32 ? 90  LYS A NZ  1 
ATOM   669  N  N   . HIS A 1 91  ? -4.645  -12.620 -5.892  1.00 13.31 ? 91  HIS A N   1 
ATOM   670  C  CA  . HIS A 1 91  ? -3.850  -12.234 -4.706  1.00 12.96 ? 91  HIS A CA  1 
ATOM   671  C  C   . HIS A 1 91  ? -4.770  -11.757 -3.583  1.00 12.66 ? 91  HIS A C   1 
ATOM   672  O  O   . HIS A 1 91  ? -5.978  -11.464 -3.788  1.00 13.97 ? 91  HIS A O   1 
ATOM   673  C  CB  . HIS A 1 91  ? -2.720  -11.280 -4.967  1.00 15.61 ? 91  HIS A CB  1 
ATOM   674  C  CG  . HIS A 1 91  ? -3.042  -10.016 -5.652  1.00 14.52 ? 91  HIS A CG  1 
ATOM   675  N  ND1 . HIS A 1 91  ? -3.827  -9.019  -5.098  1.00 15.57 ? 91  HIS A ND1 1 
ATOM   676  C  CD2 . HIS A 1 91  ? -2.601  -9.544  -6.825  1.00 17.59 ? 91  HIS A CD2 1 
ATOM   677  C  CE1 . HIS A 1 91  ? -3.857  -7.994  -5.948  1.00 16.03 ? 91  HIS A CE1 1 
ATOM   678  N  NE2 . HIS A 1 91  ? -3.148  -8.303  -7.035  1.00 17.38 ? 91  HIS A NE2 1 
ATOM   679  N  N   . ARG A 1 92  ? -4.305  -11.821 -2.338  1.00 12.13 ? 92  ARG A N   1 
ATOM   680  C  CA  . ARG A 1 92  ? -5.067  -11.547 -1.127  1.00 12.03 ? 92  ARG A CA  1 
ATOM   681  C  C   . ARG A 1 92  ? -4.213  -10.626 -0.276  1.00 12.26 ? 92  ARG A C   1 
ATOM   682  O  O   . ARG A 1 92  ? -3.124  -11.010 0.131   1.00 12.45 ? 92  ARG A O   1 
ATOM   683  C  CB  . ARG A 1 92  ? -5.409  -12.856 -0.416  1.00 13.30 ? 92  ARG A CB  1 
ATOM   684  C  CG  . ARG A 1 92  ? -6.185  -12.676 0.857   1.00 15.67 ? 92  ARG A CG  1 
ATOM   685  C  CD  . ARG A 1 92  ? -6.649  -14.008 1.450   1.00 18.16 ? 92  ARG A CD  1 
ATOM   686  N  NE  . ARG A 1 92  ? -7.587  -14.701 0.602   1.00 17.20 ? 92  ARG A NE  1 
ATOM   687  C  CZ  . ARG A 1 92  ? -7.406  -15.822 -0.110  1.00 19.30 ? 92  ARG A CZ  1 
ATOM   688  N  NH1 . ARG A 1 92  ? -6.238  -16.433 -0.126  1.00 17.75 ? 92  ARG A NH1 1 
ATOM   689  N  NH2 . ARG A 1 92  ? -8.365  -16.322 -0.851  1.00 19.74 ? 92  ARG A NH2 1 
ATOM   690  N  N   . THR A 1 93  ? -4.764  -9.448  0.057   1.00 11.74 ? 93  THR A N   1 
ATOM   691  C  CA  . THR A 1 93  ? -3.972  -8.381  0.664   1.00 11.36 ? 93  THR A CA  1 
ATOM   692  C  C   . THR A 1 93  ? -4.545  -7.995  1.997   1.00 11.29 ? 93  THR A C   1 
ATOM   693  O  O   . THR A 1 93  ? -5.771  -7.658  2.152   1.00 11.79 ? 93  THR A O   1 
ATOM   694  C  CB  . THR A 1 93  ? -3.939  -7.146  -0.239  1.00 11.23 ? 93  THR A CB  1 
ATOM   695  O  OG1 . THR A 1 93  ? -3.479  -7.511  -1.536  1.00 11.78 ? 93  THR A OG1 1 
ATOM   696  C  CG2 . THR A 1 93  ? -3.023  -6.062  0.304   1.00 11.27 ? 93  THR A CG2 1 
ATOM   697  N  N   . TYR A 1 94  ? -3.690  -7.993  3.029   1.00 10.87 ? 94  TYR A N   1 
ATOM   698  C  CA  . TYR A 1 94  ? -3.991  -7.413  4.350   1.00 10.99 ? 94  TYR A CA  1 
ATOM   699  C  C   . TYR A 1 94  ? -3.710  -5.920  4.260   1.00 11.03 ? 94  TYR A C   1 
ATOM   700  O  O   . TYR A 1 94  ? -2.581  -5.544  3.938   1.00 12.87 ? 94  TYR A O   1 
ATOM   701  C  CB  . TYR A 1 94  ? -3.119  -8.043  5.446   1.00 12.76 ? 94  TYR A CB  1 
ATOM   702  C  CG  . TYR A 1 94  ? -3.467  -9.473  5.814   1.00 14.55 ? 94  TYR A CG  1 
ATOM   703  C  CD1 . TYR A 1 94  ? -3.342  -10.524 4.905   1.00 17.45 ? 94  TYR A CD1 1 
ATOM   704  C  CD2 . TYR A 1 94  ? -3.951  -9.720  7.087   1.00 16.82 ? 94  TYR A CD2 1 
ATOM   705  C  CE1 . TYR A 1 94  ? -3.699  -11.825 5.261   1.00 23.03 ? 94  TYR A CE1 1 
ATOM   706  C  CE2 . TYR A 1 94  ? -4.294  -11.007 7.459   1.00 19.57 ? 94  TYR A CE2 1 
ATOM   707  C  CZ  . TYR A 1 94  ? -4.163  -12.037 6.551   1.00 21.99 ? 94  TYR A CZ  1 
ATOM   708  O  OH  . TYR A 1 94  ? -4.487  -13.305 6.995   1.00 27.06 ? 94  TYR A OH  1 
ATOM   709  N  N   . VAL A 1 95  ? -4.715  -5.115  4.547   1.00 11.77 ? 95  VAL A N   1 
ATOM   710  C  CA  . VAL A 1 95  ? -4.615  -3.639  4.434   1.00 11.67 ? 95  VAL A CA  1 
ATOM   711  C  C   . VAL A 1 95  ? -4.707  -3.040  5.839   1.00 12.11 ? 95  VAL A C   1 
ATOM   712  O  O   . VAL A 1 95  ? -5.727  -3.242  6.530   1.00 13.81 ? 95  VAL A O   1 
ATOM   713  C  CB  . VAL A 1 95  ? -5.741  -3.099  3.548   1.00 11.67 ? 95  VAL A CB  1 
ATOM   714  C  CG1 . VAL A 1 95  ? -5.665  -1.562  3.469   1.00 13.23 ? 95  VAL A CG1 1 
ATOM   715  C  CG2 . VAL A 1 95  ? -5.638  -3.677  2.150   1.00 11.68 ? 95  VAL A CG2 1 
ATOM   716  N  N   . TYR A 1 96  ? -3.712  -2.237  6.198   1.00 11.79 ? 96  TYR A N   1 
ATOM   717  C  CA  . TYR A 1 96  ? -3.615  -1.569  7.515   1.00 12.55 ? 96  TYR A CA  1 
ATOM   718  C  C   . TYR A 1 96  ? -3.727  -0.056  7.333   1.00 14.46 ? 96  TYR A C   1 
ATOM   719  O  O   . TYR A 1 96  ? -3.297  0.486   6.328   1.00 15.33 ? 96  TYR A O   1 
ATOM   720  C  CB  . TYR A 1 96  ? -2.296  -1.874  8.216   1.00 13.04 ? 96  TYR A CB  1 
ATOM   721  C  CG  . TYR A 1 96  ? -2.171  -3.294  8.617   1.00 13.17 ? 96  TYR A CG  1 
ATOM   722  C  CD1 . TYR A 1 96  ? -1.736  -4.244  7.705   1.00 13.99 ? 96  TYR A CD1 1 
ATOM   723  C  CD2 . TYR A 1 96  ? -2.525  -3.689  9.900   1.00 14.08 ? 96  TYR A CD2 1 
ATOM   724  C  CE1 . TYR A 1 96  ? -1.623  -5.582  8.050   1.00 14.87 ? 96  TYR A CE1 1 
ATOM   725  C  CE2 . TYR A 1 96  ? -2.426  -5.023  10.257  1.00 14.52 ? 96  TYR A CE2 1 
ATOM   726  C  CZ  . TYR A 1 96  ? -1.982  -5.943  9.332   1.00 14.66 ? 96  TYR A CZ  1 
ATOM   727  O  OH  . TYR A 1 96  ? -1.887  -7.263  9.728   1.00 19.56 ? 96  TYR A OH  1 
ATOM   728  N  N   . VAL A 1 97  ? -4.162  0.619   8.390   1.00 14.43 ? 97  VAL A N   1 
ATOM   729  C  CA  . VAL A 1 97  ? -3.949  2.076   8.533   1.00 13.98 ? 97  VAL A CA  1 
ATOM   730  C  C   . VAL A 1 97  ? -2.531  2.326   9.020   1.00 14.18 ? 97  VAL A C   1 
ATOM   731  O  O   . VAL A 1 97  ? -2.059  1.649   9.935   1.00 15.10 ? 97  VAL A O   1 
ATOM   732  C  CB  . VAL A 1 97  ? -4.978  2.618   9.538   1.00 17.03 ? 97  VAL A CB  1 
ATOM   733  C  CG1 . VAL A 1 97  ? -4.660  4.063   9.892   1.00 19.43 ? 97  VAL A CG1 1 
ATOM   734  C  CG2 . VAL A 1 97  ? -6.401  2.498   8.996   1.00 19.89 ? 97  VAL A CG2 1 
ATOM   735  N  N   . LEU A 1 98  ? -1.893  3.353   8.437   1.00 12.31 ? 98  LEU A N   1 
ATOM   736  C  CA  A LEU A 1 98  ? -0.604  3.881   8.968   0.50 13.08 ? 98  LEU A CA  1 
ATOM   737  C  CA  B LEU A 1 98  ? -0.605  3.877   8.944   0.50 13.82 ? 98  LEU A CA  1 
ATOM   738  C  C   . LEU A 1 98  ? -0.714  5.395   9.016   1.00 13.25 ? 98  LEU A C   1 
ATOM   739  O  O   . LEU A 1 98  ? -1.095  5.985   8.043   1.00 13.75 ? 98  LEU A O   1 
ATOM   740  C  CB  A LEU A 1 98  ? 0.593   3.464   8.110   0.50 12.72 ? 98  LEU A CB  1 
ATOM   741  C  CB  B LEU A 1 98  ? 0.519   3.437   8.009   0.50 14.51 ? 98  LEU A CB  1 
ATOM   742  C  CG  A LEU A 1 98  ? 1.979   3.978   8.524   0.50 13.26 ? 98  LEU A CG  1 
ATOM   743  C  CG  B LEU A 1 98  ? 1.933   3.835   8.411   0.50 16.14 ? 98  LEU A CG  1 
ATOM   744  C  CD1 A LEU A 1 98  ? 2.685   2.923   9.356   0.50 13.17 ? 98  LEU A CD1 1 
ATOM   745  C  CD1 B LEU A 1 98  ? 2.230   5.247   8.013   0.50 14.26 ? 98  LEU A CD1 1 
ATOM   746  C  CD2 A LEU A 1 98  ? 2.836   4.178   7.288   0.50 13.66 ? 98  LEU A CD2 1 
ATOM   747  C  CD2 B LEU A 1 98  ? 2.189   3.602   9.870   0.50 16.77 ? 98  LEU A CD2 1 
ATOM   748  N  N   . ILE A 1 99  ? -0.420  5.950   10.180  1.00 13.10 ? 99  ILE A N   1 
ATOM   749  C  CA  . ILE A 1 99  ? -0.394  7.427   10.301  1.00 13.82 ? 99  ILE A CA  1 
ATOM   750  C  C   . ILE A 1 99  ? 1.067   7.831   10.088  1.00 12.09 ? 99  ILE A C   1 
ATOM   751  O  O   . ILE A 1 99  ? 1.901   7.484   10.865  1.00 13.81 ? 99  ILE A O   1 
ATOM   752  C  CB  . ILE A 1 99  ? -0.922  7.905   11.658  1.00 13.88 ? 99  ILE A CB  1 
ATOM   753  C  CG1 . ILE A 1 99  ? -2.302  7.317   11.960  1.00 15.50 ? 99  ILE A CG1 1 
ATOM   754  C  CG2 . ILE A 1 99  ? -0.910  9.418   11.672  1.00 16.68 ? 99  ILE A CG2 1 
ATOM   755  C  CD1 . ILE A 1 99  ? -3.313  7.558   10.882  1.00 17.28 ? 99  ILE A CD1 1 
ATOM   756  N  N   . VAL A 1 100 ? 1.312   8.515   8.997   1.00 12.14 ? 100 VAL A N   1 
ATOM   757  C  CA  . VAL A 1 100 ? 2.704   8.880   8.631   1.00 12.18 ? 100 VAL A CA  1 
ATOM   758  C  C   . VAL A 1 100 ? 3.292   9.906   9.607   1.00 13.23 ? 100 VAL A C   1 
ATOM   759  O  O   . VAL A 1 100 ? 2.661   10.876  9.832   1.00 15.36 ? 100 VAL A O   1 
ATOM   760  C  CB  . VAL A 1 100 ? 2.736   9.387   7.184   1.00 12.69 ? 100 VAL A CB  1 
ATOM   761  C  CG1 . VAL A 1 100 ? 4.125   9.898   6.823   1.00 14.20 ? 100 VAL A CG1 1 
ATOM   762  C  CG2 . VAL A 1 100 ? 2.271   8.312   6.204   1.00 13.01 ? 100 VAL A CG2 1 
ATOM   763  N  N   . THR A 1 101 ? 4.493   9.632   10.104  1.00 14.39 ? 101 THR A N   1 
ATOM   764  C  CA  . THR A 1 101 ? 5.204   10.573  11.000  1.00 15.28 ? 101 THR A CA  1 
ATOM   765  C  C   . THR A 1 101 ? 6.596   10.903  10.457  1.00 15.45 ? 101 THR A C   1 
ATOM   766  O  O   . THR A 1 101 ? 7.203   11.782  10.994  1.00 16.96 ? 101 THR A O   1 
ATOM   767  C  CB  . THR A 1 101 ? 5.308   10.046  12.430  1.00 16.79 ? 101 THR A CB  1 
ATOM   768  O  OG1 . THR A 1 101 ? 6.151   8.905   12.418  1.00 18.91 ? 101 THR A OG1 1 
ATOM   769  C  CG2 . THR A 1 101 ? 3.955   9.724   13.016  1.00 18.03 ? 101 THR A CG2 1 
ATOM   770  N  N   . GLU A 1 102 ? 7.071   10.188  9.449   1.00 13.48 ? 102 GLU A N   1 
ATOM   771  C  CA  . GLU A 1 102 ? 8.407   10.428  8.842   1.00 14.28 ? 102 GLU A CA  1 
ATOM   772  C  C   . GLU A 1 102 ? 8.325   10.300  7.318   1.00 13.36 ? 102 GLU A C   1 
ATOM   773  O  O   . GLU A 1 102 ? 7.855   9.307   6.824   1.00 12.39 ? 102 GLU A O   1 
ATOM   774  C  CB  . GLU A 1 102 ? 9.472   9.469   9.379   1.00 14.55 ? 102 GLU A CB  1 
ATOM   775  C  CG  . GLU A 1 102 ? 9.695   9.594   10.863  1.00 15.38 ? 102 GLU A CG  1 
ATOM   776  C  CD  . GLU A 1 102 ? 10.764  8.705   11.453  1.00 15.75 ? 102 GLU A CD  1 
ATOM   777  O  OE1 . GLU A 1 102 ? 11.358  7.925   10.653  1.00 18.15 ? 102 GLU A OE1 1 
ATOM   778  O  OE2 . GLU A 1 102 ? 10.959  8.821   12.734  1.00 15.23 ? 102 GLU A OE2 1 
ATOM   779  N  N   . VAL A 1 103 ? 8.787   11.326  6.633   1.00 13.33 ? 103 VAL A N   1 
ATOM   780  C  CA  . VAL A 1 103 ? 8.859   11.309  5.150   1.00 12.77 ? 103 VAL A CA  1 
ATOM   781  C  C   . VAL A 1 103 ? 10.337  11.391  4.765   1.00 14.92 ? 103 VAL A C   1 
ATOM   782  O  O   . VAL A 1 103 ? 10.953  12.385  5.034   1.00 16.60 ? 103 VAL A O   1 
ATOM   783  C  CB  . VAL A 1 103 ? 8.030   12.440  4.529   1.00 14.35 ? 103 VAL A CB  1 
ATOM   784  C  CG1 . VAL A 1 103 ? 8.216   12.465  3.026   1.00 15.23 ? 103 VAL A CG1 1 
ATOM   785  C  CG2 . VAL A 1 103 ? 6.558   12.269  4.839   1.00 15.47 ? 103 VAL A CG2 1 
ATOM   786  N  N   A LEU A 1 104 ? 10.891  10.296  4.236   0.50 14.82 ? 104 LEU A N   1 
ATOM   787  N  N   B LEU A 1 104 ? 10.831  10.319  4.166   0.50 14.46 ? 104 LEU A N   1 
ATOM   788  C  CA  A LEU A 1 104 ? 12.334  10.233  3.864   0.50 16.75 ? 104 LEU A CA  1 
ATOM   789  C  CA  B LEU A 1 104 ? 12.240  10.268  3.736   0.50 16.12 ? 104 LEU A CA  1 
ATOM   790  C  C   A LEU A 1 104 ? 12.494  10.604  2.383   0.50 17.26 ? 104 LEU A C   1 
ATOM   791  C  C   B LEU A 1 104 ? 12.345  10.855  2.334   0.50 16.72 ? 104 LEU A C   1 
ATOM   792  O  O   A LEU A 1 104 ? 11.725  10.070  1.549   0.50 16.34 ? 104 LEU A O   1 
ATOM   793  O  O   B LEU A 1 104 ? 11.390  10.793  1.502   0.50 14.73 ? 104 LEU A O   1 
ATOM   794  C  CB  A LEU A 1 104 ? 12.865  8.836   4.174   0.50 18.61 ? 104 LEU A CB  1 
ATOM   795  C  CB  B LEU A 1 104 ? 12.737  8.830   3.814   0.50 18.08 ? 104 LEU A CB  1 
ATOM   796  C  CG  A LEU A 1 104 ? 12.536  8.304   5.558   0.50 22.47 ? 104 LEU A CG  1 
ATOM   797  C  CG  B LEU A 1 104 ? 12.984  8.298   5.222   0.50 18.80 ? 104 LEU A CG  1 
ATOM   798  C  CD1 A LEU A 1 104 ? 12.798  6.807   5.637   0.50 23.46 ? 104 LEU A CD1 1 
ATOM   799  C  CD1 B LEU A 1 104 ? 13.867  9.238   6.026   0.50 20.04 ? 104 LEU A CD1 1 
ATOM   800  C  CD2 A LEU A 1 104 ? 13.308  9.047   6.629   0.50 23.67 ? 104 LEU A CD2 1 
ATOM   801  C  CD2 B LEU A 1 104 ? 11.686  7.999   5.993   0.50 20.90 ? 104 LEU A CD2 1 
ATOM   802  N  N   . GLU A 1 105 ? 13.474  11.477  2.085   1.00 18.78 ? 105 GLU A N   1 
ATOM   803  C  CA  . GLU A 1 105 ? 13.725  12.073  0.750   1.00 23.44 ? 105 GLU A CA  1 
ATOM   804  C  C   . GLU A 1 105 ? 14.212  11.104  -0.330  1.00 27.33 ? 105 GLU A C   1 
ATOM   805  O  O   . GLU A 1 105 ? 13.817  11.321  -1.464  1.00 33.72 ? 105 GLU A O   1 
ATOM   806  C  CB  . GLU A 1 105 ? 14.589  13.323  0.900   1.00 25.95 ? 105 GLU A CB  1 
ATOM   807  C  CG  . GLU A 1 105 ? 15.144  13.896  -0.390  1.00 32.44 ? 105 GLU A CG  1 
ATOM   808  C  CD  . GLU A 1 105 ? 14.292  14.929  -1.106  1.00 41.33 ? 105 GLU A CD  1 
ATOM   809  O  OE1 . GLU A 1 105 ? 14.721  15.407  -2.163  1.00 49.54 ? 105 GLU A OE1 1 
ATOM   810  O  OE2 . GLU A 1 105 ? 13.223  15.278  -0.602  1.00 42.76 ? 105 GLU A OE2 1 
ATOM   811  N  N   . ASP A 1 106 ? 14.954  10.066  -0.004  1.00 29.97 ? 106 ASP A N   1 
ATOM   812  C  CA  . ASP A 1 106 ? 15.563  9.230   -1.092  1.00 32.26 ? 106 ASP A CA  1 
ATOM   813  C  C   . ASP A 1 106 ? 15.466  7.734   -0.799  1.00 36.89 ? 106 ASP A C   1 
ATOM   814  O  O   . ASP A 1 106 ? 16.499  7.108   -0.522  1.00 42.22 ? 106 ASP A O   1 
ATOM   815  C  CB  . ASP A 1 106 ? 17.054  9.505   -1.309  1.00 33.73 ? 106 ASP A CB  1 
ATOM   816  C  CG  . ASP A 1 106 ? 17.325  10.870  -1.883  1.00 34.99 ? 106 ASP A CG  1 
ATOM   817  O  OD1 . ASP A 1 106 ? 16.775  11.173  -2.975  1.00 40.32 ? 106 ASP A OD1 1 
ATOM   818  O  OD2 . ASP A 1 106 ? 18.010  11.644  -1.194  1.00 40.75 ? 106 ASP A OD2 1 
ATOM   819  N  N   . TRP A 1 107 ? 14.327  7.136   -1.082  1.00 25.49 ? 107 TRP A N   1 
ATOM   820  C  CA  . TRP A 1 107 ? 13.967  5.807   -0.562  1.00 22.76 ? 107 TRP A CA  1 
ATOM   821  C  C   . TRP A 1 107 ? 14.235  4.721   -1.626  1.00 21.59 ? 107 TRP A C   1 
ATOM   822  O  O   . TRP A 1 107 ? 14.553  5.064   -2.758  1.00 21.57 ? 107 TRP A O   1 
ATOM   823  C  CB  . TRP A 1 107 ? 12.493  5.865   -0.105  1.00 21.03 ? 107 TRP A CB  1 
ATOM   824  C  CG  . TRP A 1 107 ? 11.475  6.090   -1.178  1.00 18.55 ? 107 TRP A CG  1 
ATOM   825  C  CD1 . TRP A 1 107 ? 10.675  5.128   -1.717  1.00 17.64 ? 107 TRP A CD1 1 
ATOM   826  C  CD2 . TRP A 1 107 ? 11.033  7.313   -1.775  1.00 17.93 ? 107 TRP A CD2 1 
ATOM   827  N  NE1 . TRP A 1 107 ? 9.827   5.655   -2.621  1.00 18.34 ? 107 TRP A NE1 1 
ATOM   828  C  CE2 . TRP A 1 107 ? 10.017  7.010   -2.694  1.00 17.41 ? 107 TRP A CE2 1 
ATOM   829  C  CE3 . TRP A 1 107 ? 11.421  8.656   -1.651  1.00 19.42 ? 107 TRP A CE3 1 
ATOM   830  C  CZ2 . TRP A 1 107 ? 9.400   7.969   -3.467  1.00 18.39 ? 107 TRP A CZ2 1 
ATOM   831  C  CZ3 . TRP A 1 107 ? 10.790  9.601   -2.402  1.00 20.79 ? 107 TRP A CZ3 1 
ATOM   832  C  CH2 . TRP A 1 107 ? 9.785   9.275   -3.307  1.00 21.25 ? 107 TRP A CH2 1 
ATOM   833  N  N   . GLU A 1 108 ? 14.119  3.473   -1.245  1.00 22.31 ? 108 GLU A N   1 
ATOM   834  C  CA  . GLU A 1 108 ? 14.567  2.348   -2.084  1.00 23.53 ? 108 GLU A CA  1 
ATOM   835  C  C   . GLU A 1 108 ? 13.989  2.494   -3.496  1.00 25.40 ? 108 GLU A C   1 
ATOM   836  O  O   . GLU A 1 108 ? 14.762  2.508   -4.458  1.00 25.09 ? 108 GLU A O   1 
ATOM   837  C  CB  . GLU A 1 108 ? 14.201  1.035   -1.424  1.00 26.92 ? 108 GLU A CB  1 
ATOM   838  C  CG  . GLU A 1 108 ? 14.617  -0.169  -2.243  1.00 33.11 ? 108 GLU A CG  1 
ATOM   839  C  CD  . GLU A 1 108 ? 14.571  -1.464  -1.460  1.00 41.56 ? 108 GLU A CD  1 
ATOM   840  O  OE1 . GLU A 1 108 ? 14.350  -1.390  -0.238  1.00 49.09 ? 108 GLU A OE1 1 
ATOM   841  O  OE2 . GLU A 1 108 ? 14.790  -2.537  -2.060  1.00 53.04 ? 108 GLU A OE2 1 
ATOM   842  N  N   . ASP A 1 109 ? 12.668  2.654   -3.664  1.00 21.11 ? 109 ASP A N   1 
ATOM   843  C  CA  . ASP A 1 109 ? 12.092  2.643   -5.026  1.00 21.88 ? 109 ASP A CA  1 
ATOM   844  C  C   . ASP A 1 109 ? 12.313  3.974   -5.752  1.00 21.80 ? 109 ASP A C   1 
ATOM   845  O  O   . ASP A 1 109 ? 12.272  4.016   -7.019  1.00 23.54 ? 109 ASP A O   1 
ATOM   846  C  CB  . ASP A 1 109 ? 10.617  2.234   -5.018  1.00 20.83 ? 109 ASP A CB  1 
ATOM   847  C  CG  . ASP A 1 109 ? 10.377  0.740   -4.892  1.00 21.07 ? 109 ASP A CG  1 
ATOM   848  O  OD1 . ASP A 1 109 ? 11.367  -0.014  -4.677  1.00 24.11 ? 109 ASP A OD1 1 
ATOM   849  O  OD2 . ASP A 1 109 ? 9.208   0.349   -4.870  1.00 20.67 ? 109 ASP A OD2 1 
ATOM   850  N  N   . SER A 1 110 ? 12.517  5.083   -5.064  1.00 21.62 ? 110 SER A N   1 
ATOM   851  C  CA  A SER A 1 110 ? 12.860  6.352   -5.748  0.50 23.90 ? 110 SER A CA  1 
ATOM   852  C  CA  B SER A 1 110 ? 12.847  6.345   -5.769  0.50 22.46 ? 110 SER A CA  1 
ATOM   853  C  C   . SER A 1 110 ? 14.232  6.180   -6.409  1.00 24.79 ? 110 SER A C   1 
ATOM   854  O  O   . SER A 1 110 ? 14.349  6.517   -7.598  1.00 27.23 ? 110 SER A O   1 
ATOM   855  C  CB  A SER A 1 110 ? 12.854  7.521   -4.806  0.50 24.39 ? 110 SER A CB  1 
ATOM   856  C  CB  B SER A 1 110 ? 12.768  7.561   -4.878  0.50 21.26 ? 110 SER A CB  1 
ATOM   857  O  OG  A SER A 1 110 ? 13.139  8.722   -5.506  0.50 27.19 ? 110 SER A OG  1 
ATOM   858  O  OG  B SER A 1 110 ? 13.865  7.628   -3.980  0.50 20.51 ? 110 SER A OG  1 
ATOM   859  N  N   . VAL A 1 111 ? 15.176  5.654   -5.639  1.00 26.07 ? 111 VAL A N   1 
ATOM   860  C  CA  . VAL A 1 111 ? 16.591  5.459   -6.104  1.00 27.71 ? 111 VAL A CA  1 
ATOM   861  C  C   . VAL A 1 111 ? 16.579  4.436   -7.244  1.00 30.75 ? 111 VAL A C   1 
ATOM   862  O  O   . VAL A 1 111 ? 17.122  4.741   -8.337  1.00 33.50 ? 111 VAL A O   1 
ATOM   863  C  CB  . VAL A 1 111 ? 17.498  5.048   -4.935  1.00 28.42 ? 111 VAL A CB  1 
ATOM   864  C  CG1 . VAL A 1 111 ? 18.879  4.610   -5.411  1.00 33.78 ? 111 VAL A CG1 1 
ATOM   865  C  CG2 . VAL A 1 111 ? 17.615  6.187   -3.934  1.00 30.44 ? 111 VAL A CG2 1 
ATOM   866  N  N   . ASN A 1 112 ? 15.950  3.276   -7.049  1.00 29.62 ? 112 ASN A N   1 
ATOM   867  C  CA  . ASN A 1 112 ? 16.100  2.117   -7.979  1.00 31.75 ? 112 ASN A CA  1 
ATOM   868  C  C   . ASN A 1 112 ? 15.217  2.252   -9.224  1.00 34.74 ? 112 ASN A C   1 
ATOM   869  O  O   . ASN A 1 112 ? 15.685  1.865   -10.321 1.00 35.26 ? 112 ASN A O   1 
ATOM   870  C  CB  . ASN A 1 112 ? 15.837  0.781   -7.293  1.00 33.95 ? 112 ASN A CB  1 
ATOM   871  C  CG  . ASN A 1 112 ? 16.854  0.427   -6.231  1.00 35.39 ? 112 ASN A CG  1 
ATOM   872  O  OD1 . ASN A 1 112 ? 17.962  0.954   -6.218  1.00 46.38 ? 112 ASN A OD1 1 
ATOM   873  N  ND2 . ASN A 1 112 ? 16.491  -0.473  -5.337  1.00 38.58 ? 112 ASN A ND2 1 
ATOM   874  N  N   . ILE A 1 113 ? 13.980  2.730   -9.126  1.00 29.08 ? 113 ILE A N   1 
ATOM   875  C  CA  . ILE A 1 113 ? 13.058  2.733   -10.301 1.00 28.50 ? 113 ILE A CA  1 
ATOM   876  C  C   . ILE A 1 113 ? 12.400  4.092   -10.521 1.00 27.42 ? 113 ILE A C   1 
ATOM   877  O  O   . ILE A 1 113 ? 11.520  4.191   -11.372 1.00 28.51 ? 113 ILE A O   1 
ATOM   878  C  CB  . ILE A 1 113 ? 12.048  1.569   -10.191 1.00 32.33 ? 113 ILE A CB  1 
ATOM   879  C  CG1 . ILE A 1 113 ? 10.934  1.838   -9.171  1.00 32.09 ? 113 ILE A CG1 1 
ATOM   880  C  CG2 . ILE A 1 113 ? 12.751  0.261   -9.872  1.00 32.70 ? 113 ILE A CG2 1 
ATOM   881  C  CD1 . ILE A 1 113 ? 9.768   0.864   -9.246  1.00 33.04 ? 113 ILE A CD1 1 
ATOM   882  N  N   . GLY A 1 114 ? 12.761  5.127   -9.760  1.00 26.50 ? 114 GLY A N   1 
ATOM   883  C  CA  . GLY A 1 114 ? 12.148  6.448   -9.929  1.00 24.38 ? 114 GLY A CA  1 
ATOM   884  C  C   . GLY A 1 114 ? 10.654  6.451   -9.594  1.00 23.50 ? 114 GLY A C   1 
ATOM   885  O  O   . GLY A 1 114 ? 9.900   7.272   -10.141 1.00 23.02 ? 114 GLY A O   1 
ATOM   886  N  N   . ARG A 1 115 ? 10.250  5.591   -8.657  1.00 23.65 ? 115 ARG A N   1 
ATOM   887  C  CA  . ARG A 1 115 ? 8.831   5.604   -8.206  1.00 20.56 ? 115 ARG A CA  1 
ATOM   888  C  C   . ARG A 1 115 ? 8.486   6.975   -7.597  1.00 18.96 ? 115 ARG A C   1 
ATOM   889  O  O   . ARG A 1 115 ? 9.336   7.511   -6.867  1.00 22.10 ? 115 ARG A O   1 
ATOM   890  C  CB  . ARG A 1 115 ? 8.560   4.431   -7.260  1.00 20.13 ? 115 ARG A CB  1 
ATOM   891  C  CG  . ARG A 1 115 ? 7.078   4.092   -7.246  1.00 20.10 ? 115 ARG A CG  1 
ATOM   892  C  CD  . ARG A 1 115 ? 6.642   3.106   -6.220  1.00 21.26 ? 115 ARG A CD  1 
ATOM   893  N  NE  . ARG A 1 115 ? 7.211   1.788   -6.293  1.00 20.97 ? 115 ARG A NE  1 
ATOM   894  C  CZ  . ARG A 1 115 ? 6.580   0.730   -6.767  1.00 19.49 ? 115 ARG A CZ  1 
ATOM   895  N  NH1 . ARG A 1 115 ? 5.458   0.855   -7.444  1.00 19.70 ? 115 ARG A NH1 1 
ATOM   896  N  NH2 . ARG A 1 115 ? 7.146   -0.450  -6.614  1.00 21.45 ? 115 ARG A NH2 1 
ATOM   897  N  N   . LYS A 1 116 ? 7.315   7.498   -7.899  1.00 18.72 ? 116 LYS A N   1 
ATOM   898  C  CA  . LYS A 1 116 ? 6.784   8.777   -7.426  1.00 20.00 ? 116 LYS A CA  1 
ATOM   899  C  C   . LYS A 1 116 ? 5.753   8.529   -6.324  1.00 17.74 ? 116 LYS A C   1 
ATOM   900  O  O   . LYS A 1 116 ? 5.192   7.437   -6.226  1.00 17.21 ? 116 LYS A O   1 
ATOM   901  C  CB  . LYS A 1 116 ? 6.101   9.538   -8.569  1.00 27.38 ? 116 LYS A CB  1 
ATOM   902  C  CG  . LYS A 1 116 ? 6.993   9.861   -9.770  1.00 32.68 ? 116 LYS A CG  1 
ATOM   903  C  CD  . LYS A 1 116 ? 6.795   11.287  -10.300 1.00 42.00 ? 116 LYS A CD  1 
ATOM   904  C  CE  . LYS A 1 116 ? 5.344   11.711  -10.459 1.00 47.66 ? 116 LYS A CE  1 
ATOM   905  N  NZ  . LYS A 1 116 ? 4.467   10.592  -10.898 1.00 49.05 ? 116 LYS A NZ  1 
ATOM   906  N  N   . ARG A 1 117 ? 5.489   9.556   -5.548  1.00 16.87 ? 117 ARG A N   1 
ATOM   907  C  CA  . ARG A 1 117 ? 4.459   9.501   -4.479  1.00 16.46 ? 117 ARG A CA  1 
ATOM   908  C  C   . ARG A 1 117 ? 3.738   10.831  -4.453  1.00 17.76 ? 117 ARG A C   1 
ATOM   909  O  O   . ARG A 1 117 ? 4.356   11.884  -4.796  1.00 18.36 ? 117 ARG A O   1 
ATOM   910  C  CB  . ARG A 1 117 ? 5.090   9.172   -3.120  1.00 16.78 ? 117 ARG A CB  1 
ATOM   911  C  CG  . ARG A 1 117 ? 6.032   10.253  -2.621  1.00 16.44 ? 117 ARG A CG  1 
ATOM   912  C  CD  . ARG A 1 117 ? 6.776   9.860   -1.375  1.00 16.03 ? 117 ARG A CD  1 
ATOM   913  N  NE  . ARG A 1 117 ? 7.754   10.937  -1.099  1.00 17.44 ? 117 ARG A NE  1 
ATOM   914  C  CZ  . ARG A 1 117 ? 8.754   10.808  -0.247  1.00 16.20 ? 117 ARG A CZ  1 
ATOM   915  N  NH1 . ARG A 1 117 ? 8.870   9.766   0.556   1.00 16.21 ? 117 ARG A NH1 1 
ATOM   916  N  NH2 . ARG A 1 117 ? 9.599   11.839  -0.112  1.00 17.02 ? 117 ARG A NH2 1 
ATOM   917  N  N   . GLU A 1 118 ? 2.518   10.864  -4.020  1.00 15.92 ? 118 GLU A N   1 
ATOM   918  C  CA  . GLU A 1 118 ? 1.703   12.093  -3.938  1.00 17.15 ? 118 GLU A CA  1 
ATOM   919  C  C   . GLU A 1 118 ? 0.613   11.917  -2.899  1.00 16.84 ? 118 GLU A C   1 
ATOM   920  O  O   . GLU A 1 118 ? 0.045   10.814  -2.777  1.00 16.03 ? 118 GLU A O   1 
ATOM   921  C  CB  . GLU A 1 118 ? 1.133   12.390  -5.322  1.00 19.07 ? 118 GLU A CB  1 
ATOM   922  C  CG  . GLU A 1 118 ? 0.278   13.639  -5.423  1.00 23.02 ? 118 GLU A CG  1 
ATOM   923  C  CD  . GLU A 1 118 ? 0.082   13.952  -6.893  1.00 32.25 ? 118 GLU A CD  1 
ATOM   924  O  OE1 . GLU A 1 118 ? 1.099   13.888  -7.630  1.00 38.30 ? 118 GLU A OE1 1 
ATOM   925  O  OE2 . GLU A 1 118 ? -1.063  14.276  -7.285  1.00 39.92 ? 118 GLU A OE2 1 
ATOM   926  N  N   . TRP A 1 119 ? 0.294   12.964  -2.174  1.00 17.46 ? 119 TRP A N   1 
ATOM   927  C  CA  . TRP A 1 119 ? -0.849  13.051  -1.258  1.00 16.77 ? 119 TRP A CA  1 
ATOM   928  C  C   . TRP A 1 119 ? -2.130  13.241  -2.063  1.00 16.67 ? 119 TRP A C   1 
ATOM   929  O  O   . TRP A 1 119 ? -2.142  14.140  -2.950  1.00 19.60 ? 119 TRP A O   1 
ATOM   930  C  CB  . TRP A 1 119 ? -0.694  14.183  -0.226  1.00 17.00 ? 119 TRP A CB  1 
ATOM   931  C  CG  . TRP A 1 119 ? 0.440   13.961  0.727   1.00 18.18 ? 119 TRP A CG  1 
ATOM   932  C  CD1 . TRP A 1 119 ? 1.612   14.659  0.774   1.00 23.58 ? 119 TRP A CD1 1 
ATOM   933  C  CD2 . TRP A 1 119 ? 0.520   12.978  1.772   1.00 16.82 ? 119 TRP A CD2 1 
ATOM   934  N  NE1 . TRP A 1 119 ? 2.408   14.191  1.792   1.00 25.50 ? 119 TRP A NE1 1 
ATOM   935  C  CE2 . TRP A 1 119 ? 1.767   13.148  2.408   1.00 18.85 ? 119 TRP A CE2 1 
ATOM   936  C  CE3 . TRP A 1 119 ? -0.329  11.970  2.215   1.00 16.48 ? 119 TRP A CE3 1 
ATOM   937  C  CZ2 . TRP A 1 119 ? 2.144   12.359  3.492   1.00 19.44 ? 119 TRP A CZ2 1 
ATOM   938  C  CZ3 . TRP A 1 119 ? 0.058   11.188  3.281   1.00 17.03 ? 119 TRP A CZ3 1 
ATOM   939  C  CH2 . TRP A 1 119 ? 1.286   11.372  3.873   1.00 17.15 ? 119 TRP A CH2 1 
ATOM   940  N  N   . PHE A 1 120 ? -3.175  12.525  -1.717  1.00 15.37 ? 120 PHE A N   1 
ATOM   941  C  CA  . PHE A 1 120 ? -4.518  12.685  -2.306  1.00 15.06 ? 120 PHE A CA  1 
ATOM   942  C  C   . PHE A 1 120 ? -5.546  12.850  -1.220  1.00 15.48 ? 120 PHE A C   1 
ATOM   943  O  O   . PHE A 1 120 ? -5.589  12.088  -0.269  1.00 16.93 ? 120 PHE A O   1 
ATOM   944  C  CB  . PHE A 1 120 ? -4.884  11.426  -3.126  1.00 15.99 ? 120 PHE A CB  1 
ATOM   945  C  CG  . PHE A 1 120 ? -4.165  11.279  -4.423  1.00 16.02 ? 120 PHE A CG  1 
ATOM   946  C  CD1 . PHE A 1 120 ? -2.861  10.812  -4.462  1.00 16.86 ? 120 PHE A CD1 1 
ATOM   947  C  CD2 . PHE A 1 120 ? -4.781  11.614  -5.623  1.00 17.48 ? 120 PHE A CD2 1 
ATOM   948  C  CE1 . PHE A 1 120 ? -2.167  10.687  -5.638  1.00 15.84 ? 120 PHE A CE1 1 
ATOM   949  C  CE2 . PHE A 1 120 ? -4.071  11.483  -6.809  1.00 17.75 ? 120 PHE A CE2 1 
ATOM   950  C  CZ  . PHE A 1 120 ? -2.793  11.003  -6.830  1.00 18.50 ? 120 PHE A CZ  1 
ATOM   951  N  N   . LYS A 1 121 ? -6.503  13.757  -1.429  1.00 17.53 ? 121 LYS A N   1 
ATOM   952  C  CA  . LYS A 1 121 ? -7.736  13.685  -0.617  1.00 19.06 ? 121 LYS A CA  1 
ATOM   953  C  C   . LYS A 1 121 ? -8.400  12.327  -0.834  1.00 16.41 ? 121 LYS A C   1 
ATOM   954  O  O   . LYS A 1 121 ? -8.278  11.819  -1.981  1.00 15.87 ? 121 LYS A O   1 
ATOM   955  C  CB  . LYS A 1 121 ? -8.701  14.826  -0.994  1.00 22.84 ? 121 LYS A CB  1 
ATOM   956  C  CG  . LYS A 1 121 ? -8.149  16.219  -0.718  1.00 27.47 ? 121 LYS A CG  1 
ATOM   957  C  CD  . LYS A 1 121 ? -9.142  17.341  -1.032  1.00 34.85 ? 121 LYS A CD  1 
ATOM   958  C  CE  . LYS A 1 121 ? -9.977  17.675  0.185   1.00 42.59 ? 121 LYS A CE  1 
ATOM   959  N  NZ  . LYS A 1 121 ? -11.088 18.604  -0.135  1.00 51.19 ? 121 LYS A NZ  1 
ATOM   960  N  N   . ILE A 1 122 ? -9.015  11.721  0.139   1.00 17.43 ? 122 ILE A N   1 
ATOM   961  C  CA  . ILE A 1 122 ? -9.610  10.350  0.017   1.00 17.29 ? 122 ILE A CA  1 
ATOM   962  C  C   . ILE A 1 122 ? -10.452 10.249  -1.260  1.00 19.40 ? 122 ILE A C   1 
ATOM   963  O  O   . ILE A 1 122 ? -10.304 9.255   -2.017  1.00 17.96 ? 122 ILE A O   1 
ATOM   964  C  CB  . ILE A 1 122 ? -10.400 9.908   1.270   1.00 20.28 ? 122 ILE A CB  1 
ATOM   965  C  CG1 . ILE A 1 122 ? -9.585  10.067  2.550   1.00 21.69 ? 122 ILE A CG1 1 
ATOM   966  C  CG2 . ILE A 1 122 ? -10.893 8.473   1.116   1.00 22.29 ? 122 ILE A CG2 1 
ATOM   967  C  CD1 . ILE A 1 122 ? -8.205  9.522   2.440   1.00 22.08 ? 122 ILE A CD1 1 
ATOM   968  N  N   . GLU A 1 123 ? -11.371 11.180  -1.502  1.00 19.30 ? 123 GLU A N   1 
ATOM   969  C  CA  . GLU A 1 123 ? -12.250 11.043  -2.680  1.00 22.20 ? 123 GLU A CA  1 
ATOM   970  C  C   . GLU A 1 123 ? -11.424 11.044  -3.957  1.00 19.19 ? 123 GLU A C   1 
ATOM   971  O  O   . GLU A 1 123 ? -11.786 10.292  -4.894  1.00 18.58 ? 123 GLU A O   1 
ATOM   972  C  CB  . GLU A 1 123 ? -13.309 12.151  -2.656  1.00 26.32 ? 123 GLU A CB  1 
ATOM   973  C  CG  . GLU A 1 123 ? -14.410 11.872  -1.623  1.00 37.55 ? 123 GLU A CG  1 
ATOM   974  C  CD  . GLU A 1 123 ? -15.106 10.506  -1.690  1.00 45.65 ? 123 GLU A CD  1 
ATOM   975  O  OE1 . GLU A 1 123 ? -15.386 10.024  -2.829  1.00 48.34 ? 123 GLU A OE1 1 
ATOM   976  O  OE2 . GLU A 1 123 ? -15.329 9.885   -0.605  1.00 54.68 ? 123 GLU A OE2 1 
ATOM   977  N  N   . ASP A 1 124 ? -10.327 11.788  -4.056  1.00 17.24 ? 124 ASP A N   1 
ATOM   978  C  CA  . ASP A 1 124 ? -9.478  11.802  -5.269  1.00 17.54 ? 124 ASP A CA  1 
ATOM   979  C  C   . ASP A 1 124 ? -8.669  10.497  -5.393  1.00 14.96 ? 124 ASP A C   1 
ATOM   980  O  O   . ASP A 1 124 ? -8.409  10.027  -6.535  1.00 15.39 ? 124 ASP A O   1 
ATOM   981  C  CB  . ASP A 1 124 ? -8.560  13.005  -5.285  1.00 17.71 ? 124 ASP A CB  1 
ATOM   982  C  CG  . ASP A 1 124 ? -9.308  14.311  -5.491  1.00 23.71 ? 124 ASP A CG  1 
ATOM   983  O  OD1 . ASP A 1 124 ? -10.356 14.279  -6.142  1.00 25.67 ? 124 ASP A OD1 1 
ATOM   984  O  OD2 . ASP A 1 124 ? -8.888  15.285  -4.912  1.00 25.91 ? 124 ASP A OD2 1 
ATOM   985  N  N   . ALA A 1 125 ? -8.250  9.923   -4.255  1.00 14.28 ? 125 ALA A N   1 
ATOM   986  C  CA  . ALA A 1 125 ? -7.540  8.630   -4.276  1.00 14.16 ? 125 ALA A CA  1 
ATOM   987  C  C   . ALA A 1 125 ? -8.501  7.594   -4.883  1.00 14.70 ? 125 ALA A C   1 
ATOM   988  O  O   . ALA A 1 125 ? -8.117  6.815   -5.760  1.00 14.62 ? 125 ALA A O   1 
ATOM   989  C  CB  . ALA A 1 125 ? -7.104  8.217   -2.880  1.00 14.81 ? 125 ALA A CB  1 
ATOM   990  N  N   . ILE A 1 126 ? -9.713  7.525   -4.382  1.00 14.54 ? 126 ILE A N   1 
ATOM   991  C  CA  . ILE A 1 126 ? -10.723 6.590   -4.931  1.00 15.13 ? 126 ILE A CA  1 
ATOM   992  C  C   . ILE A 1 126 ? -10.833 6.831   -6.438  1.00 16.63 ? 126 ILE A C   1 
ATOM   993  O  O   . ILE A 1 126 ? -10.806 5.855   -7.156  1.00 16.37 ? 126 ILE A O   1 
ATOM   994  C  CB  . ILE A 1 126 ? -12.052 6.729   -4.170  1.00 15.46 ? 126 ILE A CB  1 
ATOM   995  C  CG1 . ILE A 1 126 ? -11.925 6.293   -2.702  1.00 18.31 ? 126 ILE A CG1 1 
ATOM   996  C  CG2 . ILE A 1 126 ? -13.143 5.983   -4.933  1.00 17.06 ? 126 ILE A CG2 1 
ATOM   997  C  CD1 . ILE A 1 126 ? -13.144 6.615   -1.847  1.00 19.73 ? 126 ILE A CD1 1 
ATOM   998  N  N   . LYS A 1 127 ? -10.959 8.085   -6.879  1.00 15.22 ? 127 LYS A N   1 
ATOM   999  C  CA  . LYS A 1 127 ? -11.137 8.380   -8.307  1.00 16.79 ? 127 LYS A CA  1 
ATOM   1000 C  C   . LYS A 1 127 ? -10.002 7.817   -9.101  1.00 16.45 ? 127 LYS A C   1 
ATOM   1001 O  O   . LYS A 1 127 ? -10.300 7.172   -10.112 1.00 15.90 ? 127 LYS A O   1 
ATOM   1002 C  CB  . LYS A 1 127 ? -11.258 9.881   -8.534  1.00 17.48 ? 127 LYS A CB  1 
ATOM   1003 C  CG  . LYS A 1 127 ? -12.627 10.378  -8.125  1.00 21.80 ? 127 LYS A CG  1 
ATOM   1004 C  CD  . LYS A 1 127 ? -12.790 11.845  -8.331  1.00 26.29 ? 127 LYS A CD  1 
ATOM   1005 C  CE  . LYS A 1 127 ? -14.217 12.233  -8.056  1.00 31.77 ? 127 LYS A CE  1 
ATOM   1006 N  NZ  . LYS A 1 127 ? -14.324 13.706  -8.067  1.00 36.77 ? 127 LYS A NZ  1 
ATOM   1007 N  N   . VAL A 1 128 ? -8.746  8.030   -8.737  1.00 13.73 ? 128 VAL A N   1 
ATOM   1008 C  CA  . VAL A 1 128 ? -7.604  7.662   -9.600  1.00 14.27 ? 128 VAL A CA  1 
ATOM   1009 C  C   . VAL A 1 128 ? -7.382  6.145   -9.537  1.00 13.38 ? 128 VAL A C   1 
ATOM   1010 O  O   . VAL A 1 128 ? -6.721  5.633   -10.419 1.00 14.98 ? 128 VAL A O   1 
ATOM   1011 C  CB  . VAL A 1 128 ? -6.331  8.456   -9.338  1.00 15.03 ? 128 VAL A CB  1 
ATOM   1012 C  CG1 . VAL A 1 128 ? -6.601  9.935   -9.653  1.00 16.55 ? 128 VAL A CG1 1 
ATOM   1013 C  CG2 . VAL A 1 128 ? -5.790  8.248   -7.915  1.00 14.92 ? 128 VAL A CG2 1 
ATOM   1014 N  N   . LEU A 1 129 ? -7.866  5.459   -8.495  1.00 13.12 ? 129 LEU A N   1 
ATOM   1015 C  CA  . LEU A 1 129 ? -7.668  4.002   -8.376  1.00 12.43 ? 129 LEU A CA  1 
ATOM   1016 C  C   . LEU A 1 129 ? -8.731  3.249   -9.160  1.00 13.86 ? 129 LEU A C   1 
ATOM   1017 O  O   . LEU A 1 129 ? -8.487  2.080   -9.485  1.00 14.71 ? 129 LEU A O   1 
ATOM   1018 C  CB  . LEU A 1 129 ? -7.688  3.635   -6.881  1.00 12.27 ? 129 LEU A CB  1 
ATOM   1019 C  CG  . LEU A 1 129 ? -6.508  4.074   -6.041  1.00 12.06 ? 129 LEU A CG  1 
ATOM   1020 C  CD1 . LEU A 1 129 ? -6.844  3.940   -4.582  1.00 12.83 ? 129 LEU A CD1 1 
ATOM   1021 C  CD2 . LEU A 1 129 ? -5.225  3.352   -6.469  1.00 12.43 ? 129 LEU A CD2 1 
ATOM   1022 N  N   . GLN A 1 130 ? -9.872  3.854   -9.451  1.00 13.13 ? 130 GLN A N   1 
ATOM   1023 C  CA  . GLN A 1 130 ? -11.057 3.110   -9.900  1.00 14.16 ? 130 GLN A CA  1 
ATOM   1024 C  C   . GLN A 1 130 ? -10.785 2.347   -11.204 1.00 13.89 ? 130 GLN A C   1 
ATOM   1025 O  O   . GLN A 1 130 ? -11.311 1.214   -11.375 1.00 15.92 ? 130 GLN A O   1 
ATOM   1026 C  CB  . GLN A 1 130 ? -12.232 4.081   -10.128 1.00 18.26 ? 130 GLN A CB  1 
ATOM   1027 C  CG  . GLN A 1 130 ? -13.568 3.406   -10.140 1.00 24.97 ? 130 GLN A CG  1 
ATOM   1028 C  CD  . GLN A 1 130 ? -13.880 2.858   -8.770  1.00 26.91 ? 130 GLN A CD  1 
ATOM   1029 O  OE1 . GLN A 1 130 ? -14.263 3.580   -7.858  1.00 30.86 ? 130 GLN A OE1 1 
ATOM   1030 N  NE2 . GLN A 1 130 ? -13.666 1.574   -8.641  1.00 27.63 ? 130 GLN A NE2 1 
ATOM   1031 N  N   . TYR A 1 131 ? -10.104 2.914   -12.192 1.00 13.63 ? 131 TYR A N   1 
ATOM   1032 C  CA  . TYR A 1 131 ? -10.043 2.335   -13.542 1.00 14.15 ? 131 TYR A CA  1 
ATOM   1033 C  C   . TYR A 1 131 ? -9.278  1.016   -13.536 1.00 13.39 ? 131 TYR A C   1 
ATOM   1034 O  O   . TYR A 1 131 ? -9.755  0.033   -14.058 1.00 15.91 ? 131 TYR A O   1 
ATOM   1035 C  CB  . TYR A 1 131 ? -9.479  3.316   -14.566 1.00 13.71 ? 131 TYR A CB  1 
ATOM   1036 C  CG  . TYR A 1 131 ? -9.486  2.745   -15.970 1.00 13.26 ? 131 TYR A CG  1 
ATOM   1037 C  CD1 . TYR A 1 131 ? -10.694 2.487   -16.600 1.00 13.17 ? 131 TYR A CD1 1 
ATOM   1038 C  CD2 . TYR A 1 131 ? -8.332  2.383   -16.641 1.00 15.26 ? 131 TYR A CD2 1 
ATOM   1039 C  CE1 . TYR A 1 131 ? -10.716 1.973   -17.877 1.00 15.44 ? 131 TYR A CE1 1 
ATOM   1040 C  CE2 . TYR A 1 131 ? -8.340  1.837   -17.918 1.00 17.78 ? 131 TYR A CE2 1 
ATOM   1041 C  CZ  . TYR A 1 131 ? -9.552  1.599   -18.511 1.00 16.51 ? 131 TYR A CZ  1 
ATOM   1042 O  OH  . TYR A 1 131 ? -9.504  1.055   -19.787 1.00 21.40 ? 131 TYR A OH  1 
ATOM   1043 N  N   . HIS A 1 132 ? -8.060  1.018   -12.995 1.00 14.35 ? 132 HIS A N   1 
ATOM   1044 C  CA  . HIS A 1 132 ? -7.160  -0.142  -13.099 1.00 14.88 ? 132 HIS A CA  1 
ATOM   1045 C  C   . HIS A 1 132 ? -7.114  -0.870  -11.762 1.00 14.36 ? 132 HIS A C   1 
ATOM   1046 O  O   . HIS A 1 132 ? -6.743  -2.034  -11.814 1.00 17.35 ? 132 HIS A O   1 
ATOM   1047 C  CB  . HIS A 1 132 ? -5.716  0.241   -13.418 1.00 16.90 ? 132 HIS A CB  1 
ATOM   1048 C  CG  . HIS A 1 132 ? -5.479  0.768   -14.780 1.00 21.67 ? 132 HIS A CG  1 
ATOM   1049 N  ND1 . HIS A 1 132 ? -5.589  -0.051  -15.876 1.00 24.73 ? 132 HIS A ND1 1 
ATOM   1050 C  CD2 . HIS A 1 132 ? -5.066  1.975   -15.199 1.00 26.03 ? 132 HIS A CD2 1 
ATOM   1051 C  CE1 . HIS A 1 132 ? -5.239  0.644   -16.963 1.00 25.93 ? 132 HIS A CE1 1 
ATOM   1052 N  NE2 . HIS A 1 132 ? -4.939  1.905   -16.569 1.00 26.77 ? 132 HIS A NE2 1 
ATOM   1053 N  N   . LYS A 1 133 ? -7.531  -0.257  -10.661 1.00 13.34 ? 133 LYS A N   1 
ATOM   1054 C  CA  . LYS A 1 133 ? -7.328  -0.885  -9.328  1.00 13.63 ? 133 LYS A CA  1 
ATOM   1055 C  C   . LYS A 1 133 ? -8.610  -0.767  -8.535  1.00 13.39 ? 133 LYS A C   1 
ATOM   1056 O  O   . LYS A 1 133 ? -8.657  -0.263  -7.401  1.00 12.23 ? 133 LYS A O   1 
ATOM   1057 C  CB  . LYS A 1 133 ? -6.177  -0.250  -8.544  1.00 14.71 ? 133 LYS A CB  1 
ATOM   1058 C  CG  . LYS A 1 133 ? -4.796  -0.464  -9.123  1.00 17.88 ? 133 LYS A CG  1 
ATOM   1059 C  CD  . LYS A 1 133 ? -4.402  -1.930  -9.157  1.00 22.16 ? 133 LYS A CD  1 
ATOM   1060 C  CE  . LYS A 1 133 ? -2.906  -2.073  -9.173  1.00 28.57 ? 133 LYS A CE  1 
ATOM   1061 N  NZ  . LYS A 1 133 ? -2.350  -1.566  -10.448 1.00 36.73 ? 133 LYS A NZ  1 
ATOM   1062 N  N   . PRO A 1 134 ? -9.789  -1.216  -9.026  1.00 13.17 ? 134 PRO A N   1 
ATOM   1063 C  CA  . PRO A 1 134 ? -11.025 -1.051  -8.289  1.00 14.29 ? 134 PRO A CA  1 
ATOM   1064 C  C   . PRO A 1 134 ? -11.028 -1.697  -6.888  1.00 12.46 ? 134 PRO A C   1 
ATOM   1065 O  O   . PRO A 1 134 ? -11.719 -1.246  -6.040  1.00 14.26 ? 134 PRO A O   1 
ATOM   1066 C  CB  . PRO A 1 134 ? -12.071 -1.679  -9.256  1.00 14.76 ? 134 PRO A CB  1 
ATOM   1067 C  CG  . PRO A 1 134 ? -11.264 -2.587  -10.131 1.00 15.52 ? 134 PRO A CG  1 
ATOM   1068 C  CD  . PRO A 1 134 ? -9.976  -1.861  -10.357 1.00 14.31 ? 134 PRO A CD  1 
ATOM   1069 N  N   . VAL A 1 135 ? -10.301 -2.820  -6.712  1.00 13.06 ? 135 VAL A N   1 
ATOM   1070 C  CA  . VAL A 1 135 ? -10.225 -3.419  -5.356  1.00 13.09 ? 135 VAL A CA  1 
ATOM   1071 C  C   . VAL A 1 135 ? -9.494  -2.446  -4.416  1.00 13.36 ? 135 VAL A C   1 
ATOM   1072 O  O   . VAL A 1 135 ? -9.898  -2.286  -3.270  1.00 13.10 ? 135 VAL A O   1 
ATOM   1073 C  CB  . VAL A 1 135 ? -9.569  -4.816  -5.395  1.00 14.08 ? 135 VAL A CB  1 
ATOM   1074 C  CG1 . VAL A 1 135 ? -9.514  -5.417  -3.992  1.00 14.60 ? 135 VAL A CG1 1 
ATOM   1075 C  CG2 . VAL A 1 135 ? -10.294 -5.792  -6.312  1.00 15.75 ? 135 VAL A CG2 1 
ATOM   1076 N  N   . GLN A 1 136 ? -8.460  -1.773  -4.880  1.00 12.94 ? 136 GLN A N   1 
ATOM   1077 C  CA  . GLN A 1 136 ? -7.757  -0.788  -4.024  1.00 11.94 ? 136 GLN A CA  1 
ATOM   1078 C  C   . GLN A 1 136 ? -8.660  0.401   -3.764  1.00 12.63 ? 136 GLN A C   1 
ATOM   1079 O  O   . GLN A 1 136 ? -8.673  0.911   -2.630  1.00 12.58 ? 136 GLN A O   1 
ATOM   1080 C  CB  . GLN A 1 136 ? -6.440  -0.372  -4.667  1.00 11.27 ? 136 GLN A CB  1 
ATOM   1081 C  CG  . GLN A 1 136 ? -5.478  -1.523  -4.863  1.00 11.99 ? 136 GLN A CG  1 
ATOM   1082 C  CD  . GLN A 1 136 ? -4.102  -1.154  -5.332  1.00 13.56 ? 136 GLN A CD  1 
ATOM   1083 O  OE1 . GLN A 1 136 ? -3.757  0.015   -5.455  1.00 14.57 ? 136 GLN A OE1 1 
ATOM   1084 N  NE2 . GLN A 1 136 ? -3.310  -2.164  -5.698  1.00 18.61 ? 136 GLN A NE2 1 
ATOM   1085 N  N   . ALA A 1 137 ? -9.479  0.838   -4.723  1.00 11.63 ? 137 ALA A N   1 
ATOM   1086 C  CA  . ALA A 1 137 ? -10.441 1.910   -4.435  1.00 14.14 ? 137 ALA A CA  1 
ATOM   1087 C  C   . ALA A 1 137 ? -11.344 1.417   -3.338  1.00 14.15 ? 137 ALA A C   1 
ATOM   1088 O  O   . ALA A 1 137 ? -11.735 2.195   -2.453  1.00 15.65 ? 137 ALA A O   1 
ATOM   1089 C  CB  . ALA A 1 137 ? -11.278 2.279   -5.661  1.00 14.00 ? 137 ALA A CB  1 
ATOM   1090 N  N   . SER A 1 138 ? -11.708 0.119   -3.331  1.00 12.68 ? 138 SER A N   1 
ATOM   1091 C  CA  . SER A 1 138 ? -12.622 -0.391  -2.268  1.00 14.58 ? 138 SER A CA  1 
ATOM   1092 C  C   . SER A 1 138 ? -11.968 -0.426  -0.888  1.00 15.24 ? 138 SER A C   1 
ATOM   1093 O  O   . SER A 1 138 ? -12.682 -0.533  0.111   1.00 16.29 ? 138 SER A O   1 
ATOM   1094 C  CB  . SER A 1 138 ? -13.218 -1.736  -2.606  1.00 16.13 ? 138 SER A CB  1 
ATOM   1095 O  OG  . SER A 1 138 ? -12.341 -2.801  -2.318  1.00 17.48 ? 138 SER A OG  1 
ATOM   1096 N  N   . TYR A 1 139 ? -10.660 -0.355  -0.761  1.00 13.31 ? 139 TYR A N   1 
ATOM   1097 C  CA  . TYR A 1 139 ? -10.004 -0.271  0.568   1.00 14.01 ? 139 TYR A CA  1 
ATOM   1098 C  C   . TYR A 1 139 ? -10.566 0.895   1.392   1.00 15.71 ? 139 TYR A C   1 
ATOM   1099 O  O   . TYR A 1 139 ? -10.546 0.845   2.642   1.00 18.26 ? 139 TYR A O   1 
ATOM   1100 C  CB  . TYR A 1 139 ? -8.497  -0.046  0.434   1.00 13.21 ? 139 TYR A CB  1 
ATOM   1101 C  CG  . TYR A 1 139 ? -7.629  -1.089  -0.235  1.00 12.44 ? 139 TYR A CG  1 
ATOM   1102 C  CD1 . TYR A 1 139 ? -8.071  -2.376  -0.562  1.00 12.04 ? 139 TYR A CD1 1 
ATOM   1103 C  CD2 . TYR A 1 139 ? -6.291  -0.814  -0.499  1.00 11.57 ? 139 TYR A CD2 1 
ATOM   1104 C  CE1 . TYR A 1 139 ? -7.227  -3.285  -1.188  1.00 12.21 ? 139 TYR A CE1 1 
ATOM   1105 C  CE2 . TYR A 1 139 ? -5.427  -1.718  -1.058  1.00 12.21 ? 139 TYR A CE2 1 
ATOM   1106 C  CZ  . TYR A 1 139 ? -5.901  -2.953  -1.441  1.00 12.50 ? 139 TYR A CZ  1 
ATOM   1107 O  OH  . TYR A 1 139 ? -4.991  -3.799  -2.001  1.00 13.81 ? 139 TYR A OH  1 
ATOM   1108 N  N   . PHE A 1 140 ? -10.995 1.956   0.715   1.00 16.93 ? 140 PHE A N   1 
ATOM   1109 C  CA  . PHE A 1 140 ? -11.434 3.226   1.328   1.00 18.67 ? 140 PHE A CA  1 
ATOM   1110 C  C   . PHE A 1 140 ? -12.927 3.162   1.656   1.00 24.19 ? 140 PHE A C   1 
ATOM   1111 O  O   . PHE A 1 140 ? -13.397 4.122   2.221   1.00 24.84 ? 140 PHE A O   1 
ATOM   1112 C  CB  . PHE A 1 140 ? -11.082 4.378   0.408   1.00 17.72 ? 140 PHE A CB  1 
ATOM   1113 C  CG  . PHE A 1 140 ? -9.601  4.592   0.255   1.00 15.66 ? 140 PHE A CG  1 
ATOM   1114 C  CD1 . PHE A 1 140 ? -8.866  5.297   1.209   1.00 16.85 ? 140 PHE A CD1 1 
ATOM   1115 C  CD2 . PHE A 1 140 ? -8.904  4.074   -0.823  1.00 15.00 ? 140 PHE A CD2 1 
ATOM   1116 C  CE1 . PHE A 1 140 ? -7.503  5.443   1.056   1.00 17.72 ? 140 PHE A CE1 1 
ATOM   1117 C  CE2 . PHE A 1 140 ? -7.547  4.213   -0.990  1.00 15.99 ? 140 PHE A CE2 1 
ATOM   1118 C  CZ  . PHE A 1 140 ? -6.835  4.920   -0.040  1.00 19.59 ? 140 PHE A CZ  1 
ATOM   1119 N  N   . GLU A 1 141 ? -13.645 2.070   1.364   1.00 27.68 ? 141 GLU A N   1 
ATOM   1120 C  CA  . GLU A 1 141 ? -15.143 2.121   1.422   1.00 34.18 ? 141 GLU A CA  1 
ATOM   1121 C  C   . GLU A 1 141 ? -15.592 2.033   2.890   1.00 43.59 ? 141 GLU A C   1 
ATOM   1122 O  O   . GLU A 1 141 ? -16.691 2.524   3.179   1.00 52.89 ? 141 GLU A O   1 
ATOM   1123 C  CB  . GLU A 1 141 ? -15.788 1.100   0.483   1.00 43.84 ? 141 GLU A CB  1 
ATOM   1124 C  CG  . GLU A 1 141 ? -16.201 1.679   -0.880  1.00 47.79 ? 141 GLU A CG  1 
ATOM   1125 C  CD  . GLU A 1 141 ? -15.238 2.628   -1.596  1.00 48.31 ? 141 GLU A CD  1 
ATOM   1126 O  OE1 . GLU A 1 141 ? -14.427 3.266   -0.912  1.00 58.90 ? 141 GLU A OE1 1 
ATOM   1127 O  OE2 . GLU A 1 141 ? -15.303 2.750   -2.852  1.00 48.18 ? 141 GLU A OE2 1 
ATOM   1128 N  N   . THR A 1 142 ? -14.719 1.630   3.811   1.00 43.24 ? 142 THR A N   1 
ATOM   1129 C  CA  . THR A 1 142 ? -15.055 1.279   5.219   1.00 45.21 ? 142 THR A CA  1 
ATOM   1130 C  C   . THR A 1 142 ? -14.817 2.491   6.131   1.00 49.60 ? 142 THR A C   1 
ATOM   1131 O  O   . THR A 1 142 ? -14.307 3.540   5.727   1.00 52.47 ? 142 THR A O   1 
ATOM   1132 C  CB  . THR A 1 142 ? -14.258 0.043   5.667   1.00 48.62 ? 142 THR A CB  1 
ATOM   1133 O  OG1 . THR A 1 142 ? -13.387 0.382   6.747   1.00 48.47 ? 142 THR A OG1 1 
ATOM   1134 C  CG2 . THR A 1 142 ? -13.433 -0.593  4.563   1.00 52.49 ? 142 THR A CG2 1 
HETATM 1135 C  C5  . YUT B 2 .   ? 2.130   -6.281  -10.830 1.00 27.16 ? 401 YUT A C5  1 
HETATM 1136 C  C4  . YUT B 2 .   ? 2.230   -5.012  -10.002 1.00 22.00 ? 401 YUT A C4  1 
HETATM 1137 C  C2  . YUT B 2 .   ? 3.718   -6.182  -8.393  1.00 20.38 ? 401 YUT A C2  1 
HETATM 1138 C  C1  . YUT B 2 .   ? 3.589   -7.460  -9.209  1.00 23.17 ? 401 YUT A C1  1 
HETATM 1139 C  C3  . YUT B 2 .   ? 3.581   -4.972  -9.307  1.00 21.10 ? 401 YUT A C3  1 
HETATM 1140 O  O55 . YUT B 2 .   ? -0.521  -4.640  -15.414 1.00 52.85 ? 401 YUT A O55 1 
HETATM 1141 P  PB5 . YUT B 2 .   ? -1.528  -4.844  -14.174 1.00 51.32 ? 401 YUT A PB5 1 
HETATM 1142 O  O65 . YUT B 2 .   ? -1.307  -3.843  -12.933 1.00 42.67 ? 401 YUT A O65 1 
HETATM 1143 O  O75 . YUT B 2 .   ? -2.958  -5.104  -14.544 1.00 58.13 ? 401 YUT A O75 1 
HETATM 1144 C  C45 . YUT B 2 .   ? -0.985  -6.486  -13.475 1.00 51.53 ? 401 YUT A C45 1 
HETATM 1145 F  F51 . YUT B 2 .   ? -1.646  -6.728  -12.350 1.00 41.39 ? 401 YUT A F51 1 
HETATM 1146 F  F52 . YUT B 2 .   ? -1.244  -7.448  -14.356 1.00 56.84 ? 401 YUT A F52 1 
HETATM 1147 P  PA5 . YUT B 2 .   ? 0.842   -6.438  -13.125 1.00 58.03 ? 401 YUT A PA5 1 
HETATM 1148 O  O25 . YUT B 2 .   ? 1.444   -7.759  -13.494 1.00 56.48 ? 401 YUT A O25 1 
HETATM 1149 O  O35 . YUT B 2 .   ? 1.457   -5.084  -13.739 1.00 61.96 ? 401 YUT A O35 1 
HETATM 1150 O  O15 . YUT B 2 .   ? 0.872   -6.312  -11.520 1.00 37.68 ? 401 YUT A O15 1 
HETATM 1151 O  O14 . YUT B 2 .   ? 2.094   -3.866  -10.855 1.00 25.26 ? 401 YUT A O14 1 
HETATM 1152 P  PA4 . YUT B 2 .   ? 1.255   -2.613  -10.366 1.00 26.85 ? 401 YUT A PA4 1 
HETATM 1153 O  O34 . YUT B 2 .   ? 2.284   -1.663  -9.863  1.00 30.83 ? 401 YUT A O34 1 
HETATM 1154 O  O44 . YUT B 2 .   ? 0.255   -3.217  -9.275  1.00 30.71 ? 401 YUT A O44 1 
HETATM 1155 O  O24 . YUT B 2 .   ? 0.548   -2.161  -11.739 1.00 37.73 ? 401 YUT A O24 1 
HETATM 1156 O  O13 . YUT B 2 .   ? 3.685   -3.771  -8.530  1.00 25.66 ? 401 YUT A O13 1 
HETATM 1157 P  PA3 . YUT B 2 .   ? 5.094   -3.082  -8.318  1.00 32.20 ? 401 YUT A PA3 1 
HETATM 1158 O  O33 . YUT B 2 .   ? 4.760   -1.524  -8.220  1.00 30.49 ? 401 YUT A O33 1 
HETATM 1159 O  O43 . YUT B 2 .   ? 5.953   -3.547  -9.582  1.00 30.93 ? 401 YUT A O43 1 
HETATM 1160 O  O23 . YUT B 2 .   ? 5.518   -3.706  -7.022  1.00 33.48 ? 401 YUT A O23 1 
HETATM 1161 O  O12 . YUT B 2 .   ? 2.691   -6.147  -7.392  1.00 20.80 ? 401 YUT A O12 1 
HETATM 1162 P  PA2 . YUT B 2 .   ? 3.053   -6.434  -5.879  1.00 17.82 ? 401 YUT A PA2 1 
HETATM 1163 O  O32 . YUT B 2 .   ? 4.612   -6.781  -5.906  1.00 22.20 ? 401 YUT A O32 1 
HETATM 1164 O  O42 . YUT B 2 .   ? 2.067   -7.618  -5.455  1.00 18.45 ? 401 YUT A O42 1 
HETATM 1165 O  O22 . YUT B 2 .   ? 2.728   -5.108  -5.256  1.00 18.54 ? 401 YUT A O22 1 
HETATM 1166 O  O11 . YUT B 2 .   ? 3.698   -8.596  -8.338  1.00 24.64 ? 401 YUT A O11 1 
HETATM 1167 P  PA1 . YUT B 2 .   ? 5.024   -9.465  -8.328  1.00 28.56 ? 401 YUT A PA1 1 
HETATM 1168 O  O31 . YUT B 2 .   ? 6.019   -8.599  -7.640  1.00 31.00 ? 401 YUT A O31 1 
HETATM 1169 O  O41 . YUT B 2 .   ? 5.300   -9.774  -9.872  1.00 30.95 ? 401 YUT A O41 1 
HETATM 1170 O  O21 . YUT B 2 .   ? 4.546   -10.741 -7.469  1.00 27.11 ? 401 YUT A O21 1 
HETATM 1171 C  C6  . YUT B 2 .   ? 2.239   -7.484  -9.909  1.00 26.00 ? 401 YUT A C6  1 
HETATM 1172 O  O16 . YUT B 2 .   ? 2.114   -8.690  -10.674 1.00 29.36 ? 401 YUT A O16 1 
HETATM 1173 P  PA6 . YUT B 2 .   ? 0.847   -9.616  -10.480 1.00 32.53 ? 401 YUT A PA6 1 
HETATM 1174 O  O36 . YUT B 2 .   ? -0.395  -8.641  -10.717 1.00 33.66 ? 401 YUT A O36 1 
HETATM 1175 O  O46 . YUT B 2 .   ? 1.016   -10.208 -9.005  1.00 30.48 ? 401 YUT A O46 1 
HETATM 1176 O  O26 . YUT B 2 .   ? 1.063   -10.619 -11.574 1.00 39.53 ? 401 YUT A O26 1 
HETATM 1177 MG MG  . MG  C 3 .   ? 4.296   -3.658  -4.579  1.00 21.41 ? 402 MG  A MG  1 
HETATM 1178 MG MG  . MG  D 3 .   ? 7.300   -3.779  -3.219  1.00 28.40 ? 403 MG  A MG  1 
HETATM 1179 MG MG  . MG  E 3 .   ? 8.239   -6.858  -2.120  1.00 32.37 ? 404 MG  A MG  1 
HETATM 1180 MG MG  . MG  F 3 .   ? 6.423   -6.607  -4.728  1.00 40.96 ? 405 MG  A MG  1 
HETATM 1181 CL CL  . CL  G 4 .   ? -5.671  -4.883  -6.468  1.00 18.37 ? 406 CL  A CL  1 
HETATM 1182 CL CL  . CL  H 4 .   ? -4.981  13.456  6.944   1.00 23.76 ? 407 CL  A CL  1 
HETATM 1183 F  F   . F   I 5 .   ? 8.187   -5.569  -3.333  1.00 34.07 ? 408 F   A F   1 
HETATM 1184 O  O   . HOH J 6 .   ? -15.192 0.915   -4.343  1.00 39.45 ? 501 HOH A O   1 
HETATM 1185 O  O   . HOH J 6 .   ? 0.229   -8.252  -6.832  1.00 34.46 ? 502 HOH A O   1 
HETATM 1186 O  O   . HOH J 6 .   ? -0.445  -2.925  -6.984  1.00 35.88 ? 503 HOH A O   1 
HETATM 1187 O  O   . HOH J 6 .   ? -1.627  -7.023  -9.386  1.00 32.58 ? 504 HOH A O   1 
HETATM 1188 O  O   . HOH J 6 .   ? 2.892   -15.531 -8.417  1.00 37.05 ? 505 HOH A O   1 
HETATM 1189 O  O   . HOH J 6 .   ? 13.176  -3.515  2.902   1.00 38.77 ? 506 HOH A O   1 
HETATM 1190 O  O   . HOH J 6 .   ? 7.486   -8.325  -5.666  1.00 46.99 ? 507 HOH A O   1 
HETATM 1191 O  O   . HOH J 6 .   ? -6.086  -5.555  -3.445  1.00 17.11 ? 508 HOH A O   1 
HETATM 1192 O  O   . HOH J 6 .   ? 7.113   -5.573  -6.411  1.00 43.58 ? 509 HOH A O   1 
HETATM 1193 O  O   . HOH J 6 .   ? 11.254  9.345   -7.087  1.00 38.36 ? 510 HOH A O   1 
HETATM 1194 O  O   . HOH J 6 .   ? -14.588 9.487   -5.213  1.00 35.35 ? 511 HOH A O   1 
HETATM 1195 O  O   . HOH J 6 .   ? 6.473   -7.812  -3.110  1.00 25.24 ? 512 HOH A O   1 
HETATM 1196 O  O   . HOH J 6 .   ? 10.024  -6.148  -1.384  1.00 31.53 ? 513 HOH A O   1 
HETATM 1197 O  O   . HOH J 6 .   ? -5.996  -13.883 9.031   1.00 39.32 ? 514 HOH A O   1 
HETATM 1198 O  O   . HOH J 6 .   ? 11.084  -2.285  -3.442  1.00 40.87 ? 515 HOH A O   1 
HETATM 1199 O  O   . HOH J 6 .   ? -15.846 -14.086 -6.784  1.00 43.15 ? 516 HOH A O   1 
HETATM 1200 O  O   . HOH J 6 .   ? 5.765   -4.788  -4.006  1.00 24.84 ? 517 HOH A O   1 
HETATM 1201 O  O   . HOH J 6 .   ? -2.317  -7.938  12.224  1.00 32.77 ? 518 HOH A O   1 
HETATM 1202 O  O   . HOH J 6 .   ? 10.410  -8.397  7.562   1.00 28.67 ? 519 HOH A O   1 
HETATM 1203 O  O   . HOH J 6 .   ? -2.266  0.571   -11.997 1.00 35.26 ? 520 HOH A O   1 
HETATM 1204 O  O   . HOH J 6 .   ? 8.911   -2.914  -2.516  1.00 32.13 ? 521 HOH A O   1 
HETATM 1205 O  O   . HOH J 6 .   ? 6.726   4.292   -11.142 1.00 27.24 ? 522 HOH A O   1 
HETATM 1206 O  O   . HOH J 6 .   ? -9.652  5.758   -12.264 1.00 14.00 ? 523 HOH A O   1 
HETATM 1207 O  O   . HOH J 6 .   ? -2.788  13.116  13.796  1.00 34.52 ? 524 HOH A O   1 
HETATM 1208 O  O   . HOH J 6 .   ? 1.416   0.927   16.320  1.00 37.38 ? 525 HOH A O   1 
HETATM 1209 O  O   . HOH J 6 .   ? -6.440  15.357  -3.800  1.00 22.64 ? 526 HOH A O   1 
HETATM 1210 O  O   . HOH J 6 .   ? -10.477 14.258  2.384   1.00 30.73 ? 527 HOH A O   1 
HETATM 1211 O  O   . HOH J 6 .   ? -12.230 -7.798  -3.049  1.00 37.87 ? 528 HOH A O   1 
HETATM 1212 O  O   . HOH J 6 .   ? -5.529  -8.317  -3.127  1.00 13.66 ? 529 HOH A O   1 
HETATM 1213 O  O   . HOH J 6 .   ? -1.602  4.613   1.141   1.00 14.12 ? 530 HOH A O   1 
HETATM 1214 O  O   . HOH J 6 .   ? -2.703  -3.451  13.765  1.00 38.45 ? 531 HOH A O   1 
HETATM 1215 O  O   . HOH J 6 .   ? -10.161 -19.628 -3.024  1.00 39.67 ? 532 HOH A O   1 
HETATM 1216 O  O   . HOH J 6 .   ? -2.998  14.962  -5.527  1.00 47.25 ? 533 HOH A O   1 
HETATM 1217 O  O   . HOH J 6 .   ? -1.678  -18.919 4.527   1.00 29.41 ? 534 HOH A O   1 
HETATM 1218 O  O   . HOH J 6 .   ? -0.012  -2.204  -4.592  1.00 26.17 ? 535 HOH A O   1 
HETATM 1219 O  O   . HOH J 6 .   ? -9.820  -14.104 2.012   1.00 35.22 ? 536 HOH A O   1 
HETATM 1220 O  O   . HOH J 6 .   ? -3.999  2.554   -11.258 1.00 19.23 ? 537 HOH A O   1 
HETATM 1221 O  O   . HOH J 6 .   ? -1.156  7.907   15.809  1.00 50.79 ? 538 HOH A O   1 
HETATM 1222 O  O   . HOH J 6 .   ? -14.238 -0.061  -6.494  1.00 26.10 ? 539 HOH A O   1 
HETATM 1223 O  O   . HOH J 6 .   ? -13.392 -15.892 -2.801  1.00 26.85 ? 540 HOH A O   1 
HETATM 1224 O  O   . HOH J 6 .   ? 5.456   7.071   14.364  1.00 32.61 ? 541 HOH A O   1 
HETATM 1225 O  O   . HOH J 6 .   ? 8.135   -8.743  -0.919  1.00 31.07 ? 542 HOH A O   1 
HETATM 1226 O  O   . HOH J 6 .   ? -4.774  3.848   -18.533 1.00 39.70 ? 543 HOH A O   1 
HETATM 1227 O  O   . HOH J 6 .   ? 6.546   -17.692 -7.049  1.00 33.60 ? 544 HOH A O   1 
HETATM 1228 O  O   . HOH J 6 .   ? -4.173  -20.616 3.516   1.00 29.81 ? 545 HOH A O   1 
HETATM 1229 O  O   . HOH J 6 .   ? 4.857   1.410   11.632  1.00 25.54 ? 546 HOH A O   1 
HETATM 1230 O  O   . HOH J 6 .   ? -3.933  -24.451 -4.038  1.00 32.84 ? 547 HOH A O   1 
HETATM 1231 O  O   . HOH J 6 .   ? -12.678 -2.292  8.904   1.00 29.48 ? 548 HOH A O   1 
HETATM 1232 O  O   . HOH J 6 .   ? 6.176   -10.144 -4.095  1.00 42.98 ? 549 HOH A O   1 
HETATM 1233 O  O   . HOH J 6 .   ? 0.494   -8.997  11.835  1.00 22.48 ? 550 HOH A O   1 
HETATM 1234 O  O   . HOH J 6 .   ? 8.849   4.141   -12.219 1.00 48.50 ? 551 HOH A O   1 
HETATM 1235 O  O   . HOH J 6 .   ? -6.581  3.468   -12.203 1.00 20.05 ? 552 HOH A O   1 
HETATM 1236 O  O   . HOH J 6 .   ? -4.246  6.167   -11.674 1.00 18.62 ? 553 HOH A O   1 
HETATM 1237 O  O   . HOH J 6 .   ? 9.681   1.008   8.235   1.00 33.69 ? 554 HOH A O   1 
HETATM 1238 O  O   . HOH J 6 .   ? 6.925   2.152   7.030   1.00 17.70 ? 555 HOH A O   1 
HETATM 1239 O  O   . HOH J 6 .   ? 4.093   -5.211  13.432  1.00 38.44 ? 556 HOH A O   1 
HETATM 1240 O  O   . HOH J 6 .   ? -0.698  -12.557 -7.861  1.00 31.19 ? 557 HOH A O   1 
HETATM 1241 O  O   . HOH J 6 .   ? 3.266   -2.272  -5.389  1.00 23.29 ? 558 HOH A O   1 
HETATM 1242 O  O   . HOH J 6 .   ? -1.860  13.331  -9.857  1.00 51.42 ? 559 HOH A O   1 
HETATM 1243 O  O   . HOH J 6 .   ? 0.068   -20.861 3.225   1.00 22.93 ? 560 HOH A O   1 
HETATM 1244 O  O   . HOH J 6 .   ? 13.167  2.915   1.410   1.00 23.64 ? 561 HOH A O   1 
HETATM 1245 O  O   . HOH J 6 .   ? -1.425  -16.282 -7.341  1.00 36.76 ? 562 HOH A O   1 
HETATM 1246 O  O   . HOH J 6 .   ? 11.560  -14.194 5.414   1.00 41.31 ? 563 HOH A O   1 
HETATM 1247 O  O   . HOH J 6 .   ? -2.195  -3.070  -2.420  1.00 18.19 ? 564 HOH A O   1 
HETATM 1248 O  O   . HOH J 6 .   ? -15.080 -2.005  0.760   1.00 31.04 ? 565 HOH A O   1 
HETATM 1249 O  O   . HOH J 6 .   ? 8.704   -4.048  8.852   1.00 24.86 ? 566 HOH A O   1 
HETATM 1250 O  O   . HOH J 6 .   ? 4.210   -12.806 -1.517  1.00 16.11 ? 567 HOH A O   1 
HETATM 1251 O  O   . HOH J 6 .   ? -0.504  -19.979 -7.467  1.00 42.27 ? 568 HOH A O   1 
HETATM 1252 O  O   . HOH J 6 .   ? 8.060   -3.136  -5.147  1.00 31.69 ? 569 HOH A O   1 
HETATM 1253 O  O   . HOH J 6 .   ? 2.568   13.360  7.866   1.00 38.01 ? 570 HOH A O   1 
HETATM 1254 O  O   . HOH J 6 .   ? 9.323   -15.923 -5.705  1.00 40.43 ? 571 HOH A O   1 
HETATM 1255 O  O   . HOH J 6 .   ? 3.902   1.399   14.632  1.00 26.44 ? 572 HOH A O   1 
HETATM 1256 O  O   . HOH J 6 .   ? -2.800  -13.240 2.172   1.00 19.79 ? 573 HOH A O   1 
HETATM 1257 O  O   . HOH J 6 .   ? 6.514   2.661   9.806   1.00 18.62 ? 574 HOH A O   1 
HETATM 1258 O  O   . HOH J 6 .   ? 1.861   15.379  -2.813  1.00 26.67 ? 575 HOH A O   1 
HETATM 1259 O  O   . HOH J 6 .   ? -12.047 13.412  0.318   1.00 24.90 ? 576 HOH A O   1 
HETATM 1260 O  O   . HOH J 6 .   ? -11.784 -9.260  -7.228  1.00 31.60 ? 577 HOH A O   1 
HETATM 1261 O  O   . HOH J 6 .   ? -1.623  -14.652 6.895   1.00 34.85 ? 578 HOH A O   1 
HETATM 1262 O  O   . HOH J 6 .   ? -8.030  -3.923  -8.279  1.00 17.85 ? 579 HOH A O   1 
HETATM 1263 O  O   . HOH J 6 .   ? 11.617  14.631  1.815   1.00 36.70 ? 580 HOH A O   1 
HETATM 1264 O  O   . HOH J 6 .   ? 7.453   -11.009 10.979  1.00 23.41 ? 581 HOH A O   1 
HETATM 1265 O  O   . HOH J 6 .   ? -6.290  2.823   13.461  1.00 23.06 ? 582 HOH A O   1 
HETATM 1266 O  O   . HOH J 6 .   ? 8.361   12.957  -3.260  1.00 37.37 ? 583 HOH A O   1 
HETATM 1267 O  O   . HOH J 6 .   ? -6.678  -4.326  14.055  1.00 32.50 ? 584 HOH A O   1 
HETATM 1268 O  O   . HOH J 6 .   ? 7.634   11.700  -5.828  1.00 25.23 ? 585 HOH A O   1 
HETATM 1269 O  O   . HOH J 6 .   ? 9.164   -23.238 9.491   1.00 36.44 ? 586 HOH A O   1 
HETATM 1270 O  O   . HOH J 6 .   ? -6.221  7.758   13.126  1.00 49.88 ? 587 HOH A O   1 
HETATM 1271 O  O   . HOH J 6 .   ? 4.746   15.504  3.333   1.00 42.53 ? 588 HOH A O   1 
HETATM 1272 O  O   . HOH J 6 .   ? 11.577  5.289   12.278  1.00 41.31 ? 589 HOH A O   1 
HETATM 1273 O  O   . HOH J 6 .   ? -6.295  -6.594  -11.577 1.00 38.00 ? 590 HOH A O   1 
HETATM 1274 O  O   . HOH J 6 .   ? 7.272   -11.391 -1.823  1.00 51.20 ? 591 HOH A O   1 
HETATM 1275 O  O   . HOH J 6 .   ? -2.081  4.758   14.328  1.00 36.08 ? 592 HOH A O   1 
HETATM 1276 O  O   . HOH J 6 .   ? -10.826 -8.797  -9.448  1.00 42.12 ? 593 HOH A O   1 
HETATM 1277 O  O   . HOH J 6 .   ? 6.168   13.736  8.506   1.00 38.15 ? 594 HOH A O   1 
HETATM 1278 O  O   . HOH J 6 .   ? -0.763  -5.648  -7.121  1.00 32.41 ? 595 HOH A O   1 
HETATM 1279 O  O   . HOH J 6 .   ? -6.709  -20.285 1.515   1.00 40.43 ? 596 HOH A O   1 
HETATM 1280 O  O   . HOH J 6 .   ? 5.222   -3.667  12.033  1.00 39.97 ? 597 HOH A O   1 
HETATM 1281 O  O   . HOH J 6 .   ? 10.201  -1.778  7.856   1.00 34.31 ? 598 HOH A O   1 
HETATM 1282 O  O   . HOH J 6 .   ? -5.308  15.110  -6.231  1.00 42.20 ? 599 HOH A O   1 
HETATM 1283 O  O   . HOH J 6 .   ? 0.206   -14.919 -8.020  1.00 35.63 ? 600 HOH A O   1 
HETATM 1284 O  O   . HOH J 6 .   ? 9.351   15.622  1.203   1.00 39.12 ? 601 HOH A O   1 
HETATM 1285 O  O   . HOH J 6 .   ? -4.560  16.145  5.889   1.00 37.59 ? 602 HOH A O   1 
HETATM 1286 O  O   . HOH J 6 .   ? 13.667  4.519   11.324  1.00 47.64 ? 603 HOH A O   1 
HETATM 1287 O  O   . HOH J 6 .   ? 9.483   -8.009  -3.312  1.00 39.43 ? 604 HOH A O   1 
HETATM 1288 O  O   . HOH J 6 .   ? 10.811  -5.917  8.367   1.00 32.30 ? 605 HOH A O   1 
HETATM 1289 O  O   . HOH J 6 .   ? -4.586  5.097   13.688  1.00 42.04 ? 606 HOH A O   1 
HETATM 1290 O  O   . HOH J 6 .   ? -2.089  -24.059 -5.885  1.00 36.50 ? 607 HOH A O   1 
HETATM 1291 O  O   . HOH J 6 .   ? 9.871   -10.334 9.773   1.00 45.41 ? 608 HOH A O   1 
HETATM 1292 O  O   . HOH J 6 .   ? 5.256   -0.401  13.367  1.00 48.72 ? 609 HOH A O   1 
HETATM 1293 O  O   . HOH J 6 .   ? 9.089   1.800   10.995  1.00 35.85 ? 610 HOH A O   1 
HETATM 1294 O  O   . HOH J 6 .   ? 8.052   -3.516  11.518  1.00 41.72 ? 611 HOH A O   1 
# 
